data_7CH9
#
_entry.id   7CH9
#
_cell.length_a   1.00
_cell.length_b   1.00
_cell.length_c   1.00
_cell.angle_alpha   90.00
_cell.angle_beta   90.00
_cell.angle_gamma   90.00
#
_symmetry.space_group_name_H-M   'P 1'
#
loop_
_entity.id
_entity.type
_entity.pdbx_description
1 polymer 'MlaD domain-containing protein'
2 polymer 'Probable permease of ABC transporter'
3 polymer 'Probable ATP-binding component of ABC transporter'
4 polymer 'STAS domain-containing protein'
5 non-polymer '2-(HEXADECANOYLOXY)-1-[(PHOSPHONOOXY)METHYL]ETHYL HEXADECANOATE'
#
loop_
_entity_poly.entity_id
_entity_poly.type
_entity_poly.pdbx_seq_one_letter_code
_entity_poly.pdbx_strand_id
1 'polypeptide(L)'
;MQTRTLEIGVGLFLLAGLLALLLLALRVSGLSVGNAGDTYKVYAYFDNIAGVTVRGKVTLAGVTIGKVTAVDLDRDSYTG
RVTMEINQNVNNLPVDSTASILTAGLLGEKYIGISVGGDEDVLKDGSTIHDTQSALVLEDLIGKFLLNSVNKDEAKK
;
A,B,C,D,E,F
2 'polypeptide(L)'
;MRRVSPLERIRLFGRAGLDVVAALGRSTLFLGHALLGRRTPGTGLHLLVKQLYSVGVLSLAIIVVSGLFIGMVLALQGYN
ILISYGSEQAVGQMVALTLLRELGPVVTGLLFAGRAGSALTAEIGNMKATEQLSSLEMIGVDPLKYIVAPRLWAGFISMP
LLAAIFSVVGIWGGAMVAVDWLGVYEGSFWANMQNSVQFTEDVLNGVIKSIVFAFVVTWIAVYQGYDCEPTSEGISRATT
RTVVYASLAVLGLDFILTALMFGDF
;
G,H
3 'polypeptide(L)'
;MSTDSAYAVELKGLTFKRGSRAIFDNIDVRIPRGKVTGIMGPSGCGKTTLLRLIASQLRPSKGEVWVNGQNLPQLSRGDL
FDMRKQFGVLFQSGALFTDLDVFENVAFPLRVHTQLPEEMIRDIVLMKLQAVGLRGAVELMPDELSGGMKRRVALARAIA
LDPQILLYDEPFVGQDPIAMGVLVRLIRLLNDALGITSIVVSHDLAETASIADYIYIVGDGRVLGHGTPDVLKETDDPRI
RQFVKGIPDGPVPFHYPARDYRADLLGER
;
I,J
4 'polypeptide(L)'
;MSQASLREGAAGELQLAGVLDYSSGPALREQGGRLIRASQAAELVVDCSAVERSSSVGISLLLAFIRDARKAGKVLSVRA
LPDDMREIAKVSSLLEILPLQE
;
K,L
#
# COMPACT_ATOMS: atom_id res chain seq x y z
N GLN A 2 28.32 -0.95 -27.08
CA GLN A 2 29.14 -0.15 -26.18
C GLN A 2 28.26 0.74 -25.30
N THR A 3 27.00 0.91 -25.70
CA THR A 3 26.08 1.70 -24.90
C THR A 3 25.76 1.00 -23.59
N ARG A 4 25.59 -0.33 -23.64
CA ARG A 4 25.37 -1.09 -22.41
C ARG A 4 26.52 -0.90 -21.43
N THR A 5 27.74 -0.70 -21.94
CA THR A 5 28.86 -0.42 -21.07
C THR A 5 28.67 0.88 -20.31
N LEU A 6 28.24 1.94 -21.01
CA LEU A 6 27.96 3.21 -20.35
C LEU A 6 26.82 3.07 -19.35
N GLU A 7 25.80 2.31 -19.73
CA GLU A 7 24.66 2.08 -18.83
C GLU A 7 25.12 1.43 -17.53
N ILE A 8 25.85 0.33 -17.63
CA ILE A 8 26.29 -0.37 -16.43
C ILE A 8 27.30 0.48 -15.65
N GLY A 9 28.08 1.30 -16.35
CA GLY A 9 29.02 2.17 -15.64
C GLY A 9 28.31 3.20 -14.79
N VAL A 10 27.34 3.91 -15.38
CA VAL A 10 26.57 4.87 -14.60
C VAL A 10 25.70 4.17 -13.58
N GLY A 11 25.37 2.89 -13.79
CA GLY A 11 24.66 2.14 -12.76
C GLY A 11 25.52 1.89 -11.53
N LEU A 12 26.76 1.44 -11.75
CA LEU A 12 27.71 1.32 -10.64
C LEU A 12 27.92 2.67 -9.98
N PHE A 13 27.97 3.74 -10.77
CA PHE A 13 28.14 5.07 -10.19
C PHE A 13 26.96 5.45 -9.30
N LEU A 14 25.75 5.13 -9.73
CA LEU A 14 24.57 5.44 -8.92
C LEU A 14 24.53 4.60 -7.66
N LEU A 15 24.90 3.32 -7.78
CA LEU A 15 24.95 2.47 -6.59
C LEU A 15 26.00 2.96 -5.61
N ALA A 16 27.10 3.51 -6.12
CA ALA A 16 28.13 4.09 -5.25
C ALA A 16 27.60 5.35 -4.57
N GLY A 17 26.90 6.19 -5.32
CA GLY A 17 26.28 7.38 -4.77
C GLY A 17 25.25 7.04 -3.70
N LEU A 18 24.64 5.86 -3.83
CA LEU A 18 23.69 5.41 -2.80
C LEU A 18 24.41 4.88 -1.58
N LEU A 19 25.45 4.06 -1.77
CA LEU A 19 26.09 3.38 -0.66
C LEU A 19 27.05 4.31 0.08
N ALA A 20 28.08 4.79 -0.61
CA ALA A 20 29.17 5.52 0.03
C ALA A 20 28.71 6.84 0.62
N LEU A 21 28.13 7.72 -0.21
CA LEU A 21 27.75 9.05 0.26
C LEU A 21 26.64 8.98 1.29
N LEU A 22 25.64 8.14 1.04
CA LEU A 22 24.39 8.21 1.78
C LEU A 22 24.20 7.08 2.80
N LEU A 23 24.60 5.86 2.47
CA LEU A 23 24.37 4.72 3.36
C LEU A 23 25.55 4.57 4.31
N LEU A 24 25.60 3.44 5.01
CA LEU A 24 26.67 2.99 5.90
C LEU A 24 26.67 3.72 7.25
N ALA A 25 25.87 4.77 7.39
CA ALA A 25 25.52 5.38 8.68
C ALA A 25 26.69 5.39 9.66
N LEU A 26 27.75 6.12 9.28
CA LEU A 26 29.05 5.99 9.93
C LEU A 26 29.66 7.37 10.18
N ARG A 27 30.97 7.38 10.41
CA ARG A 27 31.71 8.44 11.10
C ARG A 27 31.20 9.84 10.78
N VAL A 28 31.07 10.66 11.84
CA VAL A 28 30.47 11.99 11.75
C VAL A 28 31.48 12.97 11.18
N SER A 29 31.03 13.72 10.18
CA SER A 29 31.76 14.88 9.66
C SER A 29 31.16 16.19 10.17
N GLY A 30 30.45 16.16 11.29
CA GLY A 30 29.78 17.34 11.81
C GLY A 30 30.74 18.47 12.09
N LEU A 31 30.68 19.51 11.27
CA LEU A 31 31.49 20.72 11.44
C LEU A 31 32.98 20.37 11.54
N SER A 32 33.37 19.32 10.82
CA SER A 32 34.75 18.83 10.87
C SER A 32 35.74 19.77 10.19
N VAL A 33 35.27 20.84 9.56
CA VAL A 33 36.16 21.81 8.93
C VAL A 33 36.31 23.03 9.85
N GLY A 34 35.18 23.70 10.14
CA GLY A 34 35.19 24.85 11.01
C GLY A 34 33.94 24.90 11.87
N ASN A 35 33.99 25.78 12.88
CA ASN A 35 32.89 26.00 13.82
C ASN A 35 32.51 24.69 14.53
N ALA A 36 33.48 24.15 15.24
CA ALA A 36 33.35 22.87 15.92
C ALA A 36 33.20 23.08 17.43
N GLY A 37 33.02 21.97 18.16
CA GLY A 37 32.88 22.06 19.60
C GLY A 37 34.11 21.57 20.35
N ASP A 38 34.74 20.51 19.85
CA ASP A 38 35.97 19.97 20.43
C ASP A 38 35.75 19.57 21.90
N THR A 39 34.89 18.58 22.10
CA THR A 39 34.58 18.12 23.44
C THR A 39 35.83 17.57 24.11
N TYR A 40 35.98 17.86 25.41
CA TYR A 40 37.15 17.45 26.17
C TYR A 40 36.76 16.63 27.39
N LYS A 41 37.60 15.66 27.74
CA LYS A 41 37.27 14.69 28.77
C LYS A 41 37.49 15.25 30.17
N VAL A 42 36.74 14.68 31.12
CA VAL A 42 36.89 14.98 32.54
C VAL A 42 36.53 13.72 33.31
N TYR A 43 37.32 13.41 34.34
CA TYR A 43 37.06 12.28 35.22
C TYR A 43 36.38 12.74 36.50
N ALA A 44 35.62 11.84 37.10
CA ALA A 44 35.00 12.13 38.39
C ALA A 44 34.76 10.83 39.14
N TYR A 45 35.10 10.82 40.42
CA TYR A 45 34.90 9.65 41.28
C TYR A 45 33.66 9.89 42.13
N PHE A 46 32.80 8.89 42.24
CA PHE A 46 31.57 8.97 43.00
C PHE A 46 31.48 7.80 43.96
N ASP A 47 30.31 7.66 44.58
CA ASP A 47 30.00 6.52 45.42
C ASP A 47 28.80 5.71 44.94
N ASN A 48 27.93 6.29 44.10
CA ASN A 48 26.82 5.53 43.51
C ASN A 48 26.32 6.32 42.31
N ILE A 49 26.32 5.68 41.15
CA ILE A 49 25.97 6.34 39.90
C ILE A 49 24.78 5.64 39.25
N ALA A 50 23.86 5.16 40.09
CA ALA A 50 22.75 4.29 39.70
C ALA A 50 22.11 4.66 38.37
N GLY A 51 21.78 5.93 38.18
CA GLY A 51 21.07 6.34 36.97
C GLY A 51 21.88 7.24 36.07
N VAL A 52 23.16 6.94 35.91
CA VAL A 52 24.06 7.80 35.14
C VAL A 52 24.55 7.03 33.92
N THR A 53 23.67 6.18 33.37
CA THR A 53 24.00 5.43 32.17
C THR A 53 24.48 6.37 31.06
N VAL A 54 25.20 5.79 30.10
CA VAL A 54 25.86 6.59 29.08
C VAL A 54 24.85 7.37 28.25
N ARG A 55 25.35 8.37 27.52
CA ARG A 55 24.54 9.25 26.68
C ARG A 55 23.61 10.12 27.51
N GLY A 56 23.86 10.23 28.81
CA GLY A 56 23.10 11.11 29.67
C GLY A 56 23.50 12.56 29.50
N LYS A 57 23.22 13.40 30.50
CA LYS A 57 23.49 14.82 30.41
C LYS A 57 24.39 15.25 31.55
N VAL A 58 25.31 16.16 31.24
CA VAL A 58 26.14 16.84 32.23
C VAL A 58 25.90 18.33 32.09
N THR A 59 25.60 18.98 33.21
CA THR A 59 25.15 20.36 33.15
C THR A 59 25.67 21.13 34.36
N LEU A 60 25.72 22.45 34.18
CA LEU A 60 25.97 23.41 35.25
C LEU A 60 24.78 24.34 35.31
N ALA A 61 24.23 24.52 36.51
CA ALA A 61 23.07 25.38 36.74
C ALA A 61 21.91 25.06 35.83
N GLY A 62 21.90 23.86 35.23
CA GLY A 62 20.78 23.40 34.45
C GLY A 62 20.98 23.42 32.95
N VAL A 63 21.73 24.40 32.44
CA VAL A 63 22.05 24.42 31.01
C VAL A 63 23.05 23.33 30.71
N THR A 64 22.75 22.51 29.70
CA THR A 64 23.59 21.36 29.40
C THR A 64 24.99 21.81 28.99
N ILE A 65 25.98 21.32 29.73
CA ILE A 65 27.38 21.57 29.40
C ILE A 65 27.95 20.52 28.47
N GLY A 66 27.48 19.27 28.54
CA GLY A 66 27.98 18.20 27.72
C GLY A 66 27.23 16.92 28.02
N LYS A 67 27.80 15.77 27.67
CA LYS A 67 27.19 14.48 27.93
C LYS A 67 28.20 13.57 28.60
N VAL A 68 27.71 12.47 29.15
CA VAL A 68 28.57 11.50 29.81
C VAL A 68 29.12 10.55 28.76
N THR A 69 30.44 10.37 28.77
CA THR A 69 31.08 9.44 27.84
C THR A 69 30.91 8.01 28.30
N ALA A 70 31.37 7.70 29.50
CA ALA A 70 31.34 6.32 29.98
C ALA A 70 31.38 6.28 31.50
N VAL A 71 31.13 5.09 32.02
CA VAL A 71 31.17 4.82 33.45
C VAL A 71 31.89 3.49 33.66
N ASP A 72 32.55 3.34 34.80
CA ASP A 72 33.33 2.15 35.09
C ASP A 72 33.53 2.01 36.59
N LEU A 73 34.14 0.90 36.98
CA LEU A 73 34.45 0.61 38.37
C LEU A 73 35.96 0.70 38.55
N ASP A 74 36.41 1.65 39.36
CA ASP A 74 37.83 1.76 39.70
C ASP A 74 38.20 0.60 40.62
N ARG A 75 38.87 -0.40 40.03
CA ARG A 75 39.09 -1.66 40.73
C ARG A 75 39.70 -1.46 42.10
N ASP A 76 40.75 -0.65 42.20
CA ASP A 76 41.40 -0.45 43.49
C ASP A 76 40.48 0.25 44.48
N SER A 77 39.78 1.29 44.03
CA SER A 77 38.92 2.04 44.93
C SER A 77 37.62 1.29 45.20
N TYR A 78 37.19 0.46 44.25
CA TYR A 78 35.88 -0.20 44.31
C TYR A 78 34.76 0.83 44.41
N THR A 79 34.97 1.98 43.77
CA THR A 79 33.95 3.02 43.69
C THR A 79 33.77 3.37 42.21
N GLY A 80 32.69 4.09 41.92
CA GLY A 80 32.34 4.41 40.56
C GLY A 80 33.18 5.54 40.01
N ARG A 81 33.58 5.40 38.74
CA ARG A 81 34.33 6.43 38.02
C ARG A 81 33.54 6.77 36.77
N VAL A 82 33.33 8.05 36.53
CA VAL A 82 32.55 8.52 35.39
C VAL A 82 33.40 9.48 34.59
N THR A 83 33.46 9.25 33.27
CA THR A 83 34.17 10.12 32.35
C THR A 83 33.14 10.81 31.47
N MET A 84 33.15 12.15 31.49
CA MET A 84 32.18 12.92 30.74
C MET A 84 32.89 14.09 30.08
N GLU A 85 32.27 14.59 29.00
CA GLU A 85 32.90 15.60 28.16
C GLU A 85 32.31 16.97 28.44
N ILE A 86 33.09 18.00 28.12
CA ILE A 86 32.70 19.39 28.27
C ILE A 86 33.16 20.15 27.04
N ASN A 87 32.31 21.03 26.52
CA ASN A 87 32.64 21.81 25.35
C ASN A 87 33.79 22.78 25.66
N GLN A 88 34.67 22.95 24.68
CA GLN A 88 35.84 23.80 24.85
C GLN A 88 35.49 25.27 25.01
N ASN A 89 34.25 25.65 24.71
CA ASN A 89 33.85 27.04 24.93
C ASN A 89 33.79 27.35 26.42
N VAL A 90 33.25 26.43 27.21
CA VAL A 90 33.21 26.60 28.66
C VAL A 90 34.43 25.94 29.27
N ASN A 91 35.50 26.71 29.46
CA ASN A 91 36.72 26.23 30.10
C ASN A 91 37.00 27.02 31.37
N ASN A 92 35.95 27.47 32.05
CA ASN A 92 36.07 28.37 33.18
C ASN A 92 35.59 27.73 34.47
N LEU A 93 35.54 26.40 34.50
CA LEU A 93 35.05 25.67 35.66
C LEU A 93 36.22 25.35 36.58
N PRO A 94 36.29 25.95 37.78
CA PRO A 94 37.43 25.71 38.66
C PRO A 94 37.54 24.26 39.09
N VAL A 95 38.69 23.92 39.67
CA VAL A 95 39.00 22.54 40.00
C VAL A 95 38.10 22.04 41.13
N ASP A 96 37.98 22.83 42.20
CA ASP A 96 37.18 22.42 43.36
C ASP A 96 35.70 22.42 43.07
N SER A 97 35.28 22.68 41.84
CA SER A 97 33.90 22.48 41.46
C SER A 97 33.53 21.02 41.58
N THR A 98 32.52 20.73 42.39
CA THR A 98 32.11 19.37 42.69
C THR A 98 31.03 18.94 41.71
N ALA A 99 30.92 17.63 41.51
CA ALA A 99 29.85 17.05 40.73
C ALA A 99 28.81 16.46 41.66
N SER A 100 27.59 16.31 41.17
CA SER A 100 26.52 15.76 41.98
C SER A 100 25.46 15.18 41.08
N ILE A 101 25.03 13.96 41.39
CA ILE A 101 23.97 13.31 40.63
C ILE A 101 22.64 13.90 41.05
N LEU A 102 21.93 14.48 40.10
CA LEU A 102 20.63 15.07 40.37
C LEU A 102 19.57 14.37 39.54
N THR A 103 18.32 14.46 40.00
CA THR A 103 17.20 13.84 39.33
C THR A 103 16.39 14.93 38.64
N ALA A 104 16.15 14.76 37.35
CA ALA A 104 15.37 15.74 36.60
C ALA A 104 13.93 15.72 37.07
N GLY A 105 13.41 16.87 37.49
CA GLY A 105 12.05 16.94 37.97
C GLY A 105 11.84 16.08 39.20
N LEU A 106 11.14 14.97 39.05
CA LEU A 106 10.95 14.03 40.14
C LEU A 106 11.32 12.62 39.68
N LEU A 107 11.11 12.33 38.40
CA LEU A 107 11.41 11.02 37.85
C LEU A 107 12.33 11.06 36.65
N GLY A 108 12.67 12.25 36.15
CA GLY A 108 13.56 12.33 35.01
C GLY A 108 14.92 11.74 35.31
N GLU A 109 15.55 11.18 34.28
CA GLU A 109 16.76 10.40 34.47
C GLU A 109 17.85 11.22 35.14
N LYS A 110 18.65 10.54 35.97
CA LYS A 110 19.67 11.22 36.76
C LYS A 110 20.77 11.79 35.88
N TYR A 111 20.94 13.11 35.93
CA TYR A 111 22.03 13.76 35.23
C TYR A 111 23.11 14.17 36.22
N ILE A 112 24.18 14.76 35.70
CA ILE A 112 25.35 15.13 36.49
C ILE A 112 25.43 16.65 36.50
N GLY A 113 25.04 17.27 37.61
CA GLY A 113 25.23 18.69 37.75
C GLY A 113 26.58 19.03 38.35
N ILE A 114 27.03 20.25 38.07
CA ILE A 114 28.34 20.70 38.51
C ILE A 114 28.18 21.99 39.28
N SER A 115 28.54 21.94 40.57
CA SER A 115 28.57 23.11 41.43
C SER A 115 29.96 23.71 41.34
N VAL A 116 30.01 25.02 41.10
CA VAL A 116 31.27 25.73 40.94
C VAL A 116 32.12 25.59 42.20
N GLY A 117 33.43 25.74 42.04
CA GLY A 117 34.36 25.66 43.15
C GLY A 117 34.70 27.02 43.70
N GLY A 118 35.91 27.14 44.25
CA GLY A 118 36.35 28.38 44.86
C GLY A 118 37.82 28.70 44.69
N ASP A 119 38.54 27.94 43.88
CA ASP A 119 39.95 28.21 43.64
C ASP A 119 40.14 28.93 42.31
N GLU A 120 41.36 29.44 42.11
CA GLU A 120 41.66 30.15 40.86
C GLU A 120 42.10 29.20 39.77
N ASP A 121 42.84 28.14 40.11
CA ASP A 121 43.14 27.09 39.15
C ASP A 121 41.84 26.55 38.58
N VAL A 122 41.72 26.60 37.26
CA VAL A 122 40.43 26.31 36.65
C VAL A 122 40.31 24.83 36.31
N LEU A 123 41.09 24.37 35.34
CA LEU A 123 40.89 23.04 34.80
C LEU A 123 41.93 22.68 33.75
N LYS A 124 41.96 21.41 33.35
CA LYS A 124 42.78 20.97 32.24
C LYS A 124 41.96 20.30 31.14
N ASP A 125 40.70 19.93 31.42
CA ASP A 125 39.81 19.29 30.45
C ASP A 125 40.48 18.02 29.89
N GLY A 126 40.67 17.09 30.81
CA GLY A 126 41.46 15.89 30.61
C GLY A 126 41.98 15.48 31.98
N SER A 127 41.72 16.33 32.96
CA SER A 127 42.03 16.05 34.35
C SER A 127 40.82 15.38 35.01
N THR A 128 40.81 15.34 36.33
CA THR A 128 39.74 14.69 37.09
C THR A 128 39.08 15.67 38.04
N ILE A 129 38.01 15.20 38.67
CA ILE A 129 37.33 15.93 39.73
C ILE A 129 37.48 15.14 41.02
N HIS A 130 38.04 15.77 42.05
CA HIS A 130 38.46 15.08 43.26
C HIS A 130 37.38 15.02 44.34
N ASP A 131 36.62 16.09 44.52
CA ASP A 131 35.58 16.15 45.53
C ASP A 131 34.22 16.25 44.86
N THR A 132 33.20 15.71 45.54
CA THR A 132 31.87 15.63 44.95
C THR A 132 30.86 15.23 46.01
N GLN A 133 29.61 15.07 45.59
CA GLN A 133 28.55 14.52 46.41
C GLN A 133 27.94 13.34 45.67
N SER A 134 27.68 12.25 46.38
CA SER A 134 27.17 11.04 45.78
C SER A 134 25.70 11.22 45.42
N ALA A 135 25.08 10.16 44.91
CA ALA A 135 23.67 10.18 44.54
C ALA A 135 22.81 9.71 45.71
N LEU A 136 21.50 9.78 45.51
CA LEU A 136 20.57 9.22 46.46
C LEU A 136 20.00 7.92 45.93
N VAL A 137 19.48 7.11 46.85
CA VAL A 137 18.84 5.84 46.50
C VAL A 137 17.67 5.63 47.44
N LEU A 138 16.49 5.40 46.86
CA LEU A 138 15.24 5.37 47.59
C LEU A 138 15.31 4.41 48.77
N GLU A 139 16.09 3.34 48.65
CA GLU A 139 16.20 2.35 49.70
C GLU A 139 17.13 2.77 50.82
N ASP A 140 18.37 3.14 50.51
CA ASP A 140 19.28 3.59 51.56
C ASP A 140 18.77 4.88 52.19
N LEU A 141 18.18 5.76 51.39
CA LEU A 141 17.63 7.00 51.93
C LEU A 141 16.52 6.70 52.94
N ILE A 142 15.47 5.99 52.50
CA ILE A 142 14.42 5.63 53.43
C ILE A 142 14.96 4.70 54.51
N GLY A 143 16.03 3.97 54.20
CA GLY A 143 16.65 3.13 55.20
C GLY A 143 17.31 3.91 56.31
N LYS A 144 17.71 5.16 56.04
CA LYS A 144 18.35 5.96 57.07
C LYS A 144 17.33 6.63 57.99
N PHE A 145 16.53 7.55 57.44
CA PHE A 145 15.62 8.34 58.26
C PHE A 145 14.18 7.82 58.17
N LEU A 146 14.01 6.54 58.47
CA LEU A 146 12.64 6.07 58.70
C LEU A 146 12.53 5.24 59.97
N LEU A 147 13.52 4.42 60.28
CA LEU A 147 13.51 3.59 61.48
C LEU A 147 14.56 4.05 62.49
N ASN A 148 15.10 5.25 62.33
CA ASN A 148 16.10 5.78 63.23
C ASN A 148 15.64 7.10 63.85
N SER A 149 14.75 7.81 63.16
CA SER A 149 14.28 9.11 63.63
C SER A 149 12.76 9.19 63.68
N VAL A 150 12.07 8.05 63.60
CA VAL A 150 10.61 8.00 63.70
C VAL A 150 10.17 7.10 64.84
N ASN A 151 10.71 5.90 64.93
CA ASN A 151 10.37 4.97 66.01
C ASN A 151 10.91 5.47 67.34
N THR B 3 -9.19 22.07 -20.54
CA THR B 3 -10.42 22.57 -19.95
C THR B 3 -10.13 23.31 -18.65
N ARG B 4 -11.19 23.72 -17.94
CA ARG B 4 -11.00 24.53 -16.75
C ARG B 4 -11.29 23.75 -15.48
N THR B 5 -12.19 22.75 -15.54
CA THR B 5 -12.40 21.90 -14.38
C THR B 5 -11.11 21.21 -13.96
N LEU B 6 -10.27 20.85 -14.92
CA LEU B 6 -8.95 20.30 -14.62
C LEU B 6 -8.16 21.26 -13.74
N GLU B 7 -8.07 22.53 -14.15
CA GLU B 7 -7.26 23.49 -13.42
C GLU B 7 -7.86 23.78 -12.06
N ILE B 8 -9.19 23.84 -11.97
CA ILE B 8 -9.84 24.07 -10.68
C ILE B 8 -9.57 22.92 -9.73
N GLY B 9 -9.68 21.68 -10.23
CA GLY B 9 -9.43 20.54 -9.39
C GLY B 9 -7.99 20.48 -8.89
N VAL B 10 -7.03 20.70 -9.80
CA VAL B 10 -5.64 20.62 -9.38
C VAL B 10 -5.29 21.78 -8.46
N GLY B 11 -5.90 22.95 -8.66
CA GLY B 11 -5.66 24.05 -7.74
C GLY B 11 -6.23 23.78 -6.37
N LEU B 12 -7.43 23.22 -6.31
CA LEU B 12 -8.00 22.82 -5.03
C LEU B 12 -7.13 21.79 -4.33
N PHE B 13 -6.58 20.84 -5.09
CA PHE B 13 -5.73 19.83 -4.48
C PHE B 13 -4.44 20.43 -3.94
N LEU B 14 -3.81 21.32 -4.73
CA LEU B 14 -2.61 21.98 -4.25
C LEU B 14 -2.88 22.82 -3.01
N LEU B 15 -4.01 23.53 -2.99
CA LEU B 15 -4.36 24.33 -1.83
C LEU B 15 -4.64 23.43 -0.62
N ALA B 16 -5.24 22.26 -0.84
CA ALA B 16 -5.46 21.34 0.25
C ALA B 16 -4.15 20.79 0.79
N GLY B 17 -3.20 20.50 -0.09
CA GLY B 17 -1.89 20.06 0.37
C GLY B 17 -1.17 21.13 1.17
N LEU B 18 -1.20 22.37 0.69
CA LEU B 18 -0.55 23.45 1.42
C LEU B 18 -1.25 23.72 2.74
N LEU B 19 -2.57 23.65 2.76
CA LEU B 19 -3.31 23.79 4.01
C LEU B 19 -2.94 22.68 4.99
N ALA B 20 -2.77 21.45 4.49
CA ALA B 20 -2.39 20.35 5.37
C ALA B 20 -0.99 20.57 5.93
N LEU B 21 -0.06 21.02 5.09
CA LEU B 21 1.28 21.30 5.60
C LEU B 21 1.25 22.39 6.67
N LEU B 22 0.54 23.49 6.40
CA LEU B 22 0.49 24.57 7.38
C LEU B 22 -0.23 24.15 8.64
N LEU B 23 -1.22 23.28 8.52
CA LEU B 23 -1.93 22.79 9.70
C LEU B 23 -1.01 21.93 10.55
N LEU B 24 -0.34 20.96 9.92
CA LEU B 24 0.63 20.14 10.63
C LEU B 24 1.70 21.00 11.30
N ALA B 25 2.10 22.10 10.67
CA ALA B 25 3.08 22.99 11.29
C ALA B 25 2.48 23.71 12.49
N LEU B 26 1.44 24.51 12.25
CA LEU B 26 0.94 25.41 13.29
C LEU B 26 0.01 24.70 14.26
N ARG B 27 -1.11 24.16 13.78
CA ARG B 27 -2.12 23.58 14.66
C ARG B 27 -1.66 22.31 15.31
N VAL B 28 -0.44 21.85 15.06
CA VAL B 28 0.09 20.68 15.74
C VAL B 28 1.34 21.07 16.52
N SER B 29 2.23 21.85 15.90
CA SER B 29 3.43 22.24 16.63
C SER B 29 3.44 23.72 16.99
N GLY B 30 3.31 24.59 15.99
CA GLY B 30 3.45 26.01 16.24
C GLY B 30 4.87 26.50 16.04
N LEU B 31 5.03 27.67 15.45
CA LEU B 31 6.34 28.22 15.11
C LEU B 31 6.28 29.73 15.21
N SER B 32 7.25 30.40 14.60
CA SER B 32 7.22 31.86 14.53
C SER B 32 5.95 32.36 13.86
N VAL B 33 5.60 31.77 12.71
CA VAL B 33 4.28 31.99 12.15
C VAL B 33 3.23 31.31 13.03
N GLY B 34 2.05 31.91 13.11
CA GLY B 34 0.99 31.33 13.92
C GLY B 34 0.00 32.34 14.46
N ASN B 35 -0.77 31.91 15.46
CA ASN B 35 -1.79 32.79 16.04
C ASN B 35 -1.17 34.00 16.72
N ALA B 36 0.02 33.83 17.30
CA ALA B 36 0.68 34.94 17.97
C ALA B 36 1.35 35.86 16.96
N GLY B 37 1.32 37.16 17.25
CA GLY B 37 1.92 38.17 16.41
C GLY B 37 3.35 38.49 16.81
N ASP B 38 3.66 39.78 16.84
CA ASP B 38 4.98 40.22 17.23
C ASP B 38 5.20 40.00 18.72
N THR B 39 6.45 39.71 19.08
CA THR B 39 6.82 39.48 20.46
C THR B 39 8.19 40.11 20.71
N TYR B 40 8.47 40.42 21.97
CA TYR B 40 9.69 41.09 22.36
C TYR B 40 10.50 40.24 23.33
N LYS B 41 11.82 40.28 23.19
CA LYS B 41 12.69 39.43 23.99
C LYS B 41 12.92 40.05 25.37
N VAL B 42 13.30 39.18 26.32
CA VAL B 42 13.61 39.59 27.68
C VAL B 42 14.63 38.61 28.25
N TYR B 43 15.65 39.16 28.89
CA TYR B 43 16.68 38.37 29.54
C TYR B 43 16.32 38.13 31.01
N ALA B 44 16.89 37.06 31.56
CA ALA B 44 16.69 36.76 32.98
C ALA B 44 17.88 35.93 33.46
N TYR B 45 18.19 36.05 34.75
CA TYR B 45 19.33 35.38 35.34
C TYR B 45 18.84 34.51 36.49
N PHE B 46 18.94 33.20 36.32
CA PHE B 46 18.54 32.23 37.33
C PHE B 46 19.80 31.56 37.86
N ASP B 47 19.82 31.28 39.16
CA ASP B 47 20.98 30.57 39.71
C ASP B 47 20.99 29.11 39.28
N ASN B 48 19.88 28.62 38.74
CA ASN B 48 19.79 27.27 38.21
C ASN B 48 18.51 27.16 37.39
N ILE B 49 18.59 26.45 36.28
CA ILE B 49 17.42 26.13 35.46
C ILE B 49 17.45 24.61 35.23
N ALA B 50 16.84 23.86 36.14
CA ALA B 50 17.04 22.42 36.17
C ALA B 50 16.58 21.76 34.88
N GLY B 51 15.28 21.81 34.60
CA GLY B 51 14.75 21.20 33.41
C GLY B 51 14.35 22.14 32.32
N VAL B 52 14.63 23.44 32.49
CA VAL B 52 14.18 24.43 31.53
C VAL B 52 14.83 24.18 30.19
N THR B 53 14.03 23.77 29.22
CA THR B 53 14.48 23.61 27.84
C THR B 53 13.80 24.66 26.98
N VAL B 54 14.26 24.77 25.74
CA VAL B 54 13.64 25.69 24.79
C VAL B 54 12.19 25.28 24.57
N ARG B 55 11.39 26.24 24.09
CA ARG B 55 9.98 26.01 23.76
C ARG B 55 9.17 25.64 25.00
N GLY B 56 9.53 26.22 26.13
CA GLY B 56 8.72 26.18 27.33
C GLY B 56 7.61 27.21 27.25
N LYS B 57 6.87 27.34 28.34
CA LYS B 57 5.75 28.26 28.41
C LYS B 57 6.00 29.28 29.52
N VAL B 58 6.68 30.37 29.19
CA VAL B 58 6.81 31.47 30.13
C VAL B 58 5.43 32.06 30.38
N THR B 59 5.07 32.18 31.65
CA THR B 59 3.69 32.50 31.99
C THR B 59 3.60 33.50 33.12
N LEU B 60 2.41 34.10 33.24
CA LEU B 60 2.05 34.94 34.37
C LEU B 60 0.67 34.50 34.83
N ALA B 61 0.54 34.18 36.12
CA ALA B 61 -0.74 33.80 36.71
C ALA B 61 -1.37 32.61 35.96
N GLY B 62 -0.57 31.91 35.18
CA GLY B 62 -1.06 30.75 34.47
C GLY B 62 -1.23 30.94 32.98
N VAL B 63 -1.64 32.14 32.57
CA VAL B 63 -1.80 32.40 31.14
C VAL B 63 -0.43 32.42 30.48
N THR B 64 -0.37 31.92 29.25
CA THR B 64 0.89 31.90 28.51
C THR B 64 1.28 33.30 28.09
N ILE B 65 2.52 33.69 28.39
CA ILE B 65 3.05 34.99 28.02
C ILE B 65 3.93 34.93 26.79
N GLY B 66 4.38 33.75 26.41
CA GLY B 66 5.22 33.63 25.24
C GLY B 66 5.97 32.32 25.18
N LYS B 67 7.24 32.36 24.81
CA LYS B 67 8.02 31.15 24.67
C LYS B 67 9.48 31.45 25.01
N VAL B 68 10.09 30.56 25.78
CA VAL B 68 11.51 30.69 26.06
C VAL B 68 12.28 30.42 24.77
N THR B 69 13.41 31.11 24.60
CA THR B 69 14.16 31.09 23.36
C THR B 69 15.52 30.44 23.48
N ALA B 70 16.31 30.83 24.49
CA ALA B 70 17.67 30.34 24.58
C ALA B 70 18.09 30.22 26.04
N VAL B 71 18.96 29.26 26.31
CA VAL B 71 19.57 29.08 27.63
C VAL B 71 21.09 29.17 27.46
N ASP B 72 21.76 29.62 28.51
CA ASP B 72 23.20 29.74 28.44
C ASP B 72 23.80 29.73 29.84
N LEU B 73 25.03 29.22 29.93
CA LEU B 73 25.84 29.35 31.14
C LEU B 73 26.73 30.57 30.93
N ASP B 74 26.39 31.67 31.61
CA ASP B 74 27.18 32.89 31.52
C ASP B 74 28.61 32.62 31.93
N ARG B 75 29.54 32.75 31.00
CA ARG B 75 30.93 32.32 31.17
C ARG B 75 31.68 33.17 32.19
N ASP B 76 31.02 34.13 32.83
CA ASP B 76 31.65 34.97 33.84
C ASP B 76 31.14 34.64 35.24
N SER B 77 29.82 34.59 35.42
CA SER B 77 29.24 34.31 36.73
C SER B 77 28.74 32.88 36.88
N TYR B 78 28.81 32.08 35.82
CA TYR B 78 28.36 30.69 35.83
C TYR B 78 26.90 30.59 36.28
N THR B 79 26.08 31.48 35.73
CA THR B 79 24.66 31.52 36.01
C THR B 79 23.87 31.13 34.77
N GLY B 80 22.61 30.78 34.99
CA GLY B 80 21.72 30.48 33.89
C GLY B 80 21.11 31.72 33.30
N ARG B 81 21.63 32.16 32.15
CA ARG B 81 21.05 33.27 31.41
C ARG B 81 19.98 32.68 30.51
N VAL B 82 18.73 33.03 30.76
CA VAL B 82 17.60 32.57 29.97
C VAL B 82 17.01 33.74 29.20
N THR B 83 16.95 33.60 27.88
CA THR B 83 16.35 34.59 27.01
C THR B 83 14.99 34.07 26.56
N MET B 84 13.95 34.82 26.83
CA MET B 84 12.58 34.38 26.58
C MET B 84 11.86 35.43 25.75
N GLU B 85 10.73 35.03 25.18
CA GLU B 85 9.92 35.90 24.34
C GLU B 85 8.61 36.18 25.06
N ILE B 86 8.11 37.42 24.92
CA ILE B 86 6.88 37.85 25.56
C ILE B 86 5.97 38.41 24.48
N ASN B 87 4.72 37.93 24.45
CA ASN B 87 3.73 38.42 23.51
C ASN B 87 3.45 39.89 23.75
N GLN B 88 3.33 40.65 22.66
CA GLN B 88 3.10 42.09 22.78
C GLN B 88 1.68 42.39 23.26
N ASN B 89 0.81 41.38 23.27
CA ASN B 89 -0.52 41.56 23.84
C ASN B 89 -0.44 42.02 25.29
N VAL B 90 0.64 41.66 25.98
CA VAL B 90 0.87 42.06 27.37
C VAL B 90 2.28 42.59 27.47
N ASN B 91 2.41 43.86 27.87
CA ASN B 91 3.71 44.48 28.09
C ASN B 91 3.73 45.27 29.39
N ASN B 92 2.61 45.29 30.11
CA ASN B 92 2.46 46.20 31.24
C ASN B 92 3.17 45.68 32.48
N LEU B 93 3.78 44.51 32.39
CA LEU B 93 4.43 43.92 33.56
C LEU B 93 5.59 44.80 34.02
N PRO B 94 5.82 44.91 35.32
CA PRO B 94 6.92 45.75 35.82
C PRO B 94 8.27 45.06 35.70
N VAL B 95 9.32 45.88 35.81
CA VAL B 95 10.68 45.35 35.72
C VAL B 95 11.07 44.62 37.00
N ASP B 96 10.59 45.10 38.14
CA ASP B 96 11.06 44.63 39.44
C ASP B 96 10.22 43.48 39.96
N SER B 97 10.07 42.45 39.13
CA SER B 97 9.32 41.26 39.48
C SER B 97 10.27 40.10 39.71
N THR B 98 9.70 38.96 40.06
CA THR B 98 10.44 37.73 40.31
C THR B 98 10.08 36.71 39.24
N ALA B 99 11.10 36.17 38.58
CA ALA B 99 10.91 35.17 37.55
C ALA B 99 11.26 33.80 38.14
N SER B 100 10.24 33.08 38.58
CA SER B 100 10.42 31.77 39.19
C SER B 100 10.25 30.70 38.14
N ILE B 101 10.85 29.54 38.38
CA ILE B 101 10.53 28.35 37.61
C ILE B 101 9.51 27.54 38.41
N LEU B 102 8.60 26.89 37.70
CA LEU B 102 7.58 26.05 38.32
C LEU B 102 7.49 24.75 37.56
N THR B 103 7.39 23.64 38.28
CA THR B 103 7.11 22.36 37.66
C THR B 103 5.62 22.27 37.38
N ALA B 104 5.27 22.00 36.13
CA ALA B 104 3.87 21.96 35.74
C ALA B 104 3.17 20.80 36.43
N GLY B 105 2.02 21.08 37.03
CA GLY B 105 1.28 20.07 37.76
C GLY B 105 2.12 19.39 38.81
N LEU B 106 2.45 18.13 38.60
CA LEU B 106 3.33 17.39 39.50
C LEU B 106 4.59 16.92 38.79
N LEU B 107 4.46 16.41 37.57
CA LEU B 107 5.61 15.97 36.78
C LEU B 107 5.48 16.47 35.35
N GLY B 108 5.12 17.74 35.20
CA GLY B 108 5.04 18.35 33.89
C GLY B 108 6.31 19.07 33.50
N GLU B 109 6.24 19.76 32.37
CA GLU B 109 7.40 20.50 31.89
C GLU B 109 7.72 21.67 32.82
N LYS B 110 9.00 21.83 33.13
CA LYS B 110 9.45 22.91 34.01
C LYS B 110 9.38 24.21 33.24
N TYR B 111 8.35 25.02 33.52
CA TYR B 111 8.18 26.26 32.79
C TYR B 111 8.51 27.45 33.70
N ILE B 112 8.37 28.65 33.16
CA ILE B 112 8.74 29.87 33.86
C ILE B 112 7.49 30.70 34.13
N GLY B 113 7.28 31.05 35.40
CA GLY B 113 6.25 32.00 35.78
C GLY B 113 6.92 33.26 36.29
N ILE B 114 6.20 34.38 36.20
CA ILE B 114 6.71 35.64 36.70
C ILE B 114 5.63 36.33 37.52
N SER B 115 6.06 37.07 38.53
CA SER B 115 5.16 37.79 39.41
C SER B 115 4.96 39.20 38.89
N VAL B 116 4.18 39.99 39.62
CA VAL B 116 3.98 41.39 39.28
C VAL B 116 4.87 42.24 40.19
N GLY B 117 5.71 43.07 39.59
CA GLY B 117 6.68 43.85 40.33
C GLY B 117 6.22 45.22 40.74
N GLY B 118 5.12 45.30 41.49
CA GLY B 118 4.66 46.61 41.95
C GLY B 118 4.09 47.43 40.82
N ASP B 119 4.45 48.70 40.79
CA ASP B 119 3.93 49.64 39.80
C ASP B 119 5.02 50.56 39.27
N GLU B 120 6.26 50.09 39.23
CA GLU B 120 7.39 50.91 38.84
C GLU B 120 7.43 51.08 37.32
N ASP B 121 8.54 51.63 36.81
CA ASP B 121 8.78 51.72 35.38
C ASP B 121 8.54 50.37 34.71
N VAL B 122 7.65 50.37 33.71
CA VAL B 122 7.02 49.14 33.25
C VAL B 122 8.03 48.15 32.70
N LEU B 123 8.69 48.49 31.59
CA LEU B 123 9.62 47.57 30.95
C LEU B 123 10.25 48.18 29.70
N LYS B 124 11.38 47.62 29.27
CA LYS B 124 11.97 47.95 27.98
C LYS B 124 11.78 46.85 26.95
N ASP B 125 11.39 45.66 27.37
CA ASP B 125 11.16 44.53 26.46
C ASP B 125 12.41 44.26 25.62
N GLY B 126 13.43 43.81 26.32
CA GLY B 126 14.78 43.69 25.79
C GLY B 126 15.77 43.94 26.89
N SER B 127 15.25 44.37 28.04
CA SER B 127 16.06 44.50 29.25
C SER B 127 16.16 43.14 29.93
N THR B 128 16.74 43.10 31.11
CA THR B 128 16.87 41.88 31.90
C THR B 128 15.97 41.97 33.12
N ILE B 129 16.03 40.96 33.97
CA ILE B 129 15.29 40.94 35.23
C ILE B 129 16.29 40.94 36.38
N HIS B 130 15.81 41.34 37.55
CA HIS B 130 16.70 41.55 38.70
C HIS B 130 16.83 40.29 39.54
N ASP B 131 15.71 39.78 40.07
CA ASP B 131 15.74 38.66 40.99
C ASP B 131 14.87 37.53 40.45
N THR B 132 15.24 36.31 40.86
CA THR B 132 14.58 35.12 40.37
C THR B 132 14.78 33.99 41.38
N GLN B 133 13.74 33.19 41.57
CA GLN B 133 13.79 32.04 42.46
C GLN B 133 14.41 30.88 41.69
N SER B 134 15.50 30.34 42.22
CA SER B 134 16.26 29.32 41.51
C SER B 134 15.43 28.06 41.30
N ALA B 135 15.95 27.16 40.47
CA ALA B 135 15.26 25.91 40.18
C ALA B 135 15.37 24.96 41.36
N LEU B 136 14.23 24.54 41.90
CA LEU B 136 14.23 23.53 42.93
C LEU B 136 14.48 22.15 42.31
N VAL B 137 15.05 21.27 43.10
CA VAL B 137 15.32 19.90 42.69
C VAL B 137 15.20 19.00 43.92
N LEU B 138 15.36 17.71 43.74
CA LEU B 138 15.26 16.80 44.87
C LEU B 138 16.44 16.96 45.82
N GLU B 139 17.58 17.42 45.30
CA GLU B 139 18.82 17.36 46.09
C GLU B 139 18.90 18.50 47.09
N ASP B 140 18.68 19.74 46.63
CA ASP B 140 18.78 20.87 47.56
C ASP B 140 17.76 20.77 48.69
N LEU B 141 16.76 19.90 48.52
CA LEU B 141 15.76 19.68 49.56
C LEU B 141 16.14 18.50 50.46
N ILE B 142 16.39 17.35 49.85
CA ILE B 142 16.54 16.11 50.61
C ILE B 142 18.03 15.89 50.91
N GLY B 143 18.82 16.96 50.78
CA GLY B 143 20.20 16.92 51.18
C GLY B 143 20.43 17.81 52.40
N LYS B 144 19.41 18.56 52.78
CA LYS B 144 19.43 19.38 53.97
C LYS B 144 18.37 18.99 55.00
N PHE B 145 17.15 18.72 54.55
CA PHE B 145 16.02 18.51 55.45
C PHE B 145 15.77 17.06 55.79
N LEU B 146 16.44 16.13 55.13
CA LEU B 146 16.45 14.74 55.57
C LEU B 146 17.76 14.32 56.22
N LEU B 147 18.85 15.03 55.95
CA LEU B 147 20.13 14.74 56.59
C LEU B 147 20.36 15.64 57.80
N ASN B 148 20.39 16.96 57.58
CA ASN B 148 20.66 17.92 58.64
C ASN B 148 19.35 18.50 59.20
N SER B 149 18.48 17.61 59.64
CA SER B 149 17.21 17.99 60.25
C SER B 149 16.68 16.77 61.02
N VAL B 150 15.43 16.86 61.46
CA VAL B 150 14.79 15.76 62.17
C VAL B 150 14.57 14.57 61.25
N THR C 3 33.64 -11.41 -22.45
CA THR C 3 32.33 -11.00 -21.94
C THR C 3 31.75 -12.09 -21.03
N ARG C 4 32.22 -13.32 -21.19
CA ARG C 4 31.79 -14.43 -20.36
C ARG C 4 32.79 -14.80 -19.28
N THR C 5 34.08 -14.48 -19.48
CA THR C 5 35.09 -14.73 -18.46
C THR C 5 34.79 -13.93 -17.21
N LEU C 6 34.08 -12.81 -17.35
CA LEU C 6 33.71 -12.00 -16.19
C LEU C 6 32.23 -12.09 -15.85
N GLU C 7 31.41 -12.71 -16.71
CA GLU C 7 30.00 -12.90 -16.40
C GLU C 7 29.83 -13.74 -15.14
N ILE C 8 30.27 -15.00 -15.19
CA ILE C 8 30.19 -15.86 -14.02
C ILE C 8 31.13 -15.35 -12.93
N GLY C 9 32.15 -14.57 -13.30
CA GLY C 9 32.99 -13.95 -12.30
C GLY C 9 32.22 -13.00 -11.39
N VAL C 10 31.44 -12.10 -12.00
CA VAL C 10 30.63 -11.19 -11.20
C VAL C 10 29.47 -11.94 -10.56
N GLY C 11 28.99 -13.02 -11.19
CA GLY C 11 28.00 -13.85 -10.53
C GLY C 11 28.53 -14.42 -9.21
N LEU C 12 29.76 -14.95 -9.23
CA LEU C 12 30.33 -15.51 -8.02
C LEU C 12 30.73 -14.41 -7.04
N PHE C 13 31.11 -13.23 -7.54
CA PHE C 13 31.32 -12.10 -6.65
C PHE C 13 30.05 -11.76 -5.89
N LEU C 14 28.91 -11.71 -6.58
CA LEU C 14 27.65 -11.43 -5.93
C LEU C 14 27.23 -12.55 -4.98
N LEU C 15 27.48 -13.81 -5.35
CA LEU C 15 27.18 -14.91 -4.44
C LEU C 15 28.03 -14.83 -3.18
N ALA C 16 29.31 -14.45 -3.32
CA ALA C 16 30.16 -14.29 -2.15
C ALA C 16 29.68 -13.15 -1.27
N GLY C 17 29.29 -12.03 -1.89
CA GLY C 17 28.69 -10.95 -1.11
C GLY C 17 27.44 -11.38 -0.38
N LEU C 18 26.59 -12.17 -1.03
CA LEU C 18 25.35 -12.62 -0.40
C LEU C 18 25.64 -13.58 0.75
N LEU C 19 26.61 -14.48 0.58
CA LEU C 19 26.94 -15.39 1.66
C LEU C 19 27.56 -14.64 2.84
N ALA C 20 28.36 -13.60 2.56
CA ALA C 20 28.89 -12.78 3.63
C ALA C 20 27.77 -12.05 4.35
N LEU C 21 26.77 -11.58 3.61
CA LEU C 21 25.62 -10.93 4.24
C LEU C 21 24.84 -11.89 5.12
N LEU C 22 24.62 -13.12 4.64
CA LEU C 22 23.89 -14.10 5.42
C LEU C 22 24.67 -14.51 6.67
N LEU C 23 25.99 -14.62 6.54
CA LEU C 23 26.83 -14.90 7.71
C LEU C 23 26.81 -13.76 8.71
N LEU C 24 26.74 -12.50 8.23
CA LEU C 24 26.59 -11.38 9.16
C LEU C 24 25.24 -11.42 9.84
N ALA C 25 24.19 -11.84 9.13
CA ALA C 25 22.86 -11.93 9.74
C ALA C 25 22.81 -13.01 10.81
N LEU C 26 23.41 -14.17 10.54
CA LEU C 26 23.31 -15.30 11.46
C LEU C 26 24.01 -15.03 12.79
N ARG C 27 25.05 -14.20 12.80
CA ARG C 27 25.93 -14.06 13.96
C ARG C 27 25.27 -13.37 15.17
N VAL C 28 23.97 -13.08 15.18
CA VAL C 28 23.38 -12.35 16.31
C VAL C 28 23.32 -13.25 17.54
N SER C 29 22.60 -14.38 17.44
CA SER C 29 22.41 -15.27 18.58
C SER C 29 23.73 -15.88 18.99
N GLY C 30 24.25 -15.45 20.13
CA GLY C 30 25.58 -15.84 20.54
C GLY C 30 26.63 -15.16 19.69
N LEU C 31 26.68 -13.82 19.76
CA LEU C 31 27.61 -13.03 18.96
C LEU C 31 29.06 -13.44 19.22
N SER C 32 29.53 -13.20 20.44
CA SER C 32 30.86 -13.66 20.83
C SER C 32 30.95 -14.08 22.29
N VAL C 33 29.88 -14.63 22.88
CA VAL C 33 29.84 -14.87 24.32
C VAL C 33 30.98 -15.78 24.76
N GLY C 34 31.19 -16.87 24.04
CA GLY C 34 32.29 -17.78 24.33
C GLY C 34 32.29 -18.28 25.76
N ASN C 35 33.26 -17.82 26.55
CA ASN C 35 33.40 -18.23 27.95
C ASN C 35 32.74 -17.23 28.90
N ALA C 36 31.64 -16.63 28.48
CA ALA C 36 30.97 -15.57 29.24
C ALA C 36 31.95 -14.46 29.61
N GLY C 37 32.87 -14.16 28.69
CA GLY C 37 33.96 -13.24 28.95
C GLY C 37 34.75 -13.66 30.17
N ASP C 38 34.66 -12.87 31.23
CA ASP C 38 35.26 -13.21 32.51
C ASP C 38 34.24 -13.06 33.63
N THR C 39 33.01 -13.51 33.39
CA THR C 39 31.93 -13.43 34.35
C THR C 39 31.70 -14.82 34.94
N TYR C 40 31.70 -14.90 36.27
CA TYR C 40 31.56 -16.16 36.98
C TYR C 40 30.48 -16.04 38.05
N LYS C 41 29.85 -17.18 38.34
CA LYS C 41 28.67 -17.22 39.18
C LYS C 41 29.01 -16.81 40.62
N VAL C 42 28.00 -16.32 41.32
CA VAL C 42 28.06 -16.07 42.77
C VAL C 42 26.64 -16.02 43.31
N TYR C 43 26.40 -16.70 44.42
CA TYR C 43 25.04 -16.82 44.94
C TYR C 43 24.71 -15.68 45.89
N ALA C 44 23.44 -15.62 46.27
CA ALA C 44 22.95 -14.62 47.21
C ALA C 44 21.60 -15.08 47.75
N TYR C 45 21.34 -14.76 49.01
CA TYR C 45 20.09 -15.12 49.68
C TYR C 45 19.36 -13.84 50.07
N PHE C 46 18.03 -13.85 49.95
CA PHE C 46 17.19 -12.73 50.32
C PHE C 46 15.89 -13.23 50.93
N ASP C 47 15.27 -12.35 51.70
CA ASP C 47 13.97 -12.66 52.30
C ASP C 47 12.81 -12.27 51.41
N ASN C 48 12.99 -11.28 50.54
CA ASN C 48 11.96 -10.87 49.61
C ASN C 48 12.60 -10.09 48.48
N ILE C 49 12.38 -10.54 47.25
CA ILE C 49 12.91 -9.88 46.06
C ILE C 49 11.73 -9.65 45.12
N ALA C 50 11.08 -8.50 45.25
CA ALA C 50 9.88 -8.24 44.46
C ALA C 50 10.23 -7.92 43.01
N GLY C 51 10.95 -6.82 42.80
CA GLY C 51 11.23 -6.37 41.45
C GLY C 51 12.49 -6.96 40.87
N VAL C 52 12.77 -8.21 41.19
CA VAL C 52 13.95 -8.92 40.70
C VAL C 52 13.46 -10.04 39.80
N THR C 53 13.39 -9.77 38.50
CA THR C 53 13.06 -10.78 37.51
C THR C 53 14.35 -11.28 36.88
N VAL C 54 14.21 -12.26 35.98
CA VAL C 54 15.40 -12.81 35.32
C VAL C 54 16.12 -11.72 34.53
N ARG C 55 17.43 -11.91 34.37
CA ARG C 55 18.30 -10.99 33.66
C ARG C 55 18.21 -9.56 34.21
N GLY C 56 17.97 -9.41 35.50
CA GLY C 56 18.03 -8.10 36.12
C GLY C 56 19.44 -7.53 36.09
N LYS C 57 19.59 -6.38 36.73
CA LYS C 57 20.85 -5.69 36.77
C LYS C 57 21.51 -5.85 38.14
N VAL C 58 22.82 -6.03 38.13
CA VAL C 58 23.62 -5.99 39.34
C VAL C 58 24.63 -4.86 39.18
N THR C 59 25.11 -4.34 40.32
CA THR C 59 25.98 -3.17 40.26
C THR C 59 26.73 -3.01 41.56
N LEU C 60 27.79 -2.22 41.48
CA LEU C 60 28.52 -1.72 42.64
C LEU C 60 28.77 -0.24 42.40
N ALA C 61 28.53 0.57 43.43
CA ALA C 61 28.70 2.02 43.34
C ALA C 61 27.98 2.58 42.13
N GLY C 62 26.87 1.96 41.75
CA GLY C 62 26.08 2.44 40.63
C GLY C 62 26.42 1.85 39.28
N VAL C 63 27.71 1.73 38.97
CA VAL C 63 28.11 1.18 37.69
C VAL C 63 27.79 -0.31 37.65
N THR C 64 27.43 -0.80 36.47
CA THR C 64 27.04 -2.19 36.31
C THR C 64 28.25 -3.09 36.51
N ILE C 65 28.11 -4.10 37.37
CA ILE C 65 29.18 -5.05 37.59
C ILE C 65 28.99 -6.28 36.71
N GLY C 66 27.75 -6.68 36.50
CA GLY C 66 27.48 -7.86 35.72
C GLY C 66 25.99 -7.98 35.44
N LYS C 67 25.47 -9.19 35.61
CA LYS C 67 24.05 -9.45 35.36
C LYS C 67 23.47 -10.31 36.47
N VAL C 68 22.15 -10.42 36.48
CA VAL C 68 21.43 -11.24 37.44
C VAL C 68 20.96 -12.50 36.71
N THR C 69 21.55 -13.63 37.07
CA THR C 69 21.39 -14.83 36.26
C THR C 69 20.01 -15.45 36.43
N ALA C 70 19.67 -15.88 37.63
CA ALA C 70 18.43 -16.62 37.83
C ALA C 70 17.98 -16.47 39.28
N VAL C 71 16.67 -16.63 39.49
CA VAL C 71 16.06 -16.55 40.80
C VAL C 71 15.29 -17.84 41.04
N ASP C 72 15.21 -18.23 42.31
CA ASP C 72 14.48 -19.44 42.66
C ASP C 72 14.17 -19.43 44.14
N LEU C 73 13.34 -20.40 44.53
CA LEU C 73 12.89 -20.55 45.91
C LEU C 73 13.48 -21.85 46.46
N ASP C 74 14.31 -21.74 47.49
CA ASP C 74 14.82 -22.92 48.15
C ASP C 74 13.68 -23.61 48.89
N ARG C 75 13.56 -24.92 48.70
CA ARG C 75 12.44 -25.64 49.31
C ARG C 75 12.60 -25.74 50.81
N ASP C 76 13.82 -25.58 51.33
CA ASP C 76 14.04 -25.81 52.76
C ASP C 76 13.66 -24.60 53.59
N SER C 77 14.31 -23.46 53.36
CA SER C 77 14.11 -22.28 54.19
C SER C 77 13.03 -21.36 53.68
N TYR C 78 12.40 -21.68 52.54
CA TYR C 78 11.32 -20.88 51.98
C TYR C 78 11.75 -19.42 51.81
N THR C 79 12.97 -19.23 51.30
CA THR C 79 13.50 -17.91 51.04
C THR C 79 14.08 -17.86 49.64
N GLY C 80 14.41 -16.65 49.19
CA GLY C 80 14.79 -16.49 47.79
C GLY C 80 16.27 -16.56 47.51
N ARG C 81 16.68 -17.48 46.64
CA ARG C 81 18.07 -17.54 46.20
C ARG C 81 18.16 -16.88 44.84
N VAL C 82 19.24 -16.12 44.61
CA VAL C 82 19.46 -15.46 43.34
C VAL C 82 20.95 -15.58 43.00
N THR C 83 21.24 -15.74 41.71
CA THR C 83 22.60 -15.86 41.22
C THR C 83 22.91 -14.72 40.26
N MET C 84 24.16 -14.29 40.25
CA MET C 84 24.57 -13.17 39.43
C MET C 84 25.97 -13.41 38.89
N GLU C 85 26.24 -12.84 37.72
CA GLU C 85 27.54 -12.97 37.05
C GLU C 85 28.29 -11.66 37.16
N ILE C 86 29.57 -11.75 37.51
CA ILE C 86 30.40 -10.60 37.85
C ILE C 86 31.60 -10.57 36.92
N ASN C 87 31.81 -9.44 36.26
CA ASN C 87 32.99 -9.24 35.43
C ASN C 87 34.26 -9.34 36.28
N GLN C 88 35.22 -10.14 35.80
CA GLN C 88 36.44 -10.34 36.57
C GLN C 88 37.31 -9.09 36.64
N ASN C 89 37.02 -8.08 35.81
CA ASN C 89 37.73 -6.81 35.94
C ASN C 89 37.62 -6.26 37.36
N VAL C 90 36.51 -6.54 38.04
CA VAL C 90 36.42 -6.34 39.49
C VAL C 90 36.52 -7.71 40.16
N ASN C 91 37.58 -7.90 40.92
CA ASN C 91 37.83 -9.14 41.65
C ASN C 91 38.36 -8.84 43.03
N ASN C 92 38.03 -7.65 43.55
CA ASN C 92 38.44 -7.24 44.88
C ASN C 92 37.24 -7.12 45.82
N LEU C 93 36.15 -7.82 45.52
CA LEU C 93 34.94 -7.74 46.32
C LEU C 93 35.03 -8.74 47.46
N PRO C 94 35.26 -8.30 48.71
CA PRO C 94 35.38 -9.26 49.80
C PRO C 94 34.04 -9.87 50.18
N VAL C 95 34.11 -10.94 50.97
CA VAL C 95 32.88 -11.65 51.32
C VAL C 95 32.02 -10.84 52.27
N ASP C 96 32.64 -10.06 53.17
CA ASP C 96 31.84 -9.23 54.07
C ASP C 96 31.14 -8.10 53.35
N SER C 97 31.28 -8.00 52.03
CA SER C 97 30.54 -7.01 51.24
C SER C 97 29.06 -7.37 51.26
N THR C 98 28.21 -6.37 51.45
CA THR C 98 26.79 -6.61 51.50
C THR C 98 26.20 -6.45 50.10
N ALA C 99 25.02 -7.03 49.89
CA ALA C 99 24.35 -6.96 48.59
C ALA C 99 22.86 -6.73 48.84
N SER C 100 22.43 -5.49 48.68
CA SER C 100 21.04 -5.13 48.91
C SER C 100 20.33 -4.91 47.58
N ILE C 101 19.03 -4.66 47.66
CA ILE C 101 18.23 -4.38 46.48
C ILE C 101 17.88 -2.90 46.46
N LEU C 102 18.10 -2.26 45.32
CA LEU C 102 17.76 -0.86 45.16
C LEU C 102 16.79 -0.70 44.00
N THR C 103 16.22 0.50 43.91
CA THR C 103 15.26 0.83 42.86
C THR C 103 15.90 1.83 41.92
N ALA C 104 15.95 1.49 40.62
CA ALA C 104 16.57 2.37 39.65
C ALA C 104 15.88 3.73 39.63
N GLY C 105 16.68 4.79 39.75
CA GLY C 105 16.12 6.11 39.91
C GLY C 105 15.17 6.18 41.09
N LEU C 106 13.89 6.29 40.81
CA LEU C 106 12.86 6.22 41.85
C LEU C 106 11.75 5.25 41.54
N LEU C 107 11.53 4.89 40.28
CA LEU C 107 10.51 3.92 39.88
C LEU C 107 11.05 2.83 38.99
N GLY C 108 12.29 2.94 38.51
CA GLY C 108 12.82 1.97 37.57
C GLY C 108 12.94 0.59 38.19
N GLU C 109 12.93 -0.44 37.35
CA GLU C 109 12.95 -1.83 37.80
C GLU C 109 14.04 -2.07 38.83
N LYS C 110 13.75 -2.91 39.82
CA LYS C 110 14.65 -3.10 40.94
C LYS C 110 15.89 -3.87 40.53
N TYR C 111 17.05 -3.42 40.99
CA TYR C 111 18.32 -4.07 40.72
C TYR C 111 18.99 -4.44 42.03
N ILE C 112 20.14 -5.11 41.93
CA ILE C 112 20.90 -5.55 43.09
C ILE C 112 22.18 -4.75 43.15
N GLY C 113 22.35 -3.97 44.20
CA GLY C 113 23.56 -3.20 44.43
C GLY C 113 24.40 -3.90 45.49
N ILE C 114 25.71 -3.73 45.40
CA ILE C 114 26.65 -4.39 46.28
C ILE C 114 27.55 -3.34 46.92
N SER C 115 27.48 -3.25 48.24
CA SER C 115 28.39 -2.40 49.00
C SER C 115 29.64 -3.19 49.33
N VAL C 116 30.80 -2.59 49.07
CA VAL C 116 32.08 -3.30 49.14
C VAL C 116 32.34 -3.88 50.51
N GLY C 117 31.68 -3.36 51.55
CA GLY C 117 31.88 -3.90 52.88
C GLY C 117 33.30 -3.72 53.36
N GLY C 118 33.72 -4.59 54.27
CA GLY C 118 35.03 -4.51 54.90
C GLY C 118 36.16 -5.00 54.03
N ASP C 119 37.16 -5.60 54.68
CA ASP C 119 38.38 -6.03 54.00
C ASP C 119 38.75 -7.41 54.55
N GLU C 120 38.69 -8.43 53.69
CA GLU C 120 39.02 -9.80 54.08
C GLU C 120 39.35 -10.59 52.82
N ASP C 121 39.42 -11.91 52.95
CA ASP C 121 39.52 -12.79 51.80
C ASP C 121 38.41 -12.47 50.80
N VAL C 122 38.79 -12.32 49.54
CA VAL C 122 37.93 -11.60 48.60
C VAL C 122 36.75 -12.44 48.15
N LEU C 123 37.02 -13.48 47.36
CA LEU C 123 35.95 -14.19 46.66
C LEU C 123 36.58 -15.34 45.89
N LYS C 124 35.77 -16.37 45.62
CA LYS C 124 36.16 -17.43 44.71
C LYS C 124 35.35 -17.43 43.42
N ASP C 125 34.41 -16.50 43.28
CA ASP C 125 33.60 -16.36 42.07
C ASP C 125 32.90 -17.69 41.75
N GLY C 126 31.95 -18.01 42.62
CA GLY C 126 31.35 -19.31 42.70
C GLY C 126 30.95 -19.55 44.14
N SER C 127 31.33 -18.62 45.00
CA SER C 127 30.96 -18.62 46.40
C SER C 127 29.54 -18.09 46.58
N THR C 128 29.20 -17.80 47.83
CA THR C 128 27.87 -17.31 48.19
C THR C 128 27.98 -16.17 49.18
N ILE C 129 27.41 -15.03 48.82
CA ILE C 129 27.37 -13.88 49.72
C ILE C 129 26.42 -14.21 50.88
N HIS C 130 26.70 -13.63 52.04
CA HIS C 130 26.09 -14.13 53.27
C HIS C 130 25.11 -13.17 53.91
N ASP C 131 25.52 -11.95 54.23
CA ASP C 131 24.66 -11.00 54.93
C ASP C 131 24.21 -9.90 53.98
N THR C 132 22.97 -9.49 54.11
CA THR C 132 22.38 -8.54 53.17
C THR C 132 21.08 -8.01 53.74
N GLN C 133 20.42 -7.14 52.98
CA GLN C 133 19.12 -6.58 53.33
C GLN C 133 18.18 -6.72 52.13
N SER C 134 16.93 -7.04 52.44
CA SER C 134 15.95 -7.34 51.40
C SER C 134 15.47 -6.04 50.75
N ALA C 135 14.47 -6.14 49.90
CA ALA C 135 13.88 -5.01 49.20
C ALA C 135 12.62 -4.56 49.93
N LEU C 136 12.50 -3.27 50.16
CA LEU C 136 11.31 -2.74 50.81
C LEU C 136 10.07 -3.05 49.98
N VAL C 137 8.98 -3.36 50.68
CA VAL C 137 7.68 -3.56 50.05
C VAL C 137 6.75 -2.49 50.60
N LEU C 138 5.93 -1.92 49.72
CA LEU C 138 5.17 -0.72 50.09
C LEU C 138 4.28 -0.97 51.29
N GLU C 139 3.64 -2.13 51.35
CA GLU C 139 2.65 -2.40 52.38
C GLU C 139 3.26 -2.34 53.78
N ASP C 140 4.24 -3.20 54.05
CA ASP C 140 4.78 -3.30 55.41
C ASP C 140 5.27 -1.95 55.93
N LEU C 141 5.81 -1.11 55.05
CA LEU C 141 6.25 0.22 55.49
C LEU C 141 5.10 1.00 56.10
N ILE C 142 4.11 1.30 55.27
CA ILE C 142 2.89 2.05 55.71
C ILE C 142 2.11 1.15 56.67
N GLY C 143 2.41 -0.16 56.64
CA GLY C 143 1.77 -1.12 57.50
C GLY C 143 2.41 -1.29 58.86
N LYS C 144 3.62 -0.76 59.05
CA LYS C 144 4.25 -0.78 60.37
C LYS C 144 4.88 0.54 60.77
N PHE C 145 5.08 1.48 59.87
CA PHE C 145 5.59 2.81 60.23
C PHE C 145 4.49 3.86 60.26
N LEU C 146 3.43 3.62 59.49
CA LEU C 146 2.27 4.55 59.42
C LEU C 146 1.11 3.92 60.21
N LEU C 147 0.80 2.66 59.94
CA LEU C 147 -0.28 1.94 60.62
C LEU C 147 0.02 1.70 62.09
N ASN C 148 1.22 2.00 62.56
CA ASN C 148 1.56 1.70 63.95
C ASN C 148 2.12 2.89 64.72
N SER C 149 2.91 3.76 64.08
CA SER C 149 3.57 4.84 64.79
C SER C 149 2.85 6.17 64.62
N VAL C 150 2.70 6.60 63.35
CA VAL C 150 2.02 7.87 63.02
C VAL C 150 0.63 7.56 62.43
N THR D 3 5.28 -30.12 -12.08
CA THR D 3 6.57 -30.77 -11.91
C THR D 3 6.97 -30.82 -10.44
N ARG D 4 7.77 -31.82 -10.06
CA ARG D 4 8.28 -31.88 -8.70
C ARG D 4 9.41 -30.88 -8.49
N THR D 5 9.83 -30.21 -9.57
CA THR D 5 10.88 -29.21 -9.45
C THR D 5 10.41 -28.01 -8.65
N LEU D 6 9.12 -27.66 -8.76
CA LEU D 6 8.60 -26.52 -8.02
C LEU D 6 7.75 -26.97 -6.85
N GLU D 7 7.24 -28.20 -6.89
CA GLU D 7 6.34 -28.70 -5.85
C GLU D 7 7.02 -28.66 -4.49
N ILE D 8 8.34 -28.90 -4.44
CA ILE D 8 9.05 -28.79 -3.18
C ILE D 8 9.13 -27.33 -2.76
N GLY D 9 9.28 -26.42 -3.72
CA GLY D 9 9.30 -25.00 -3.39
C GLY D 9 8.04 -24.56 -2.68
N VAL D 10 6.87 -24.88 -3.26
CA VAL D 10 5.61 -24.64 -2.57
C VAL D 10 5.61 -25.33 -1.21
N GLY D 11 6.00 -26.61 -1.18
CA GLY D 11 6.04 -27.32 0.09
C GLY D 11 7.03 -26.72 1.06
N LEU D 12 8.23 -26.39 0.57
CA LEU D 12 9.25 -25.83 1.46
C LEU D 12 8.77 -24.54 2.10
N PHE D 13 8.28 -23.60 1.30
CA PHE D 13 7.90 -22.31 1.86
C PHE D 13 6.55 -22.33 2.57
N LEU D 14 5.67 -23.29 2.27
CA LEU D 14 4.49 -23.49 3.11
C LEU D 14 4.88 -24.01 4.48
N LEU D 15 5.78 -24.99 4.52
CA LEU D 15 6.30 -25.45 5.80
C LEU D 15 7.03 -24.33 6.53
N ALA D 16 7.69 -23.44 5.78
CA ALA D 16 8.34 -22.30 6.40
C ALA D 16 7.32 -21.36 7.03
N GLY D 17 6.22 -21.11 6.34
CA GLY D 17 5.17 -20.28 6.92
C GLY D 17 4.57 -20.91 8.18
N LEU D 18 4.33 -22.21 8.15
CA LEU D 18 3.77 -22.87 9.32
C LEU D 18 4.76 -22.89 10.48
N LEU D 19 6.04 -23.12 10.18
CA LEU D 19 7.07 -23.03 11.20
C LEU D 19 7.15 -21.63 11.77
N ALA D 20 6.92 -20.61 10.95
CA ALA D 20 6.93 -19.24 11.46
C ALA D 20 5.73 -19.00 12.37
N LEU D 21 4.57 -19.55 12.02
CA LEU D 21 3.42 -19.48 12.91
C LEU D 21 3.74 -20.12 14.25
N LEU D 22 4.36 -21.30 14.23
CA LEU D 22 4.70 -21.98 15.47
C LEU D 22 5.75 -21.21 16.26
N LEU D 23 6.72 -20.61 15.57
CA LEU D 23 7.72 -19.81 16.26
C LEU D 23 7.11 -18.57 16.89
N LEU D 24 6.10 -17.99 16.25
CA LEU D 24 5.39 -16.86 16.86
C LEU D 24 4.58 -17.31 18.05
N ALA D 25 4.04 -18.53 18.00
CA ALA D 25 3.15 -18.97 19.08
C ALA D 25 3.94 -19.54 20.25
N LEU D 26 5.20 -19.93 20.04
CA LEU D 26 5.99 -20.58 21.09
C LEU D 26 7.13 -19.72 21.60
N ARG D 27 8.01 -19.25 20.71
CA ARG D 27 9.15 -18.48 21.14
C ARG D 27 8.84 -17.01 21.34
N VAL D 28 7.56 -16.65 21.38
CA VAL D 28 7.14 -15.29 21.72
C VAL D 28 6.07 -15.25 22.79
N SER D 29 5.49 -16.39 23.18
CA SER D 29 4.37 -16.37 24.10
C SER D 29 4.41 -17.41 25.23
N GLY D 30 5.36 -18.35 25.21
CA GLY D 30 5.37 -19.41 26.20
C GLY D 30 4.04 -20.12 26.32
N LEU D 31 3.63 -20.77 25.23
CA LEU D 31 2.29 -21.32 25.11
C LEU D 31 2.28 -22.76 25.63
N SER D 32 1.22 -23.51 25.32
CA SER D 32 1.00 -24.84 25.88
C SER D 32 1.92 -25.84 25.17
N VAL D 33 3.22 -25.54 25.22
CA VAL D 33 4.26 -26.51 24.89
C VAL D 33 4.97 -26.99 26.15
N GLY D 34 4.78 -26.29 27.27
CA GLY D 34 5.39 -26.63 28.54
C GLY D 34 6.32 -25.56 29.06
N ASN D 35 5.81 -24.74 29.98
CA ASN D 35 6.58 -23.79 30.76
C ASN D 35 6.45 -24.06 32.25
N ALA D 36 5.23 -24.25 32.73
CA ALA D 36 4.95 -24.76 34.06
C ALA D 36 3.94 -25.87 33.90
N GLY D 37 4.18 -27.01 34.56
CA GLY D 37 3.37 -28.19 34.34
C GLY D 37 1.91 -28.06 34.75
N ASP D 38 1.16 -29.14 34.62
CA ASP D 38 -0.23 -29.15 35.06
C ASP D 38 -0.26 -29.16 36.58
N THR D 39 -0.52 -27.99 37.18
CA THR D 39 -0.49 -27.83 38.62
C THR D 39 -1.88 -27.52 39.14
N TYR D 40 -2.04 -27.58 40.45
CA TYR D 40 -3.34 -27.49 41.10
C TYR D 40 -3.56 -26.09 41.65
N LYS D 41 -4.84 -25.71 41.75
CA LYS D 41 -5.24 -24.40 42.22
C LYS D 41 -5.26 -24.36 43.75
N VAL D 42 -5.52 -23.16 44.27
CA VAL D 42 -5.71 -22.92 45.69
C VAL D 42 -6.53 -21.64 45.82
N TYR D 43 -7.42 -21.61 46.81
CA TYR D 43 -8.31 -20.48 47.00
C TYR D 43 -7.78 -19.58 48.12
N ALA D 44 -8.14 -18.31 48.05
CA ALA D 44 -7.79 -17.36 49.09
C ALA D 44 -8.92 -16.36 49.24
N TYR D 45 -9.26 -16.04 50.48
CA TYR D 45 -10.35 -15.11 50.78
C TYR D 45 -9.77 -13.81 51.31
N PHE D 46 -10.12 -12.71 50.65
CA PHE D 46 -9.62 -11.40 50.99
C PHE D 46 -10.78 -10.47 51.28
N ASP D 47 -10.45 -9.28 51.78
CA ASP D 47 -11.45 -8.23 51.98
C ASP D 47 -11.49 -7.24 50.84
N ASN D 48 -10.37 -7.03 50.14
CA ASN D 48 -10.37 -6.17 48.96
C ASN D 48 -9.28 -6.65 48.01
N ILE D 49 -9.65 -6.85 46.75
CA ILE D 49 -8.74 -7.40 45.75
C ILE D 49 -8.60 -6.43 44.59
N ALA D 50 -8.62 -5.12 44.91
CA ALA D 50 -8.78 -4.07 43.92
C ALA D 50 -7.94 -4.27 42.67
N GLY D 51 -6.63 -4.33 42.82
CA GLY D 51 -5.77 -4.41 41.66
C GLY D 51 -5.35 -5.82 41.30
N VAL D 52 -6.09 -6.81 41.79
CA VAL D 52 -5.77 -8.21 41.51
C VAL D 52 -6.46 -8.59 40.22
N THR D 53 -5.80 -8.34 39.09
CA THR D 53 -6.31 -8.72 37.79
C THR D 53 -6.14 -10.23 37.60
N VAL D 54 -6.64 -10.72 36.46
CA VAL D 54 -6.42 -12.12 36.13
C VAL D 54 -4.95 -12.31 35.77
N ARG D 55 -4.45 -13.53 36.00
CA ARG D 55 -3.09 -13.91 35.64
C ARG D 55 -2.05 -13.02 36.32
N GLY D 56 -2.30 -12.68 37.58
CA GLY D 56 -1.31 -11.98 38.38
C GLY D 56 -0.11 -12.85 38.65
N LYS D 57 0.81 -12.32 39.45
CA LYS D 57 2.05 -13.00 39.79
C LYS D 57 2.00 -13.37 41.27
N VAL D 58 1.43 -14.54 41.57
CA VAL D 58 1.43 -15.01 42.95
C VAL D 58 2.84 -15.49 43.27
N THR D 59 3.38 -15.05 44.41
CA THR D 59 4.79 -15.22 44.69
C THR D 59 5.02 -15.55 46.15
N LEU D 60 6.26 -15.92 46.45
CA LEU D 60 6.72 -16.19 47.80
C LEU D 60 8.13 -15.63 47.90
N ALA D 61 8.39 -14.84 48.94
CA ALA D 61 9.69 -14.22 49.15
C ALA D 61 10.15 -13.44 47.92
N GLY D 62 9.22 -13.04 47.07
CA GLY D 62 9.56 -12.26 45.91
C GLY D 62 9.68 -13.06 44.62
N VAL D 63 10.21 -14.28 44.72
CA VAL D 63 10.31 -15.13 43.54
C VAL D 63 8.93 -15.61 43.13
N THR D 64 8.70 -15.71 41.82
CA THR D 64 7.38 -16.06 41.33
C THR D 64 7.03 -17.50 41.70
N ILE D 65 5.77 -17.71 42.04
CA ILE D 65 5.22 -19.03 42.32
C ILE D 65 4.28 -19.48 41.21
N GLY D 66 3.35 -18.61 40.82
CA GLY D 66 2.42 -18.93 39.75
C GLY D 66 1.53 -17.76 39.40
N LYS D 67 0.34 -18.03 38.91
CA LYS D 67 -0.59 -16.99 38.54
C LYS D 67 -1.96 -17.25 39.16
N VAL D 68 -2.69 -16.18 39.38
CA VAL D 68 -4.08 -16.27 39.83
C VAL D 68 -4.95 -16.58 38.62
N THR D 69 -5.86 -17.55 38.80
CA THR D 69 -6.68 -17.98 37.68
C THR D 69 -7.97 -17.19 37.61
N ALA D 70 -8.61 -16.94 38.75
CA ALA D 70 -9.94 -16.34 38.74
C ALA D 70 -10.15 -15.42 39.92
N VAL D 71 -10.98 -14.40 39.72
CA VAL D 71 -11.46 -13.52 40.78
C VAL D 71 -12.96 -13.70 40.89
N ASP D 72 -13.48 -13.66 42.13
CA ASP D 72 -14.88 -13.95 42.35
C ASP D 72 -15.39 -13.16 43.56
N LEU D 73 -16.67 -12.79 43.50
CA LEU D 73 -17.38 -12.22 44.64
C LEU D 73 -18.30 -13.32 45.18
N ASP D 74 -17.86 -13.99 46.24
CA ASP D 74 -18.71 -14.98 46.89
C ASP D 74 -19.87 -14.26 47.57
N ARG D 75 -21.06 -14.42 47.01
CA ARG D 75 -22.21 -13.60 47.39
C ARG D 75 -22.62 -13.77 48.85
N ASP D 76 -22.08 -14.78 49.53
CA ASP D 76 -22.48 -15.04 50.91
C ASP D 76 -21.95 -13.97 51.86
N SER D 77 -20.63 -13.83 51.94
CA SER D 77 -20.01 -12.86 52.82
C SER D 77 -19.46 -11.65 52.07
N TYR D 78 -19.66 -11.58 50.76
CA TYR D 78 -19.24 -10.44 49.95
C TYR D 78 -17.76 -10.13 50.13
N THR D 79 -16.93 -11.14 49.93
CA THR D 79 -15.49 -10.99 50.03
C THR D 79 -14.84 -11.38 48.71
N GLY D 80 -13.52 -11.34 48.67
CA GLY D 80 -12.81 -11.64 47.45
C GLY D 80 -12.27 -13.05 47.40
N ARG D 81 -12.86 -13.90 46.57
CA ARG D 81 -12.37 -15.26 46.36
C ARG D 81 -11.42 -15.24 45.17
N VAL D 82 -10.12 -15.37 45.44
CA VAL D 82 -9.12 -15.42 44.38
C VAL D 82 -8.61 -16.85 44.27
N THR D 83 -8.63 -17.38 43.05
CA THR D 83 -8.20 -18.74 42.76
C THR D 83 -6.90 -18.65 41.99
N MET D 84 -5.82 -19.16 42.58
CA MET D 84 -4.48 -19.02 42.02
C MET D 84 -3.81 -20.37 41.93
N GLU D 85 -2.99 -20.55 40.91
CA GLU D 85 -2.27 -21.81 40.73
C GLU D 85 -0.90 -21.71 41.39
N ILE D 86 -0.49 -22.81 42.01
CA ILE D 86 0.82 -22.91 42.67
C ILE D 86 1.66 -23.91 41.89
N ASN D 87 2.94 -23.58 41.73
CA ASN D 87 3.87 -24.47 41.04
C ASN D 87 3.92 -25.82 41.74
N GLN D 88 3.67 -26.91 41.00
CA GLN D 88 3.46 -28.21 41.61
C GLN D 88 4.67 -28.68 42.40
N ASN D 89 5.87 -28.49 41.85
CA ASN D 89 7.07 -28.93 42.57
C ASN D 89 7.20 -28.20 43.90
N VAL D 90 6.73 -26.95 43.97
CA VAL D 90 6.64 -26.23 45.24
C VAL D 90 5.38 -26.74 45.95
N ASN D 91 5.54 -27.72 46.83
CA ASN D 91 4.42 -28.26 47.58
C ASN D 91 4.69 -28.24 49.08
N ASN D 92 5.38 -27.22 49.57
CA ASN D 92 5.74 -27.12 50.97
C ASN D 92 5.19 -25.82 51.59
N LEU D 93 4.05 -25.36 51.09
CA LEU D 93 3.44 -24.13 51.59
C LEU D 93 2.42 -24.49 52.66
N PRO D 94 2.74 -24.30 53.94
CA PRO D 94 1.80 -24.70 54.99
C PRO D 94 0.52 -23.89 54.97
N VAL D 95 -0.50 -24.43 55.65
CA VAL D 95 -1.80 -23.76 55.67
C VAL D 95 -1.74 -22.50 56.52
N ASP D 96 -0.91 -22.48 57.56
CA ASP D 96 -0.83 -21.33 58.45
C ASP D 96 -0.15 -20.15 57.76
N SER D 97 0.40 -20.37 56.57
CA SER D 97 0.97 -19.29 55.78
C SER D 97 -0.13 -18.36 55.31
N THR D 98 0.20 -17.08 55.13
CA THR D 98 -0.78 -16.06 54.80
C THR D 98 -0.40 -15.36 53.51
N ALA D 99 -1.40 -15.08 52.68
CA ALA D 99 -1.20 -14.38 51.41
C ALA D 99 -1.68 -12.94 51.56
N SER D 100 -0.87 -12.00 51.11
CA SER D 100 -1.19 -10.58 51.19
C SER D 100 -1.05 -9.94 49.83
N ILE D 101 -1.92 -8.97 49.56
CA ILE D 101 -1.87 -8.25 48.28
C ILE D 101 -0.86 -7.12 48.40
N LEU D 102 0.14 -7.13 47.54
CA LEU D 102 1.20 -6.14 47.55
C LEU D 102 1.32 -5.50 46.17
N THR D 103 1.61 -4.21 46.15
CA THR D 103 1.95 -3.52 44.92
C THR D 103 3.38 -3.84 44.53
N ALA D 104 3.60 -4.13 43.26
CA ALA D 104 4.93 -4.50 42.80
C ALA D 104 5.87 -3.31 42.94
N GLY D 105 6.76 -3.38 43.93
CA GLY D 105 7.66 -2.29 44.19
C GLY D 105 6.95 -1.04 44.69
N LEU D 106 6.87 -0.02 43.85
CA LEU D 106 6.26 1.25 44.21
C LEU D 106 4.95 1.52 43.50
N LEU D 107 4.87 1.21 42.19
CA LEU D 107 3.64 1.46 41.45
C LEU D 107 3.33 0.32 40.49
N GLY D 108 3.86 -0.87 40.76
CA GLY D 108 3.59 -2.01 39.91
C GLY D 108 2.20 -2.57 40.11
N GLU D 109 1.84 -3.49 39.21
CA GLU D 109 0.54 -4.14 39.29
C GLU D 109 0.37 -4.84 40.63
N LYS D 110 -0.84 -4.75 41.19
CA LYS D 110 -1.12 -5.36 42.48
C LYS D 110 -1.10 -6.87 42.33
N TYR D 111 -0.04 -7.51 42.82
CA TYR D 111 0.03 -8.96 42.88
C TYR D 111 -0.28 -9.41 44.30
N ILE D 112 -0.26 -10.73 44.51
CA ILE D 112 -0.36 -11.29 45.84
C ILE D 112 0.89 -12.11 46.12
N GLY D 113 1.38 -12.01 47.35
CA GLY D 113 2.56 -12.74 47.77
C GLY D 113 2.24 -13.53 49.02
N ILE D 114 2.77 -14.74 49.09
CA ILE D 114 2.47 -15.68 50.16
C ILE D 114 3.66 -15.70 51.11
N SER D 115 3.45 -15.21 52.32
CA SER D 115 4.46 -15.26 53.38
C SER D 115 4.22 -16.53 54.17
N VAL D 116 5.28 -17.34 54.29
CA VAL D 116 5.20 -18.65 54.93
C VAL D 116 5.03 -18.49 56.44
N GLY D 117 3.97 -19.08 56.97
CA GLY D 117 3.77 -19.14 58.40
C GLY D 117 4.59 -20.25 59.04
N GLY D 118 4.38 -21.47 58.57
CA GLY D 118 5.13 -22.61 59.08
C GLY D 118 4.30 -23.54 59.93
N ASP D 119 3.88 -24.68 59.37
CA ASP D 119 3.10 -25.65 60.10
C ASP D 119 3.32 -27.03 59.49
N GLU D 120 3.11 -28.07 60.31
CA GLU D 120 3.35 -29.44 59.88
C GLU D 120 2.50 -29.78 58.65
N ASP D 121 1.18 -29.76 58.80
CA ASP D 121 0.30 -29.93 57.65
C ASP D 121 0.59 -28.82 56.65
N VAL D 122 0.60 -29.17 55.36
CA VAL D 122 1.09 -28.24 54.37
C VAL D 122 -0.02 -27.75 53.44
N LEU D 123 -0.58 -28.65 52.64
CA LEU D 123 -1.42 -28.16 51.57
C LEU D 123 -2.25 -29.29 50.98
N LYS D 124 -3.50 -28.97 50.67
CA LYS D 124 -4.34 -29.83 49.84
C LYS D 124 -4.22 -29.47 48.37
N ASP D 125 -3.81 -28.25 48.05
CA ASP D 125 -3.82 -27.72 46.69
C ASP D 125 -5.25 -27.78 46.13
N GLY D 126 -6.07 -26.93 46.72
CA GLY D 126 -7.50 -26.90 46.45
C GLY D 126 -8.27 -26.49 47.68
N SER D 127 -7.55 -26.38 48.81
CA SER D 127 -8.09 -25.78 50.02
C SER D 127 -8.07 -24.26 49.90
N THR D 128 -8.68 -23.61 50.87
CA THR D 128 -8.70 -22.16 50.94
C THR D 128 -7.72 -21.67 52.00
N ILE D 129 -7.34 -20.41 51.89
CA ILE D 129 -6.52 -19.75 52.89
C ILE D 129 -7.43 -18.98 53.82
N HIS D 130 -6.93 -18.69 55.02
CA HIS D 130 -7.71 -17.97 56.01
C HIS D 130 -7.11 -16.62 56.38
N ASP D 131 -5.85 -16.58 56.77
CA ASP D 131 -5.21 -15.35 57.21
C ASP D 131 -4.69 -14.58 56.01
N THR D 132 -4.85 -13.25 56.06
CA THR D 132 -4.45 -12.40 54.95
C THR D 132 -4.38 -10.95 55.41
N GLN D 133 -3.67 -10.13 54.66
CA GLN D 133 -3.67 -8.68 54.84
C GLN D 133 -4.22 -8.07 53.55
N SER D 134 -5.42 -7.53 53.63
CA SER D 134 -6.09 -7.00 52.45
C SER D 134 -5.30 -5.84 51.86
N ALA D 135 -5.51 -5.61 50.57
CA ALA D 135 -4.77 -4.58 49.85
C ALA D 135 -5.09 -3.20 50.40
N LEU D 136 -4.08 -2.34 50.43
CA LEU D 136 -4.30 -0.96 50.83
C LEU D 136 -5.10 -0.23 49.76
N VAL D 137 -5.72 0.87 50.16
CA VAL D 137 -6.43 1.77 49.24
C VAL D 137 -6.17 3.20 49.72
N LEU D 138 -5.70 4.04 48.79
CA LEU D 138 -5.32 5.44 49.09
C LEU D 138 -6.43 6.18 49.86
N GLU D 139 -7.69 6.01 49.45
CA GLU D 139 -8.78 6.73 50.09
C GLU D 139 -8.91 6.36 51.55
N ASP D 140 -9.14 5.07 51.84
CA ASP D 140 -9.26 4.64 53.23
C ASP D 140 -7.97 4.91 54.00
N LEU D 141 -6.82 4.75 53.35
CA LEU D 141 -5.52 4.98 54.06
C LEU D 141 -5.42 6.46 54.49
N ILE D 142 -5.35 7.37 53.52
CA ILE D 142 -5.21 8.83 53.82
C ILE D 142 -6.50 9.34 54.49
N GLY D 143 -7.58 8.55 54.41
CA GLY D 143 -8.83 8.95 55.01
C GLY D 143 -9.00 8.55 56.46
N LYS D 144 -8.02 7.83 57.03
CA LYS D 144 -8.11 7.43 58.43
C LYS D 144 -6.80 7.64 59.16
N PHE D 145 -5.81 8.24 58.50
CA PHE D 145 -4.48 8.47 59.13
C PHE D 145 -3.96 9.88 58.81
N LEU D 146 -4.86 10.77 58.38
CA LEU D 146 -4.48 12.18 58.08
C LEU D 146 -5.53 13.09 58.72
N LEU D 147 -6.77 12.61 58.79
CA LEU D 147 -7.87 13.37 59.39
C LEU D 147 -7.89 13.26 60.91
N ASN D 148 -7.18 12.29 61.48
CA ASN D 148 -7.23 12.03 62.92
C ASN D 148 -5.87 12.18 63.59
N SER D 149 -4.81 11.62 63.02
CA SER D 149 -3.53 11.57 63.70
C SER D 149 -2.92 12.96 63.85
N VAL D 150 -2.63 13.59 62.70
CA VAL D 150 -2.03 14.96 62.70
C VAL D 150 -3.16 15.99 62.57
N GLN E 2 -32.35 -9.43 -17.23
CA GLN E 2 -32.66 -8.91 -15.90
C GLN E 2 -31.60 -9.38 -14.90
N THR E 3 -30.42 -9.71 -15.39
CA THR E 3 -29.35 -10.15 -14.51
C THR E 3 -28.91 -9.04 -13.56
N ARG E 4 -29.04 -7.78 -13.99
CA ARG E 4 -28.72 -6.67 -13.10
C ARG E 4 -29.61 -6.68 -11.87
N THR E 5 -30.87 -7.12 -12.01
CA THR E 5 -31.76 -7.20 -10.86
C THR E 5 -31.18 -8.12 -9.79
N LEU E 6 -30.79 -9.34 -10.19
CA LEU E 6 -30.23 -10.28 -9.22
C LEU E 6 -28.90 -9.78 -8.67
N GLU E 7 -28.05 -9.20 -9.53
CA GLU E 7 -26.76 -8.72 -9.06
C GLU E 7 -26.93 -7.62 -8.02
N ILE E 8 -27.81 -6.65 -8.28
CA ILE E 8 -28.03 -5.57 -7.32
C ILE E 8 -28.69 -6.10 -6.06
N GLY E 9 -29.61 -7.07 -6.19
CA GLY E 9 -30.21 -7.66 -5.02
C GLY E 9 -29.18 -8.28 -4.09
N VAL E 10 -28.30 -9.12 -4.65
CA VAL E 10 -27.28 -9.76 -3.82
C VAL E 10 -26.28 -8.74 -3.31
N GLY E 11 -25.94 -7.75 -4.13
CA GLY E 11 -25.04 -6.71 -3.67
C GLY E 11 -25.58 -5.96 -2.47
N LEU E 12 -26.88 -5.67 -2.47
CA LEU E 12 -27.48 -5.01 -1.32
C LEU E 12 -27.59 -5.96 -0.13
N PHE E 13 -27.95 -7.21 -0.37
CA PHE E 13 -28.06 -8.17 0.72
C PHE E 13 -26.71 -8.44 1.38
N LEU E 14 -25.61 -8.18 0.68
CA LEU E 14 -24.30 -8.33 1.28
C LEU E 14 -23.74 -7.02 1.82
N LEU E 15 -24.04 -5.89 1.19
CA LEU E 15 -23.69 -4.61 1.77
C LEU E 15 -24.39 -4.40 3.09
N ALA E 16 -25.57 -5.00 3.27
CA ALA E 16 -26.23 -4.98 4.57
C ALA E 16 -25.40 -5.76 5.59
N GLY E 17 -25.05 -7.01 5.27
CA GLY E 17 -24.20 -7.80 6.12
C GLY E 17 -22.84 -7.17 6.40
N LEU E 18 -22.39 -6.26 5.55
CA LEU E 18 -21.19 -5.48 5.84
C LEU E 18 -21.49 -4.35 6.80
N LEU E 19 -22.57 -3.60 6.55
CA LEU E 19 -23.05 -2.63 7.53
C LEU E 19 -23.72 -3.29 8.72
N ALA E 20 -23.86 -4.61 8.72
CA ALA E 20 -24.19 -5.38 9.91
C ALA E 20 -22.99 -5.56 10.81
N LEU E 21 -21.94 -4.79 10.57
CA LEU E 21 -20.73 -4.74 11.37
C LEU E 21 -20.49 -3.31 11.82
N LEU E 22 -21.55 -2.68 12.34
CA LEU E 22 -21.44 -1.31 12.83
C LEU E 22 -20.31 -1.17 13.83
N LEU E 23 -20.28 -2.07 14.82
CA LEU E 23 -19.13 -2.22 15.72
C LEU E 23 -18.91 -0.94 16.53
N LEU E 24 -20.00 -0.21 16.82
CA LEU E 24 -19.96 0.97 17.67
C LEU E 24 -21.02 0.76 18.74
N ALA E 25 -20.64 0.12 19.85
CA ALA E 25 -21.57 -0.30 20.89
C ALA E 25 -22.69 -1.17 20.32
N LEU E 26 -22.32 -2.06 19.40
CA LEU E 26 -23.26 -2.98 18.76
C LEU E 26 -23.68 -4.11 19.69
N ARG E 27 -22.75 -4.65 20.47
CA ARG E 27 -23.05 -5.63 21.52
C ARG E 27 -23.14 -4.86 22.82
N VAL E 28 -24.37 -4.55 23.26
CA VAL E 28 -24.55 -3.80 24.50
C VAL E 28 -24.01 -4.56 25.70
N SER E 29 -24.01 -5.89 25.66
CA SER E 29 -23.24 -6.70 26.60
C SER E 29 -21.81 -6.81 26.10
N GLY E 30 -20.86 -6.68 27.04
CA GLY E 30 -19.46 -6.52 26.69
C GLY E 30 -18.52 -7.63 27.06
N LEU E 31 -19.01 -8.86 27.25
CA LEU E 31 -18.14 -9.97 27.63
C LEU E 31 -18.05 -11.04 26.56
N SER E 32 -19.16 -11.65 26.17
CA SER E 32 -19.17 -12.74 25.21
C SER E 32 -20.62 -13.02 24.81
N VAL E 33 -20.84 -14.14 24.13
CA VAL E 33 -22.18 -14.56 23.76
C VAL E 33 -22.73 -15.64 24.67
N GLY E 34 -21.94 -16.15 25.61
CA GLY E 34 -22.40 -17.18 26.54
C GLY E 34 -22.28 -16.84 27.99
N ASN E 35 -21.95 -15.60 28.34
CA ASN E 35 -21.84 -15.18 29.73
C ASN E 35 -23.23 -14.90 30.31
N ALA E 36 -23.26 -14.22 31.46
CA ALA E 36 -24.50 -14.01 32.20
C ALA E 36 -25.58 -13.34 31.35
N GLY E 37 -25.32 -12.12 30.90
CA GLY E 37 -26.29 -11.43 30.06
C GLY E 37 -26.77 -10.12 30.62
N ASP E 38 -28.05 -10.07 31.01
CA ASP E 38 -28.68 -8.84 31.48
C ASP E 38 -28.05 -8.37 32.78
N THR E 39 -28.47 -7.20 33.26
CA THR E 39 -27.85 -6.57 34.42
C THR E 39 -28.87 -5.73 35.15
N TYR E 40 -28.58 -5.45 36.42
CA TYR E 40 -29.44 -4.59 37.23
C TYR E 40 -28.92 -3.16 37.20
N LYS E 41 -29.84 -2.22 37.40
CA LYS E 41 -29.49 -0.81 37.42
C LYS E 41 -29.49 -0.28 38.85
N VAL E 42 -28.71 0.77 39.08
CA VAL E 42 -28.59 1.34 40.41
C VAL E 42 -28.05 2.76 40.28
N TYR E 43 -28.41 3.63 41.21
CA TYR E 43 -27.98 5.01 41.20
C TYR E 43 -27.38 5.39 42.55
N ALA E 44 -26.56 6.42 42.54
CA ALA E 44 -25.95 6.92 43.76
C ALA E 44 -25.76 8.42 43.65
N TYR E 45 -25.90 9.12 44.77
CA TYR E 45 -25.78 10.56 44.82
C TYR E 45 -24.51 10.89 45.59
N PHE E 46 -23.59 11.62 44.95
CA PHE E 46 -22.29 11.94 45.52
C PHE E 46 -22.13 13.44 45.64
N ASP E 47 -21.12 13.84 46.43
CA ASP E 47 -20.76 15.24 46.56
C ASP E 47 -19.68 15.66 45.59
N ASN E 48 -18.93 14.71 45.04
CA ASN E 48 -17.90 15.03 44.05
C ASN E 48 -17.54 13.74 43.33
N ILE E 49 -17.58 13.78 42.00
CA ILE E 49 -17.36 12.58 41.20
C ILE E 49 -16.26 12.86 40.18
N ALA E 50 -15.23 13.59 40.59
CA ALA E 50 -14.19 14.11 39.71
C ALA E 50 -13.74 13.14 38.62
N GLY E 51 -13.51 11.87 38.99
CA GLY E 51 -12.89 10.94 38.06
C GLY E 51 -13.68 9.69 37.78
N VAL E 52 -15.00 9.80 37.58
CA VAL E 52 -15.85 8.62 37.46
C VAL E 52 -16.26 8.43 36.01
N THR E 53 -15.39 8.85 35.09
CA THR E 53 -15.66 8.82 33.66
C THR E 53 -16.42 7.58 33.23
N VAL E 54 -17.39 7.77 32.34
CA VAL E 54 -18.31 6.71 31.95
C VAL E 54 -17.53 5.54 31.38
N ARG E 55 -18.15 4.35 31.42
CA ARG E 55 -17.57 3.08 31.00
C ARG E 55 -16.44 2.64 31.91
N GLY E 56 -16.38 3.19 33.12
CA GLY E 56 -15.43 2.76 34.12
C GLY E 56 -15.84 1.46 34.77
N LYS E 57 -15.41 1.23 36.02
CA LYS E 57 -15.72 0.00 36.73
C LYS E 57 -16.38 0.32 38.06
N VAL E 58 -17.46 -0.38 38.36
CA VAL E 58 -18.04 -0.38 39.70
C VAL E 58 -17.84 -1.76 40.29
N THR E 59 -17.34 -1.80 41.52
CA THR E 59 -16.88 -3.05 42.09
C THR E 59 -17.31 -3.17 43.54
N LEU E 60 -17.12 -4.38 44.07
CA LEU E 60 -17.26 -4.67 45.49
C LEU E 60 -16.06 -5.48 45.90
N ALA E 61 -15.35 -5.01 46.93
CA ALA E 61 -14.19 -5.71 47.48
C ALA E 61 -13.13 -5.98 46.43
N GLY E 62 -13.17 -5.24 45.33
CA GLY E 62 -12.13 -5.35 44.33
C GLY E 62 -12.55 -5.99 43.03
N VAL E 63 -13.32 -7.06 43.11
CA VAL E 63 -13.78 -7.75 41.90
C VAL E 63 -14.79 -6.87 41.18
N THR E 64 -14.57 -6.67 39.89
CA THR E 64 -15.45 -5.83 39.10
C THR E 64 -16.87 -6.38 39.11
N ILE E 65 -17.84 -5.48 39.28
CA ILE E 65 -19.24 -5.85 39.29
C ILE E 65 -19.98 -5.34 38.08
N GLY E 66 -19.67 -4.14 37.61
CA GLY E 66 -20.29 -3.59 36.41
C GLY E 66 -19.60 -2.34 35.93
N LYS E 67 -20.32 -1.50 35.18
CA LYS E 67 -19.71 -0.28 34.67
C LYS E 67 -20.66 0.89 34.91
N VAL E 68 -20.09 2.09 35.02
CA VAL E 68 -20.89 3.29 35.15
C VAL E 68 -21.46 3.65 33.78
N THR E 69 -22.75 3.95 33.75
CA THR E 69 -23.42 4.33 32.51
C THR E 69 -23.71 5.82 32.39
N ALA E 70 -24.17 6.45 33.46
CA ALA E 70 -24.55 7.85 33.42
C ALA E 70 -23.89 8.62 34.55
N VAL E 71 -23.56 9.87 34.26
CA VAL E 71 -22.85 10.74 35.20
C VAL E 71 -23.66 12.00 35.46
N ASP E 72 -24.98 11.88 35.47
CA ASP E 72 -25.85 13.05 35.39
C ASP E 72 -25.65 13.98 36.59
N LEU E 73 -26.19 15.18 36.47
CA LEU E 73 -26.22 16.15 37.55
C LEU E 73 -27.65 16.58 37.81
N ASP E 74 -28.05 16.64 39.07
CA ASP E 74 -29.37 17.09 39.46
C ASP E 74 -29.36 18.62 39.57
N ARG E 75 -30.44 19.25 39.12
CA ARG E 75 -30.50 20.70 39.15
C ARG E 75 -30.88 21.22 40.54
N ASP E 76 -31.59 20.40 41.32
CA ASP E 76 -32.15 20.89 42.58
C ASP E 76 -31.11 20.92 43.69
N SER E 77 -30.34 19.85 43.83
CA SER E 77 -29.40 19.74 44.95
C SER E 77 -27.95 19.88 44.52
N TYR E 78 -27.67 19.94 43.22
CA TYR E 78 -26.31 20.12 42.69
C TYR E 78 -25.37 19.01 43.17
N THR E 79 -25.89 17.79 43.28
CA THR E 79 -25.10 16.63 43.61
C THR E 79 -25.09 15.68 42.43
N GLY E 80 -23.94 15.09 42.15
CA GLY E 80 -23.83 14.22 40.99
C GLY E 80 -24.57 12.91 41.22
N ARG E 81 -25.32 12.49 40.20
CA ARG E 81 -26.04 11.24 40.20
C ARG E 81 -25.36 10.28 39.23
N VAL E 82 -24.75 9.23 39.78
CA VAL E 82 -24.06 8.23 38.98
C VAL E 82 -25.01 7.06 38.83
N THR E 83 -25.24 6.65 37.59
CA THR E 83 -26.12 5.53 37.25
C THR E 83 -25.27 4.42 36.67
N MET E 84 -25.11 3.35 37.44
CA MET E 84 -24.30 2.22 37.02
C MET E 84 -25.14 0.96 36.99
N GLU E 85 -24.57 -0.11 36.43
CA GLU E 85 -25.20 -1.40 36.37
C GLU E 85 -24.32 -2.43 37.05
N ILE E 86 -24.96 -3.49 37.54
CA ILE E 86 -24.30 -4.56 38.26
C ILE E 86 -24.66 -5.88 37.57
N ASN E 87 -23.68 -6.76 37.45
CA ASN E 87 -23.88 -8.03 36.76
C ASN E 87 -24.98 -8.85 37.45
N GLN E 88 -25.63 -9.70 36.66
CA GLN E 88 -26.79 -10.43 37.14
C GLN E 88 -26.44 -11.37 38.29
N ASN E 89 -25.23 -11.96 38.27
CA ASN E 89 -24.88 -12.96 39.27
C ASN E 89 -24.94 -12.39 40.68
N VAL E 90 -24.50 -11.14 40.85
CA VAL E 90 -24.55 -10.47 42.14
C VAL E 90 -25.81 -9.63 42.19
N ASN E 91 -26.72 -9.99 43.08
CA ASN E 91 -27.98 -9.27 43.24
C ASN E 91 -28.35 -9.15 44.70
N ASN E 92 -27.41 -9.43 45.60
CA ASN E 92 -27.71 -9.59 47.02
C ASN E 92 -27.03 -8.52 47.88
N LEU E 93 -26.92 -7.30 47.39
CA LEU E 93 -26.25 -6.25 48.14
C LEU E 93 -27.28 -5.47 48.96
N PRO E 94 -27.11 -5.35 50.27
CA PRO E 94 -28.12 -4.67 51.09
C PRO E 94 -28.17 -3.18 50.81
N VAL E 95 -29.29 -2.58 51.20
CA VAL E 95 -29.51 -1.16 50.91
C VAL E 95 -28.51 -0.30 51.65
N ASP E 96 -28.21 -0.64 52.90
CA ASP E 96 -27.30 0.18 53.70
C ASP E 96 -25.86 0.16 53.20
N SER E 97 -25.57 -0.57 52.14
CA SER E 97 -24.21 -0.56 51.59
C SER E 97 -23.83 0.84 51.15
N THR E 98 -22.59 1.22 51.43
CA THR E 98 -22.13 2.57 51.17
C THR E 98 -21.20 2.57 49.96
N ALA E 99 -21.47 3.47 49.02
CA ALA E 99 -20.65 3.58 47.82
C ALA E 99 -19.59 4.67 48.03
N SER E 100 -18.34 4.32 47.75
CA SER E 100 -17.25 5.27 47.87
C SER E 100 -16.32 5.14 46.68
N ILE E 101 -15.74 6.28 46.28
CA ILE E 101 -14.92 6.33 45.07
C ILE E 101 -13.47 6.14 45.47
N LEU E 102 -12.89 5.04 45.04
CA LEU E 102 -11.48 4.76 45.31
C LEU E 102 -10.65 5.02 44.07
N THR E 103 -9.37 5.30 44.29
CA THR E 103 -8.41 5.55 43.22
C THR E 103 -7.60 4.29 43.00
N ALA E 104 -7.71 3.72 41.80
CA ALA E 104 -6.98 2.50 41.49
C ALA E 104 -5.48 2.75 41.58
N GLY E 105 -4.81 1.93 42.38
CA GLY E 105 -3.38 2.10 42.58
C GLY E 105 -3.06 3.45 43.19
N LEU E 106 -2.39 4.30 42.41
CA LEU E 106 -2.03 5.67 42.91
C LEU E 106 -2.53 6.70 41.90
N LEU E 107 -2.49 6.36 40.61
CA LEU E 107 -2.94 7.25 39.56
C LEU E 107 -3.96 6.64 38.63
N GLY E 108 -4.23 5.34 38.74
CA GLY E 108 -5.14 4.66 37.84
C GLY E 108 -6.55 5.21 37.82
N GLU E 109 -7.37 4.74 36.90
CA GLU E 109 -8.72 5.24 36.77
C GLU E 109 -9.49 5.04 38.06
N LYS E 110 -10.17 6.10 38.49
CA LYS E 110 -10.92 6.08 39.75
C LYS E 110 -12.17 5.24 39.56
N TYR E 111 -12.34 4.22 40.39
CA TYR E 111 -13.50 3.37 40.32
C TYR E 111 -14.40 3.62 41.53
N ILE E 112 -15.59 3.04 41.49
CA ILE E 112 -16.58 3.21 42.55
C ILE E 112 -16.80 1.85 43.20
N GLY E 113 -16.35 1.72 44.44
CA GLY E 113 -16.60 0.51 45.19
C GLY E 113 -17.81 0.65 46.08
N ILE E 114 -18.39 -0.50 46.42
CA ILE E 114 -19.59 -0.55 47.24
C ILE E 114 -19.31 -1.42 48.46
N SER E 115 -19.00 -0.80 49.58
CA SER E 115 -18.73 -1.51 50.82
C SER E 115 -20.05 -1.99 51.41
N VAL E 116 -20.15 -3.29 51.64
CA VAL E 116 -21.41 -3.87 52.12
C VAL E 116 -21.60 -3.53 53.59
N GLY E 117 -22.78 -3.02 53.92
CA GLY E 117 -23.15 -2.83 55.31
C GLY E 117 -23.79 -4.10 55.85
N GLY E 118 -24.99 -3.99 56.40
CA GLY E 118 -25.73 -5.17 56.79
C GLY E 118 -27.20 -4.92 57.03
N ASP E 119 -28.05 -5.72 56.39
CA ASP E 119 -29.50 -5.64 56.44
C ASP E 119 -30.08 -6.87 55.78
N GLU E 120 -31.37 -7.10 56.02
CA GLU E 120 -32.06 -8.20 55.36
C GLU E 120 -32.55 -7.78 53.98
N ASP E 121 -33.31 -6.68 53.92
CA ASP E 121 -33.78 -6.15 52.65
C ASP E 121 -32.58 -5.84 51.74
N VAL E 122 -32.52 -6.50 50.59
CA VAL E 122 -31.33 -6.39 49.76
C VAL E 122 -31.36 -5.09 48.98
N LEU E 123 -32.31 -4.97 48.06
CA LEU E 123 -32.31 -3.85 47.11
C LEU E 123 -33.52 -4.01 46.20
N LYS E 124 -33.83 -2.93 45.49
CA LYS E 124 -34.79 -2.99 44.40
C LYS E 124 -34.11 -3.19 43.05
N ASP E 125 -32.82 -2.91 42.96
CA ASP E 125 -32.02 -3.14 41.75
C ASP E 125 -32.62 -2.40 40.56
N GLY E 126 -32.57 -1.08 40.70
CA GLY E 126 -33.29 -0.16 39.85
C GLY E 126 -33.64 1.04 40.69
N SER E 127 -33.25 0.96 41.96
CA SER E 127 -33.36 2.06 42.91
C SER E 127 -32.00 2.70 43.14
N THR E 128 -31.98 3.70 44.00
CA THR E 128 -30.77 4.46 44.25
C THR E 128 -30.13 4.08 45.58
N ILE E 129 -28.94 4.59 45.81
CA ILE E 129 -28.26 4.46 47.09
C ILE E 129 -28.45 5.76 47.86
N HIS E 130 -28.56 5.64 49.18
CA HIS E 130 -28.82 6.77 50.05
C HIS E 130 -27.58 7.32 50.75
N ASP E 131 -26.65 6.45 51.13
CA ASP E 131 -25.40 6.87 51.74
C ASP E 131 -24.28 6.84 50.71
N THR E 132 -23.15 7.41 51.08
CA THR E 132 -21.99 7.46 50.18
C THR E 132 -20.79 7.99 50.95
N GLN E 133 -19.65 8.00 50.26
CA GLN E 133 -18.46 8.70 50.67
C GLN E 133 -17.83 9.31 49.43
N SER E 134 -17.39 10.57 49.54
CA SER E 134 -16.97 11.32 48.37
C SER E 134 -15.63 10.80 47.85
N ALA E 135 -15.14 11.45 46.80
CA ALA E 135 -13.87 11.12 46.18
C ALA E 135 -12.86 12.19 46.60
N LEU E 136 -11.85 11.79 47.34
CA LEU E 136 -10.88 12.74 47.87
C LEU E 136 -10.05 13.34 46.74
N VAL E 137 -10.29 14.61 46.47
CA VAL E 137 -9.54 15.34 45.44
C VAL E 137 -8.31 15.93 46.07
N LEU E 138 -7.25 16.08 45.27
CA LEU E 138 -5.96 16.50 45.81
C LEU E 138 -6.03 17.91 46.37
N GLU E 139 -6.58 18.84 45.61
CA GLU E 139 -6.52 20.25 45.97
C GLU E 139 -7.27 20.56 47.25
N ASP E 140 -8.56 20.23 47.29
CA ASP E 140 -9.37 20.52 48.47
C ASP E 140 -8.79 19.86 49.71
N LEU E 141 -8.26 18.64 49.57
CA LEU E 141 -7.65 17.96 50.69
C LEU E 141 -6.41 18.70 51.18
N ILE E 142 -5.48 18.97 50.28
CA ILE E 142 -4.23 19.63 50.65
C ILE E 142 -4.51 20.97 51.32
N GLY E 143 -5.34 21.79 50.68
CA GLY E 143 -5.59 23.12 51.21
C GLY E 143 -6.27 23.11 52.56
N LYS E 144 -7.18 22.15 52.78
CA LYS E 144 -7.93 22.12 54.01
C LYS E 144 -7.09 21.57 55.17
N PHE E 145 -6.58 20.36 55.03
CA PHE E 145 -6.03 19.64 56.17
C PHE E 145 -4.50 19.68 56.25
N LEU E 146 -3.81 19.24 55.18
CA LEU E 146 -2.36 19.19 55.26
C LEU E 146 -1.75 20.59 55.36
N LEU E 147 -2.48 21.60 54.88
CA LEU E 147 -2.06 22.97 55.13
C LEU E 147 -2.39 23.37 56.56
N ASN E 148 -3.43 22.79 57.15
CA ASN E 148 -3.85 23.18 58.50
C ASN E 148 -2.83 22.72 59.54
N SER E 149 -2.23 21.55 59.34
CA SER E 149 -1.26 21.06 60.32
C SER E 149 -0.07 21.99 60.43
N VAL E 150 0.48 22.42 59.31
CA VAL E 150 1.61 23.35 59.31
C VAL E 150 1.26 24.59 58.50
N THR F 3 -37.28 2.91 -15.20
CA THR F 3 -37.07 3.64 -13.96
C THR F 3 -35.59 3.99 -13.77
N ARG F 4 -34.80 3.82 -14.84
CA ARG F 4 -33.39 4.13 -14.74
C ARG F 4 -33.16 5.64 -14.71
N THR F 5 -33.93 6.39 -15.52
CA THR F 5 -33.89 7.85 -15.42
C THR F 5 -34.41 8.30 -14.07
N LEU F 6 -35.28 7.50 -13.44
CA LEU F 6 -35.66 7.74 -12.06
C LEU F 6 -34.54 7.42 -11.08
N GLU F 7 -33.55 6.62 -11.49
CA GLU F 7 -32.45 6.22 -10.62
C GLU F 7 -31.32 7.25 -10.62
N ILE F 8 -31.60 8.48 -11.07
CA ILE F 8 -30.74 9.60 -10.70
C ILE F 8 -30.95 9.93 -9.24
N GLY F 9 -32.07 9.52 -8.66
CA GLY F 9 -32.31 9.74 -7.25
C GLY F 9 -31.34 9.01 -6.35
N VAL F 10 -30.70 7.95 -6.87
CA VAL F 10 -29.69 7.27 -6.07
C VAL F 10 -28.43 8.12 -5.97
N GLY F 11 -28.15 8.95 -6.99
CA GLY F 11 -27.10 9.93 -6.85
C GLY F 11 -27.34 10.86 -5.68
N LEU F 12 -28.60 11.26 -5.48
CA LEU F 12 -28.94 12.10 -4.33
C LEU F 12 -28.94 11.30 -3.04
N PHE F 13 -29.28 10.02 -3.10
CA PHE F 13 -29.18 9.13 -1.95
C PHE F 13 -27.74 9.05 -1.48
N LEU F 14 -26.81 9.15 -2.43
CA LEU F 14 -25.39 9.12 -2.08
C LEU F 14 -24.88 10.48 -1.61
N LEU F 15 -25.26 11.55 -2.30
CA LEU F 15 -24.82 12.88 -1.90
C LEU F 15 -25.34 13.24 -0.51
N ALA F 16 -26.66 13.10 -0.31
CA ALA F 16 -27.25 13.31 1.00
C ALA F 16 -26.72 12.34 2.06
N GLY F 17 -26.17 11.20 1.64
CA GLY F 17 -25.47 10.33 2.54
C GLY F 17 -24.01 10.65 2.72
N LEU F 18 -23.42 11.41 1.78
CA LEU F 18 -22.06 11.90 1.89
C LEU F 18 -22.00 13.28 2.54
N LEU F 19 -22.90 14.19 2.13
CA LEU F 19 -23.00 15.47 2.79
C LEU F 19 -23.34 15.31 4.26
N ALA F 20 -24.16 14.31 4.59
CA ALA F 20 -24.41 14.00 6.00
C ALA F 20 -23.13 13.53 6.68
N LEU F 21 -22.33 12.73 5.98
CA LEU F 21 -21.04 12.33 6.54
C LEU F 21 -20.12 13.53 6.74
N LEU F 22 -20.15 14.48 5.80
CA LEU F 22 -19.36 15.70 5.96
C LEU F 22 -19.81 16.47 7.20
N LEU F 23 -21.11 16.69 7.33
CA LEU F 23 -21.66 17.39 8.49
C LEU F 23 -21.26 16.68 9.78
N LEU F 24 -21.30 15.35 9.77
CA LEU F 24 -20.85 14.58 10.93
C LEU F 24 -19.37 14.76 11.19
N ALA F 25 -18.58 14.99 10.13
CA ALA F 25 -17.16 15.27 10.33
C ALA F 25 -16.97 16.62 11.01
N LEU F 26 -17.84 17.59 10.71
CA LEU F 26 -17.80 18.85 11.42
C LEU F 26 -18.66 18.83 12.69
N ARG F 27 -19.30 17.71 12.99
CA ARG F 27 -20.10 17.56 14.20
C ARG F 27 -19.26 17.24 15.41
N VAL F 28 -17.95 17.50 15.41
CA VAL F 28 -17.14 17.11 16.55
C VAL F 28 -17.34 18.15 17.64
N SER F 29 -18.34 17.91 18.49
CA SER F 29 -18.60 18.72 19.67
C SER F 29 -18.94 17.87 20.90
N GLY F 30 -19.25 16.60 20.72
CA GLY F 30 -19.60 15.74 21.84
C GLY F 30 -20.96 16.04 22.44
N LEU F 31 -21.88 16.61 21.66
CA LEU F 31 -23.17 17.03 22.17
C LEU F 31 -24.29 16.46 21.29
N SER F 32 -25.20 15.73 21.93
CA SER F 32 -26.52 15.47 21.35
C SER F 32 -27.64 16.07 22.18
N VAL F 33 -27.73 15.72 23.46
CA VAL F 33 -28.62 16.39 24.41
C VAL F 33 -27.84 16.65 25.69
N GLY F 34 -26.62 16.10 25.77
CA GLY F 34 -25.94 16.02 27.05
C GLY F 34 -24.96 17.15 27.30
N ASN F 35 -24.03 17.39 26.36
CA ASN F 35 -22.90 18.27 26.63
C ASN F 35 -23.33 19.70 26.94
N ALA F 36 -23.93 20.39 25.97
CA ALA F 36 -24.42 21.74 26.20
C ALA F 36 -25.82 22.00 25.67
N GLY F 37 -26.14 21.50 24.47
CA GLY F 37 -27.40 21.82 23.83
C GLY F 37 -27.36 23.22 23.23
N ASP F 38 -27.42 24.22 24.10
CA ASP F 38 -27.21 25.62 23.72
C ASP F 38 -26.49 26.28 24.89
N THR F 39 -25.17 26.32 24.80
CA THR F 39 -24.34 26.72 25.93
C THR F 39 -24.51 28.21 26.22
N TYR F 40 -23.84 28.66 27.28
CA TYR F 40 -23.98 30.03 27.75
C TYR F 40 -22.72 30.45 28.48
N LYS F 41 -22.36 31.74 28.32
CA LYS F 41 -21.07 32.22 28.77
C LYS F 41 -21.03 32.46 30.28
N VAL F 42 -19.82 32.44 30.84
CA VAL F 42 -19.56 33.00 32.15
C VAL F 42 -18.06 33.25 32.26
N TYR F 43 -17.69 34.15 33.17
CA TYR F 43 -16.30 34.56 33.34
C TYR F 43 -15.85 34.31 34.79
N ALA F 44 -14.55 34.17 34.95
CA ALA F 44 -13.97 33.98 36.29
C ALA F 44 -12.61 34.64 36.35
N TYR F 45 -12.26 35.16 37.53
CA TYR F 45 -10.99 35.84 37.76
C TYR F 45 -10.21 35.08 38.82
N PHE F 46 -9.14 34.41 38.39
CA PHE F 46 -8.24 33.70 39.30
C PHE F 46 -6.94 34.46 39.49
N ASP F 47 -6.22 34.08 40.54
CA ASP F 47 -4.89 34.62 40.80
C ASP F 47 -3.80 33.80 40.13
N ASN F 48 -4.10 32.56 39.75
CA ASN F 48 -3.15 31.70 39.05
C ASN F 48 -3.89 30.55 38.37
N ILE F 49 -3.68 30.39 37.06
CA ILE F 49 -4.43 29.42 36.29
C ILE F 49 -3.47 28.45 35.59
N ALA F 50 -2.38 28.11 36.28
CA ALA F 50 -1.23 27.40 35.73
C ALA F 50 -1.55 26.32 34.71
N GLY F 51 -2.52 25.47 35.00
CA GLY F 51 -2.73 24.29 34.18
C GLY F 51 -4.11 24.14 33.59
N VAL F 52 -4.72 25.23 33.15
CA VAL F 52 -6.12 25.18 32.72
C VAL F 52 -6.21 25.50 31.23
N THR F 53 -5.25 25.01 30.45
CA THR F 53 -5.24 25.21 29.01
C THR F 53 -6.63 24.98 28.41
N VAL F 54 -6.90 25.73 27.33
CA VAL F 54 -8.25 25.87 26.81
C VAL F 54 -8.87 24.52 26.50
N ARG F 55 -10.21 24.47 26.52
CA ARG F 55 -11.06 23.32 26.25
C ARG F 55 -11.05 22.32 27.39
N GLY F 56 -10.41 22.63 28.50
CA GLY F 56 -10.50 21.76 29.66
C GLY F 56 -11.91 21.71 30.22
N LYS F 57 -12.24 20.58 30.83
CA LYS F 57 -13.57 20.33 31.36
C LYS F 57 -13.77 21.13 32.63
N VAL F 58 -14.90 21.82 32.72
CA VAL F 58 -15.32 22.45 33.97
C VAL F 58 -16.26 21.51 34.69
N THR F 59 -16.26 21.56 36.01
CA THR F 59 -16.99 20.53 36.75
C THR F 59 -17.67 21.11 37.96
N LEU F 60 -18.94 20.77 38.13
CA LEU F 60 -19.65 20.97 39.38
C LEU F 60 -19.87 19.60 40.00
N ALA F 61 -19.49 19.46 41.28
CA ALA F 61 -19.60 18.18 41.98
C ALA F 61 -18.93 17.06 41.19
N GLY F 62 -17.95 17.42 40.38
CA GLY F 62 -17.24 16.44 39.56
C GLY F 62 -17.71 16.26 38.13
N VAL F 63 -19.02 16.16 37.92
CA VAL F 63 -19.52 15.96 36.56
C VAL F 63 -19.21 17.18 35.71
N THR F 64 -18.84 16.91 34.46
CA THR F 64 -18.54 18.01 33.54
C THR F 64 -19.78 18.86 33.29
N ILE F 65 -19.55 20.14 33.04
CA ILE F 65 -20.61 21.09 32.73
C ILE F 65 -20.37 21.73 31.36
N GLY F 66 -19.14 22.15 31.10
CA GLY F 66 -18.80 22.73 29.82
C GLY F 66 -17.30 22.74 29.64
N LYS F 67 -16.85 23.49 28.65
CA LYS F 67 -15.43 23.63 28.38
C LYS F 67 -15.02 25.09 28.56
N VAL F 68 -13.86 25.30 29.17
CA VAL F 68 -13.32 26.65 29.25
C VAL F 68 -13.00 27.12 27.83
N THR F 69 -13.67 28.20 27.42
CA THR F 69 -13.59 28.65 26.04
C THR F 69 -12.34 29.46 25.74
N ALA F 70 -11.82 30.20 26.72
CA ALA F 70 -10.62 31.00 26.47
C ALA F 70 -9.98 31.40 27.78
N VAL F 71 -8.72 31.79 27.69
CA VAL F 71 -7.96 32.31 28.81
C VAL F 71 -7.52 33.72 28.47
N ASP F 72 -7.36 34.55 29.50
CA ASP F 72 -7.05 35.96 29.30
C ASP F 72 -6.19 36.45 30.46
N LEU F 73 -5.18 37.25 30.13
CA LEU F 73 -4.39 37.96 31.13
C LEU F 73 -4.92 39.39 31.20
N ASP F 74 -5.70 39.69 32.23
CA ASP F 74 -6.31 41.02 32.28
C ASP F 74 -5.24 42.08 32.54
N ARG F 75 -4.94 42.88 31.51
CA ARG F 75 -3.83 43.82 31.54
C ARG F 75 -3.89 44.76 32.74
N ASP F 76 -5.07 44.90 33.33
CA ASP F 76 -5.21 45.80 34.48
C ASP F 76 -4.43 45.29 35.69
N SER F 77 -4.76 44.11 36.17
CA SER F 77 -4.14 43.56 37.37
C SER F 77 -3.31 42.31 37.09
N TYR F 78 -3.16 41.92 35.83
CA TYR F 78 -2.33 40.77 35.45
C TYR F 78 -2.80 39.49 36.13
N THR F 79 -4.11 39.34 36.26
CA THR F 79 -4.72 38.11 36.77
C THR F 79 -5.34 37.32 35.62
N GLY F 80 -5.83 36.12 35.95
CA GLY F 80 -6.34 35.25 34.92
C GLY F 80 -7.85 35.28 34.78
N ARG F 81 -8.33 35.95 33.75
CA ARG F 81 -9.75 35.95 33.43
C ARG F 81 -10.01 34.83 32.45
N VAL F 82 -10.66 33.78 32.91
CA VAL F 82 -11.02 32.68 32.02
C VAL F 82 -12.48 32.83 31.66
N THR F 83 -12.78 32.50 30.40
CA THR F 83 -14.13 32.53 29.86
C THR F 83 -14.54 31.11 29.57
N MET F 84 -15.59 30.64 30.25
CA MET F 84 -15.99 29.25 30.13
C MET F 84 -17.46 29.16 29.78
N GLU F 85 -17.78 28.14 29.01
CA GLU F 85 -19.14 27.87 28.55
C GLU F 85 -19.80 26.85 29.45
N ILE F 86 -21.11 27.01 29.65
CA ILE F 86 -21.88 26.20 30.58
C ILE F 86 -23.07 25.62 29.82
N ASN F 87 -23.39 24.36 30.13
CA ASN F 87 -24.51 23.68 29.48
C ASN F 87 -25.81 24.45 29.70
N GLN F 88 -26.73 24.29 28.76
CA GLN F 88 -28.01 24.98 28.81
C GLN F 88 -28.81 24.58 30.06
N ASN F 89 -29.11 23.29 30.17
CA ASN F 89 -30.00 22.80 31.22
C ASN F 89 -29.54 23.16 32.62
N VAL F 90 -28.24 23.17 32.88
CA VAL F 90 -27.74 23.53 34.20
C VAL F 90 -27.71 25.05 34.30
N ASN F 91 -28.70 25.61 34.99
CA ASN F 91 -28.81 27.06 35.12
C ASN F 91 -29.19 27.49 36.53
N ASN F 92 -29.14 26.59 37.51
CA ASN F 92 -29.49 26.91 38.88
C ASN F 92 -28.25 27.21 39.71
N LEU F 93 -27.15 27.57 39.06
CA LEU F 93 -25.89 27.81 39.74
C LEU F 93 -25.90 29.17 40.42
N PRO F 94 -25.96 29.23 41.75
CA PRO F 94 -26.03 30.51 42.43
C PRO F 94 -24.76 31.34 42.23
N VAL F 95 -24.88 32.64 42.48
CA VAL F 95 -23.74 33.53 42.27
C VAL F 95 -22.63 33.24 43.27
N ASP F 96 -22.99 32.95 44.51
CA ASP F 96 -21.95 32.71 45.50
C ASP F 96 -21.25 31.36 45.32
N SER F 97 -21.63 30.59 44.31
CA SER F 97 -20.91 29.38 43.94
C SER F 97 -19.50 29.76 43.50
N THR F 98 -18.50 29.46 44.32
CA THR F 98 -17.16 29.92 44.02
C THR F 98 -16.39 28.86 43.25
N ALA F 99 -15.40 29.30 42.48
CA ALA F 99 -14.65 28.41 41.60
C ALA F 99 -13.29 28.12 42.20
N SER F 100 -12.74 26.96 41.82
CA SER F 100 -11.41 26.59 42.25
C SER F 100 -10.84 25.60 41.25
N ILE F 101 -9.51 25.56 41.18
CA ILE F 101 -8.81 24.74 40.20
C ILE F 101 -8.39 23.45 40.88
N LEU F 102 -9.16 22.39 40.66
CA LEU F 102 -8.77 21.07 41.12
C LEU F 102 -7.80 20.46 40.12
N THR F 103 -7.21 19.32 40.48
CA THR F 103 -6.23 18.65 39.64
C THR F 103 -6.79 17.31 39.20
N ALA F 104 -6.64 17.01 37.91
CA ALA F 104 -7.16 15.76 37.35
C ALA F 104 -6.39 14.60 37.98
N GLY F 105 -7.06 13.86 38.87
CA GLY F 105 -6.42 12.76 39.55
C GLY F 105 -5.30 13.23 40.45
N LEU F 106 -4.06 12.94 40.06
CA LEU F 106 -2.90 13.47 40.75
C LEU F 106 -1.79 13.94 39.81
N LEU F 107 -1.92 13.72 38.51
CA LEU F 107 -0.91 14.19 37.56
C LEU F 107 -1.58 14.89 36.40
N GLY F 108 -2.82 14.53 36.12
CA GLY F 108 -3.52 15.07 34.96
C GLY F 108 -3.67 16.57 35.05
N GLU F 109 -3.75 17.20 33.87
CA GLU F 109 -3.76 18.66 33.79
C GLU F 109 -4.97 19.24 34.51
N LYS F 110 -4.80 20.46 35.01
CA LYS F 110 -5.75 21.04 35.94
C LYS F 110 -7.06 21.37 35.25
N TYR F 111 -8.17 21.06 35.91
CA TYR F 111 -9.50 21.41 35.45
C TYR F 111 -10.17 22.24 36.53
N ILE F 112 -11.02 23.18 36.11
CA ILE F 112 -11.65 24.06 37.09
C ILE F 112 -13.04 23.54 37.44
N GLY F 113 -13.42 23.76 38.68
CA GLY F 113 -14.73 23.35 39.15
C GLY F 113 -15.37 24.47 39.94
N ILE F 114 -16.68 24.35 40.12
CA ILE F 114 -17.44 25.33 40.88
C ILE F 114 -18.00 24.65 42.13
N SER F 115 -18.44 25.46 43.08
CA SER F 115 -18.92 24.95 44.36
C SER F 115 -20.10 25.80 44.81
N VAL F 116 -21.28 25.19 44.87
CA VAL F 116 -22.50 25.91 45.20
C VAL F 116 -22.37 26.47 46.60
N GLY F 117 -22.51 27.79 46.72
CA GLY F 117 -22.53 28.43 48.02
C GLY F 117 -23.94 28.59 48.52
N GLY F 118 -24.85 29.00 47.62
CA GLY F 118 -26.26 29.08 47.93
C GLY F 118 -26.75 30.49 48.21
N ASP F 119 -27.40 31.10 47.22
CA ASP F 119 -28.11 32.35 47.40
C ASP F 119 -29.19 32.45 46.32
N GLU F 120 -30.09 33.43 46.50
CA GLU F 120 -31.27 33.49 45.65
C GLU F 120 -30.91 33.84 44.21
N ASP F 121 -30.31 35.01 44.00
CA ASP F 121 -29.92 35.46 42.66
C ASP F 121 -28.96 34.45 42.02
N VAL F 122 -29.44 33.77 40.98
CA VAL F 122 -28.72 32.61 40.46
C VAL F 122 -27.50 33.03 39.65
N LEU F 123 -27.72 33.68 38.52
CA LEU F 123 -26.66 34.05 37.59
C LEU F 123 -27.28 34.86 36.46
N LYS F 124 -26.43 35.27 35.51
CA LYS F 124 -26.90 36.02 34.36
C LYS F 124 -26.38 35.49 33.02
N ASP F 125 -25.46 34.52 33.04
CA ASP F 125 -24.90 33.93 31.82
C ASP F 125 -24.33 35.03 30.91
N GLY F 126 -23.30 35.67 31.44
CA GLY F 126 -22.71 36.85 30.85
C GLY F 126 -22.13 37.65 31.99
N SER F 127 -22.56 37.29 33.20
CA SER F 127 -21.98 37.80 34.42
C SER F 127 -20.63 37.14 34.65
N THR F 128 -20.02 37.39 35.80
CA THR F 128 -18.74 36.80 36.14
C THR F 128 -18.78 36.30 37.57
N ILE F 129 -17.79 35.50 37.92
CA ILE F 129 -17.62 34.98 39.28
C ILE F 129 -16.56 35.82 39.97
N HIS F 130 -16.88 36.30 41.17
CA HIS F 130 -15.99 37.20 41.89
C HIS F 130 -14.95 36.47 42.72
N ASP F 131 -15.38 35.65 43.67
CA ASP F 131 -14.47 34.95 44.56
C ASP F 131 -14.03 33.62 43.96
N THR F 132 -12.85 33.17 44.37
CA THR F 132 -12.33 31.90 43.89
C THR F 132 -11.11 31.52 44.71
N GLN F 133 -10.72 30.26 44.59
CA GLN F 133 -9.49 29.74 45.19
C GLN F 133 -8.54 29.37 44.07
N SER F 134 -7.33 29.92 44.11
CA SER F 134 -6.38 29.76 43.02
C SER F 134 -5.91 28.32 42.91
N ALA F 135 -5.10 28.07 41.89
CA ALA F 135 -4.52 26.76 41.66
C ALA F 135 -3.22 26.62 42.44
N LEU F 136 -2.99 25.43 42.96
CA LEU F 136 -1.77 25.19 43.72
C LEU F 136 -0.56 25.14 42.80
N VAL F 137 0.62 25.17 43.41
CA VAL F 137 1.87 25.10 42.69
C VAL F 137 2.91 24.46 43.60
N LEU F 138 3.66 23.50 43.06
CA LEU F 138 4.60 22.75 43.87
C LEU F 138 5.73 23.62 44.39
N GLU F 139 5.71 24.91 44.08
CA GLU F 139 6.69 25.84 44.63
C GLU F 139 6.18 26.51 45.89
N ASP F 140 5.06 27.23 45.79
CA ASP F 140 4.51 27.89 46.97
C ASP F 140 4.22 26.89 48.09
N LEU F 141 3.82 25.68 47.72
CA LEU F 141 3.52 24.65 48.69
C LEU F 141 4.71 24.21 49.51
N ILE F 142 5.92 24.32 48.96
CA ILE F 142 7.11 23.90 49.71
C ILE F 142 7.96 25.12 50.01
N GLY F 143 7.79 26.17 49.22
CA GLY F 143 8.55 27.39 49.43
C GLY F 143 7.95 28.24 50.53
N LYS F 144 6.62 28.21 50.66
CA LYS F 144 5.93 28.96 51.69
C LYS F 144 5.36 28.10 52.79
N PHE F 145 5.48 26.77 52.70
CA PHE F 145 4.98 25.91 53.75
C PHE F 145 5.87 24.73 54.10
N LEU F 146 7.05 24.60 53.50
CA LEU F 146 8.04 23.63 53.96
C LEU F 146 9.33 24.30 54.38
N LEU F 147 9.84 25.24 53.58
CA LEU F 147 10.94 26.10 53.98
C LEU F 147 10.53 27.13 55.01
N ASN F 148 9.22 27.29 55.25
CA ASN F 148 8.70 28.34 56.11
C ASN F 148 8.69 27.97 57.58
N SER F 149 8.24 26.77 57.92
CA SER F 149 8.22 26.32 59.31
C SER F 149 9.24 25.23 59.61
N VAL F 150 9.74 24.54 58.59
CA VAL F 150 10.76 23.51 58.80
C VAL F 150 12.02 23.89 58.03
N SER G 5 -23.62 18.09 -18.62
CA SER G 5 -24.82 18.61 -17.96
C SER G 5 -24.81 18.26 -16.48
N PRO G 6 -25.06 19.27 -15.63
CA PRO G 6 -25.07 19.01 -14.18
C PRO G 6 -26.06 17.95 -13.76
N LEU G 7 -27.29 17.99 -14.30
CA LEU G 7 -28.24 16.92 -14.02
C LEU G 7 -27.76 15.59 -14.57
N GLU G 8 -27.20 15.59 -15.79
CA GLU G 8 -26.61 14.36 -16.29
C GLU G 8 -25.32 14.01 -15.57
N ARG G 9 -24.62 14.99 -14.99
CA ARG G 9 -23.48 14.68 -14.15
C ARG G 9 -23.92 13.90 -12.90
N ILE G 10 -25.00 14.34 -12.26
CA ILE G 10 -25.54 13.59 -11.14
C ILE G 10 -26.09 12.24 -11.60
N ARG G 11 -26.65 12.18 -12.81
CA ARG G 11 -27.06 10.91 -13.37
C ARG G 11 -25.89 9.94 -13.49
N LEU G 12 -24.76 10.44 -13.99
CA LEU G 12 -23.58 9.58 -14.15
C LEU G 12 -23.03 9.17 -12.80
N PHE G 13 -23.07 10.08 -11.81
CA PHE G 13 -22.62 9.72 -10.47
C PHE G 13 -23.49 8.62 -9.87
N GLY G 14 -24.81 8.77 -9.98
CA GLY G 14 -25.69 7.71 -9.50
C GLY G 14 -25.54 6.43 -10.27
N ARG G 15 -25.24 6.52 -11.57
CA ARG G 15 -24.98 5.34 -12.37
C ARG G 15 -23.76 4.60 -11.87
N ALA G 16 -22.67 5.33 -11.61
CA ALA G 16 -21.47 4.69 -11.06
C ALA G 16 -21.74 4.12 -9.68
N GLY G 17 -22.51 4.83 -8.86
CA GLY G 17 -22.81 4.33 -7.53
C GLY G 17 -23.60 3.04 -7.55
N LEU G 18 -24.59 2.95 -8.44
CA LEU G 18 -25.35 1.71 -8.55
C LEU G 18 -24.54 0.63 -9.24
N ASP G 19 -23.66 1.01 -10.17
CA ASP G 19 -22.76 0.06 -10.81
C ASP G 19 -21.84 -0.58 -9.79
N VAL G 20 -21.41 0.18 -8.78
CA VAL G 20 -20.53 -0.38 -7.76
C VAL G 20 -21.21 -1.50 -7.00
N VAL G 21 -22.46 -1.29 -6.56
CA VAL G 21 -23.13 -2.34 -5.81
C VAL G 21 -23.55 -3.48 -6.73
N ALA G 22 -23.88 -3.19 -7.99
CA ALA G 22 -24.16 -4.25 -8.95
C ALA G 22 -22.94 -5.12 -9.16
N ALA G 23 -21.76 -4.49 -9.29
CA ALA G 23 -20.53 -5.24 -9.46
C ALA G 23 -20.18 -6.03 -8.20
N LEU G 24 -20.49 -5.46 -7.04
CA LEU G 24 -20.25 -6.19 -5.79
C LEU G 24 -21.11 -7.44 -5.72
N GLY G 25 -22.39 -7.33 -6.12
CA GLY G 25 -23.25 -8.50 -6.15
C GLY G 25 -22.79 -9.53 -7.18
N ARG G 26 -22.42 -9.06 -8.37
CA ARG G 26 -21.86 -9.97 -9.37
C ARG G 26 -20.60 -10.64 -8.85
N SER G 27 -19.80 -9.93 -8.08
CA SER G 27 -18.55 -10.48 -7.56
C SER G 27 -18.81 -11.55 -6.52
N THR G 28 -19.77 -11.34 -5.63
CA THR G 28 -20.05 -12.37 -4.64
C THR G 28 -20.72 -13.57 -5.30
N LEU G 29 -21.54 -13.35 -6.33
CA LEU G 29 -22.06 -14.46 -7.11
C LEU G 29 -20.93 -15.26 -7.75
N PHE G 30 -19.96 -14.56 -8.32
CA PHE G 30 -18.82 -15.22 -8.95
C PHE G 30 -18.01 -16.00 -7.92
N LEU G 31 -17.81 -15.42 -6.74
CA LEU G 31 -17.07 -16.13 -5.69
C LEU G 31 -17.83 -17.37 -5.24
N GLY G 32 -19.14 -17.28 -5.13
CA GLY G 32 -19.94 -18.44 -4.78
C GLY G 32 -19.81 -19.54 -5.81
N HIS G 33 -19.96 -19.17 -7.09
CA HIS G 33 -19.81 -20.16 -8.15
C HIS G 33 -18.40 -20.72 -8.23
N ALA G 34 -17.42 -19.96 -7.74
CA ALA G 34 -16.03 -20.40 -7.83
C ALA G 34 -15.66 -21.36 -6.70
N LEU G 35 -16.08 -21.06 -5.48
CA LEU G 35 -15.61 -21.82 -4.32
C LEU G 35 -16.35 -23.15 -4.14
N LEU G 36 -17.65 -23.20 -4.45
CA LEU G 36 -18.40 -24.40 -4.12
C LEU G 36 -19.39 -24.83 -5.21
N GLY G 37 -19.09 -24.56 -6.48
CA GLY G 37 -19.99 -24.93 -7.55
C GLY G 37 -20.06 -26.42 -7.83
N ARG G 38 -18.98 -26.98 -8.36
CA ARG G 38 -18.95 -28.38 -8.77
C ARG G 38 -17.53 -28.75 -9.11
N ARG G 39 -17.26 -30.06 -9.11
CA ARG G 39 -15.93 -30.59 -9.38
C ARG G 39 -15.80 -30.82 -10.89
N THR G 40 -15.13 -29.90 -11.56
CA THR G 40 -14.93 -29.92 -13.01
C THR G 40 -13.87 -30.96 -13.39
N PRO G 41 -13.92 -31.48 -14.61
CA PRO G 41 -13.01 -32.57 -14.98
C PRO G 41 -11.54 -32.20 -14.89
N GLY G 42 -11.16 -30.99 -15.31
CA GLY G 42 -9.76 -30.62 -15.29
C GLY G 42 -9.22 -30.27 -13.92
N THR G 43 -10.10 -30.14 -12.93
CA THR G 43 -9.68 -29.69 -11.61
C THR G 43 -8.74 -30.69 -10.95
N GLY G 44 -7.80 -30.19 -10.18
CA GLY G 44 -6.89 -31.04 -9.42
C GLY G 44 -6.12 -30.21 -8.43
N LEU G 45 -5.34 -30.90 -7.58
CA LEU G 45 -4.54 -30.18 -6.60
C LEU G 45 -3.29 -29.56 -7.22
N HIS G 46 -2.81 -30.13 -8.33
CA HIS G 46 -1.65 -29.55 -9.00
C HIS G 46 -1.91 -28.10 -9.39
N LEU G 47 -3.15 -27.77 -9.70
CA LEU G 47 -3.53 -26.37 -9.92
C LEU G 47 -3.20 -25.54 -8.70
N LEU G 48 -3.69 -25.97 -7.53
CA LEU G 48 -3.43 -25.23 -6.31
C LEU G 48 -1.94 -25.11 -6.05
N VAL G 49 -1.16 -26.14 -6.36
CA VAL G 49 0.27 -26.07 -6.12
C VAL G 49 0.93 -25.05 -7.05
N LYS G 50 0.58 -25.10 -8.34
CA LYS G 50 1.14 -24.14 -9.28
C LYS G 50 0.80 -22.71 -8.88
N GLN G 51 -0.44 -22.48 -8.43
CA GLN G 51 -0.82 -21.12 -8.06
C GLN G 51 -0.14 -20.69 -6.77
N LEU G 52 -0.08 -21.58 -5.77
CA LEU G 52 0.69 -21.31 -4.56
C LEU G 52 2.12 -20.94 -4.87
N TYR G 53 2.68 -21.47 -5.96
CA TYR G 53 3.99 -21.00 -6.38
C TYR G 53 3.91 -19.64 -7.05
N SER G 54 2.85 -19.41 -7.83
CA SER G 54 2.75 -18.16 -8.57
C SER G 54 2.30 -17.01 -7.67
N VAL G 55 1.62 -17.32 -6.58
CA VAL G 55 1.08 -16.29 -5.71
C VAL G 55 1.92 -16.12 -4.46
N GLY G 56 2.25 -17.21 -3.77
CA GLY G 56 3.01 -17.11 -2.55
C GLY G 56 4.51 -17.10 -2.70
N VAL G 57 5.07 -18.16 -3.31
CA VAL G 57 6.52 -18.34 -3.29
C VAL G 57 7.21 -17.22 -4.04
N LEU G 58 6.63 -16.75 -5.14
CA LEU G 58 7.21 -15.61 -5.84
C LEU G 58 7.10 -14.35 -5.00
N SER G 59 6.09 -14.27 -4.13
CA SER G 59 5.89 -13.12 -3.26
C SER G 59 6.65 -13.26 -1.95
N LEU G 60 7.64 -14.14 -1.88
CA LEU G 60 8.38 -14.32 -0.63
C LEU G 60 9.48 -13.28 -0.50
N ALA G 61 10.23 -13.03 -1.57
CA ALA G 61 11.32 -12.06 -1.50
C ALA G 61 10.81 -10.69 -1.09
N ILE G 62 9.75 -10.22 -1.74
CA ILE G 62 9.20 -8.90 -1.43
C ILE G 62 8.76 -8.84 0.03
N ILE G 63 8.02 -9.86 0.48
CA ILE G 63 7.47 -9.80 1.83
C ILE G 63 8.56 -9.97 2.87
N VAL G 64 9.62 -10.73 2.58
CA VAL G 64 10.67 -10.94 3.56
C VAL G 64 11.55 -9.69 3.68
N VAL G 65 11.92 -9.10 2.54
CA VAL G 65 12.69 -7.86 2.62
C VAL G 65 11.86 -6.77 3.26
N SER G 66 10.55 -6.74 2.97
CA SER G 66 9.67 -5.79 3.65
C SER G 66 9.64 -6.03 5.15
N GLY G 67 9.56 -7.29 5.57
CA GLY G 67 9.56 -7.59 6.99
C GLY G 67 10.81 -7.09 7.67
N LEU G 68 11.97 -7.40 7.08
CA LEU G 68 13.23 -6.95 7.65
C LEU G 68 13.27 -5.43 7.74
N PHE G 69 12.89 -4.74 6.67
CA PHE G 69 13.00 -3.30 6.65
C PHE G 69 12.06 -2.65 7.65
N ILE G 70 10.79 -3.06 7.59
CA ILE G 70 9.73 -2.49 8.48
C ILE G 70 9.99 -2.87 9.95
N GLY G 71 10.68 -3.99 10.18
CA GLY G 71 11.02 -4.39 11.53
C GLY G 71 12.12 -3.54 12.12
N MET G 72 13.21 -3.36 11.36
CA MET G 72 14.26 -2.48 11.87
C MET G 72 13.80 -1.03 11.93
N VAL G 73 12.83 -0.67 11.10
CA VAL G 73 12.29 0.72 11.18
C VAL G 73 11.51 0.84 12.49
N LEU G 74 10.63 -0.13 12.77
CA LEU G 74 9.79 -0.13 13.99
C LEU G 74 10.69 -0.08 15.23
N ALA G 75 11.75 -0.89 15.25
CA ALA G 75 12.65 -0.92 16.40
C ALA G 75 13.42 0.40 16.52
N LEU G 76 14.16 0.77 15.49
CA LEU G 76 14.94 2.01 15.51
C LEU G 76 14.09 3.24 15.76
N GLN G 77 12.76 3.11 15.59
CA GLN G 77 11.87 4.27 15.85
C GLN G 77 11.44 4.22 17.33
N GLY G 78 10.95 3.08 17.80
CA GLY G 78 10.53 2.96 19.18
C GLY G 78 11.65 3.17 20.17
N TYR G 79 12.87 2.70 19.82
CA TYR G 79 14.00 2.91 20.70
C TYR G 79 14.23 4.40 20.95
N ASN G 80 14.05 5.23 19.93
CA ASN G 80 14.15 6.67 20.13
C ASN G 80 13.04 7.16 21.05
N ILE G 81 11.81 6.72 20.77
CA ILE G 81 10.61 7.14 21.56
C ILE G 81 10.72 6.61 23.00
N LEU G 82 11.27 5.41 23.18
CA LEU G 82 11.38 4.80 24.54
C LEU G 82 12.62 5.33 25.25
N ILE G 83 13.58 5.90 24.51
CA ILE G 83 14.79 6.40 25.17
C ILE G 83 14.43 7.51 26.14
N SER G 84 13.50 8.38 25.77
CA SER G 84 13.14 9.50 26.64
C SER G 84 12.46 9.00 27.90
N TYR G 85 11.73 7.89 27.81
CA TYR G 85 11.00 7.34 28.98
C TYR G 85 11.93 6.47 29.83
N GLY G 86 12.87 5.78 29.19
CA GLY G 86 13.83 4.94 29.88
C GLY G 86 13.54 3.46 29.83
N SER G 87 12.42 3.04 29.26
CA SER G 87 12.06 1.63 29.19
C SER G 87 12.55 0.97 27.91
N GLU G 88 13.68 1.41 27.36
CA GLU G 88 14.24 0.85 26.13
C GLU G 88 14.39 -0.66 26.22
N GLN G 89 14.57 -1.19 27.44
CA GLN G 89 14.70 -2.63 27.64
C GLN G 89 13.39 -3.34 27.30
N ALA G 90 12.35 -2.58 26.96
CA ALA G 90 11.07 -3.14 26.53
C ALA G 90 10.80 -2.92 25.05
N VAL G 91 11.81 -2.47 24.29
CA VAL G 91 11.63 -2.29 22.85
C VAL G 91 11.18 -3.58 22.19
N GLY G 92 11.72 -4.71 22.66
CA GLY G 92 11.29 -5.99 22.11
C GLY G 92 9.81 -6.23 22.25
N GLN G 93 9.20 -5.69 23.32
CA GLN G 93 7.77 -5.82 23.48
C GLN G 93 7.01 -4.98 22.47
N MET G 94 7.58 -3.83 22.13
CA MET G 94 6.93 -2.87 21.20
C MET G 94 6.77 -3.48 19.80
N VAL G 95 7.89 -3.85 19.15
CA VAL G 95 7.85 -4.36 17.79
C VAL G 95 7.02 -5.63 17.71
N ALA G 96 7.15 -6.52 18.70
CA ALA G 96 6.35 -7.74 18.70
C ALA G 96 4.88 -7.44 18.98
N LEU G 97 4.57 -6.20 19.37
CA LEU G 97 3.18 -5.86 19.63
C LEU G 97 2.56 -5.16 18.43
N THR G 98 3.29 -4.21 17.84
CA THR G 98 2.76 -3.44 16.69
C THR G 98 2.90 -4.24 15.39
N LEU G 99 4.07 -4.88 15.17
CA LEU G 99 4.33 -5.62 13.96
C LEU G 99 3.67 -7.00 13.98
N LEU G 100 2.79 -7.26 14.93
CA LEU G 100 2.20 -8.59 15.05
C LEU G 100 0.69 -8.51 15.18
N ARG G 101 0.17 -7.36 15.62
CA ARG G 101 -1.27 -7.20 15.77
C ARG G 101 -1.85 -6.12 14.88
N GLU G 102 -1.02 -5.16 14.44
CA GLU G 102 -1.57 -4.06 13.59
C GLU G 102 -0.73 -3.84 12.33
N LEU G 103 0.56 -3.50 12.49
CA LEU G 103 1.43 -3.18 11.33
C LEU G 103 1.86 -4.44 10.56
N GLY G 104 1.73 -5.63 11.16
CA GLY G 104 2.14 -6.82 10.46
C GLY G 104 1.19 -7.19 9.35
N PRO G 105 -0.04 -7.57 9.73
CA PRO G 105 -1.04 -7.90 8.71
C PRO G 105 -1.41 -6.74 7.82
N VAL G 106 -1.40 -5.50 8.32
CA VAL G 106 -1.78 -4.37 7.47
C VAL G 106 -0.75 -4.16 6.36
N VAL G 107 0.52 -4.17 6.71
CA VAL G 107 1.54 -3.95 5.69
C VAL G 107 1.63 -5.16 4.77
N THR G 108 1.47 -6.37 5.30
CA THR G 108 1.50 -7.51 4.39
C THR G 108 0.25 -7.59 3.54
N GLY G 109 -0.81 -6.86 3.90
CA GLY G 109 -1.95 -6.70 3.02
C GLY G 109 -1.65 -5.69 1.94
N LEU G 110 -1.20 -4.51 2.34
CA LEU G 110 -0.81 -3.48 1.38
C LEU G 110 0.26 -3.98 0.42
N LEU G 111 0.99 -5.03 0.77
CA LEU G 111 2.06 -5.55 -0.06
C LEU G 111 1.67 -6.80 -0.83
N PHE G 112 0.98 -7.74 -0.20
CA PHE G 112 0.49 -8.89 -0.94
C PHE G 112 -0.58 -8.50 -1.94
N ALA G 113 -1.33 -7.44 -1.64
CA ALA G 113 -2.27 -6.89 -2.61
C ALA G 113 -1.58 -6.03 -3.65
N GLY G 114 -0.29 -5.77 -3.48
CA GLY G 114 0.46 -5.04 -4.48
C GLY G 114 1.11 -5.97 -5.48
N ARG G 115 1.79 -7.01 -5.01
CA ARG G 115 2.36 -7.98 -5.92
C ARG G 115 1.33 -9.00 -6.38
N ALA G 116 0.83 -9.80 -5.46
CA ALA G 116 -0.12 -10.83 -5.88
C ALA G 116 -1.52 -10.35 -5.92
N GLY G 117 -1.75 -9.06 -5.69
CA GLY G 117 -3.05 -8.47 -5.88
C GLY G 117 -3.12 -7.82 -7.25
N SER G 118 -1.95 -7.56 -7.83
CA SER G 118 -1.90 -7.02 -9.18
C SER G 118 -1.47 -8.09 -10.17
N ALA G 119 -0.52 -8.95 -9.79
CA ALA G 119 -0.13 -10.04 -10.68
C ALA G 119 -1.31 -10.93 -10.99
N LEU G 120 -2.13 -11.26 -9.97
CA LEU G 120 -3.30 -12.10 -10.20
C LEU G 120 -4.26 -11.45 -11.17
N THR G 121 -4.60 -10.18 -10.92
CA THR G 121 -5.58 -9.52 -11.77
C THR G 121 -5.08 -9.38 -13.19
N ALA G 122 -3.84 -8.92 -13.36
CA ALA G 122 -3.28 -8.80 -14.70
C ALA G 122 -3.19 -10.15 -15.39
N GLU G 123 -2.87 -11.20 -14.64
CA GLU G 123 -2.71 -12.52 -15.23
C GLU G 123 -4.03 -13.04 -15.77
N ILE G 124 -5.05 -13.15 -14.90
CA ILE G 124 -6.29 -13.72 -15.40
C ILE G 124 -7.03 -12.73 -16.28
N GLY G 125 -6.67 -11.45 -16.22
CA GLY G 125 -7.19 -10.49 -17.17
C GLY G 125 -6.65 -10.77 -18.56
N ASN G 126 -5.32 -10.80 -18.70
CA ASN G 126 -4.70 -11.18 -19.96
C ASN G 126 -5.18 -12.54 -20.43
N MET G 127 -5.58 -13.40 -19.50
CA MET G 127 -6.24 -14.64 -19.89
C MET G 127 -7.57 -14.35 -20.57
N LYS G 128 -8.41 -13.55 -19.93
CA LYS G 128 -9.72 -13.24 -20.51
C LYS G 128 -9.60 -12.53 -21.85
N ALA G 129 -8.58 -11.71 -22.03
CA ALA G 129 -8.46 -10.88 -23.22
C ALA G 129 -7.68 -11.54 -24.35
N THR G 130 -7.17 -12.74 -24.14
CA THR G 130 -6.58 -13.52 -25.22
C THR G 130 -7.39 -14.77 -25.51
N GLU G 131 -8.61 -14.83 -24.99
CA GLU G 131 -9.59 -15.89 -25.24
C GLU G 131 -9.15 -17.20 -24.61
N GLN G 132 -7.97 -17.20 -23.98
CA GLN G 132 -7.54 -18.36 -23.21
C GLN G 132 -8.52 -18.70 -22.11
N LEU G 133 -9.25 -17.70 -21.61
CA LEU G 133 -10.22 -17.93 -20.56
C LEU G 133 -11.56 -18.35 -21.12
N SER G 134 -11.84 -17.97 -22.37
CA SER G 134 -13.08 -18.41 -23.00
C SER G 134 -12.91 -19.78 -23.65
N SER G 135 -11.76 -20.04 -24.25
CA SER G 135 -11.53 -21.32 -24.90
C SER G 135 -11.61 -22.48 -23.93
N LEU G 136 -11.55 -22.20 -22.62
CA LEU G 136 -11.73 -23.26 -21.65
C LEU G 136 -13.19 -23.69 -21.55
N GLU G 137 -14.11 -22.77 -21.85
CA GLU G 137 -15.52 -23.15 -21.81
C GLU G 137 -15.89 -24.04 -22.98
N MET G 138 -15.25 -23.85 -24.13
CA MET G 138 -15.51 -24.72 -25.26
C MET G 138 -15.06 -26.15 -25.00
N ILE G 139 -13.89 -26.32 -24.37
CA ILE G 139 -13.44 -27.66 -23.99
C ILE G 139 -14.30 -28.26 -22.89
N GLY G 140 -15.14 -27.45 -22.25
CA GLY G 140 -16.03 -27.93 -21.22
C GLY G 140 -15.60 -27.61 -19.81
N VAL G 141 -14.30 -27.43 -19.58
CA VAL G 141 -13.79 -27.12 -18.26
C VAL G 141 -14.31 -25.73 -17.87
N ASP G 142 -15.13 -25.67 -16.83
CA ASP G 142 -15.58 -24.39 -16.31
C ASP G 142 -14.36 -23.56 -15.90
N PRO G 143 -14.23 -22.33 -16.37
CA PRO G 143 -13.03 -21.56 -16.02
C PRO G 143 -12.96 -21.20 -14.54
N LEU G 144 -14.11 -20.95 -13.91
CA LEU G 144 -14.12 -20.61 -12.49
C LEU G 144 -13.41 -21.67 -11.67
N LYS G 145 -13.84 -22.91 -11.77
CA LYS G 145 -13.26 -23.99 -10.99
C LYS G 145 -11.90 -24.43 -11.49
N TYR G 146 -11.35 -23.78 -12.52
CA TYR G 146 -10.04 -24.14 -13.02
C TYR G 146 -9.07 -22.97 -13.07
N ILE G 147 -9.54 -21.78 -13.43
CA ILE G 147 -8.63 -20.65 -13.59
C ILE G 147 -8.59 -19.80 -12.35
N VAL G 148 -9.72 -19.61 -11.67
CA VAL G 148 -9.80 -18.70 -10.54
C VAL G 148 -9.87 -19.45 -9.22
N ALA G 149 -10.51 -20.62 -9.18
CA ALA G 149 -10.60 -21.35 -7.92
C ALA G 149 -9.22 -21.69 -7.34
N PRO G 150 -8.23 -22.13 -8.11
CA PRO G 150 -6.89 -22.25 -7.53
C PRO G 150 -6.27 -20.91 -7.17
N ARG G 151 -6.58 -19.82 -7.87
CA ARG G 151 -6.11 -18.52 -7.42
C ARG G 151 -6.69 -18.17 -6.05
N LEU G 152 -7.99 -18.34 -5.90
CA LEU G 152 -8.63 -18.03 -4.62
C LEU G 152 -8.06 -18.90 -3.52
N TRP G 153 -7.89 -20.20 -3.78
CA TRP G 153 -7.40 -21.09 -2.74
C TRP G 153 -5.91 -20.93 -2.50
N ALA G 154 -5.18 -20.31 -3.43
CA ALA G 154 -3.78 -20.00 -3.20
C ALA G 154 -3.58 -18.60 -2.66
N GLY G 155 -4.64 -17.81 -2.58
CA GLY G 155 -4.57 -16.55 -1.88
C GLY G 155 -5.07 -16.67 -0.46
N PHE G 156 -6.03 -17.56 -0.25
CA PHE G 156 -6.56 -17.78 1.10
C PHE G 156 -5.51 -18.38 2.02
N ILE G 157 -4.71 -19.32 1.51
CA ILE G 157 -3.77 -20.07 2.34
C ILE G 157 -2.32 -19.68 2.04
N SER G 158 -2.10 -18.52 1.44
CA SER G 158 -0.74 -18.01 1.27
C SER G 158 -0.54 -16.60 1.79
N MET G 159 -1.59 -15.85 2.03
CA MET G 159 -1.44 -14.55 2.67
C MET G 159 -1.25 -14.68 4.18
N PRO G 160 -2.00 -15.54 4.88
CA PRO G 160 -1.70 -15.72 6.31
C PRO G 160 -0.30 -16.23 6.57
N LEU G 161 0.17 -17.21 5.80
CA LEU G 161 1.54 -17.67 5.94
C LEU G 161 2.52 -16.55 5.63
N LEU G 162 2.20 -15.72 4.63
CA LEU G 162 3.06 -14.59 4.33
C LEU G 162 3.10 -13.61 5.50
N ALA G 163 1.97 -13.40 6.16
CA ALA G 163 1.93 -12.49 7.29
C ALA G 163 2.72 -13.04 8.48
N ALA G 164 2.61 -14.35 8.71
CA ALA G 164 3.41 -14.96 9.77
C ALA G 164 4.89 -14.83 9.49
N ILE G 165 5.31 -15.13 8.26
CA ILE G 165 6.72 -14.99 7.89
C ILE G 165 7.15 -13.54 8.00
N PHE G 166 6.27 -12.62 7.61
CA PHE G 166 6.59 -11.20 7.66
C PHE G 166 6.78 -10.74 9.10
N SER G 167 5.88 -11.15 9.99
CA SER G 167 6.01 -10.75 11.39
C SER G 167 7.23 -11.38 12.03
N VAL G 168 7.55 -12.63 11.68
CA VAL G 168 8.72 -13.28 12.26
C VAL G 168 9.98 -12.56 11.82
N VAL G 169 10.12 -12.31 10.51
CA VAL G 169 11.30 -11.61 10.03
C VAL G 169 11.36 -10.19 10.54
N GLY G 170 10.20 -9.53 10.74
CA GLY G 170 10.22 -8.18 11.27
C GLY G 170 10.67 -8.14 12.72
N ILE G 171 10.17 -9.07 13.53
CA ILE G 171 10.61 -9.16 14.91
C ILE G 171 12.11 -9.43 14.97
N TRP G 172 12.59 -10.38 14.16
CA TRP G 172 14.00 -10.72 14.19
C TRP G 172 14.86 -9.56 13.73
N GLY G 173 14.44 -8.88 12.66
CA GLY G 173 15.18 -7.73 12.18
C GLY G 173 15.01 -6.47 13.01
N GLY G 174 14.08 -6.49 13.95
CA GLY G 174 14.00 -5.42 14.92
C GLY G 174 14.98 -5.71 16.04
N ALA G 175 15.05 -6.99 16.44
CA ALA G 175 16.07 -7.40 17.39
C ALA G 175 17.46 -7.11 16.86
N MET G 176 17.71 -7.45 15.60
CA MET G 176 19.00 -7.27 14.94
C MET G 176 19.43 -5.82 14.86
N VAL G 177 18.59 -4.83 15.14
CA VAL G 177 19.00 -3.43 15.19
C VAL G 177 18.95 -2.89 16.61
N ALA G 178 17.98 -3.34 17.41
CA ALA G 178 17.97 -2.94 18.81
C ALA G 178 19.15 -3.53 19.57
N VAL G 179 19.54 -4.74 19.22
CA VAL G 179 20.59 -5.46 19.94
C VAL G 179 21.96 -5.13 19.39
N ASP G 180 22.22 -5.43 18.11
CA ASP G 180 23.56 -5.34 17.58
C ASP G 180 23.80 -4.03 16.83
N TRP G 181 22.89 -3.06 16.93
CA TRP G 181 23.12 -1.74 16.38
C TRP G 181 22.85 -0.62 17.37
N LEU G 182 21.91 -0.82 18.29
CA LEU G 182 21.63 0.16 19.33
C LEU G 182 21.91 -0.35 20.73
N GLY G 183 22.23 -1.63 20.88
CA GLY G 183 22.78 -2.13 22.13
C GLY G 183 21.86 -2.19 23.32
N VAL G 184 20.87 -3.08 23.27
CA VAL G 184 20.11 -3.44 24.46
C VAL G 184 20.36 -4.92 24.73
N TYR G 185 20.02 -5.35 25.96
CA TYR G 185 20.29 -6.72 26.36
C TYR G 185 19.41 -7.68 25.58
N GLU G 186 20.05 -8.51 24.75
CA GLU G 186 19.31 -9.46 23.92
C GLU G 186 18.40 -10.34 24.75
N GLY G 187 18.92 -10.89 25.84
CA GLY G 187 18.08 -11.66 26.73
C GLY G 187 16.91 -10.85 27.26
N SER G 188 17.17 -9.59 27.64
CA SER G 188 16.08 -8.72 28.07
C SER G 188 15.07 -8.51 26.95
N PHE G 189 15.56 -8.32 25.72
CA PHE G 189 14.69 -8.14 24.56
C PHE G 189 13.73 -9.32 24.46
N TRP G 190 14.27 -10.52 24.27
CA TRP G 190 13.43 -11.70 24.13
C TRP G 190 12.55 -11.95 25.34
N ALA G 191 13.06 -11.73 26.56
CA ALA G 191 12.29 -12.02 27.77
C ALA G 191 11.13 -11.07 27.95
N ASN G 192 11.39 -9.77 28.05
CA ASN G 192 10.31 -8.79 28.13
C ASN G 192 9.37 -8.92 26.94
N MET G 193 9.84 -9.46 25.81
CA MET G 193 8.95 -9.73 24.70
C MET G 193 7.93 -10.80 25.05
N GLN G 194 8.38 -11.94 25.56
CA GLN G 194 7.45 -13.05 25.74
C GLN G 194 6.70 -13.02 27.05
N ASN G 195 6.56 -11.86 27.68
CA ASN G 195 5.76 -11.74 28.89
C ASN G 195 4.55 -10.84 28.72
N SER G 196 4.43 -10.15 27.58
CA SER G 196 3.41 -9.12 27.44
C SER G 196 2.77 -9.13 26.05
N VAL G 197 2.63 -10.28 25.41
CA VAL G 197 1.99 -10.38 24.10
C VAL G 197 0.69 -11.16 24.16
N GLN G 198 0.56 -12.13 25.08
CA GLN G 198 -0.70 -12.82 25.33
C GLN G 198 -1.25 -13.44 24.04
N PHE G 199 -0.56 -14.50 23.60
CA PHE G 199 -0.78 -15.12 22.30
C PHE G 199 -2.25 -15.13 21.89
N THR G 200 -3.11 -15.66 22.75
CA THR G 200 -4.53 -15.78 22.45
C THR G 200 -5.22 -14.43 22.27
N GLU G 201 -4.52 -13.32 22.54
CA GLU G 201 -5.10 -12.00 22.38
C GLU G 201 -4.39 -11.13 21.35
N ASP G 202 -3.14 -11.43 21.01
CA ASP G 202 -2.43 -10.65 20.00
C ASP G 202 -1.98 -11.49 18.82
N VAL G 203 -1.38 -12.65 19.05
CA VAL G 203 -0.85 -13.43 17.93
C VAL G 203 -1.98 -14.01 17.10
N LEU G 204 -2.89 -14.74 17.74
CA LEU G 204 -4.04 -15.28 17.03
C LEU G 204 -4.94 -14.17 16.52
N ASN G 205 -4.98 -13.04 17.24
CA ASN G 205 -5.74 -11.89 16.75
C ASN G 205 -5.16 -11.38 15.44
N GLY G 206 -3.84 -11.25 15.36
CA GLY G 206 -3.22 -10.84 14.11
C GLY G 206 -3.40 -11.86 13.01
N VAL G 207 -3.40 -13.14 13.37
CA VAL G 207 -3.58 -14.17 12.36
C VAL G 207 -5.00 -14.11 11.79
N ILE G 208 -6.00 -13.88 12.63
CA ILE G 208 -7.36 -13.76 12.14
C ILE G 208 -7.53 -12.49 11.32
N LYS G 209 -6.95 -11.39 11.79
CA LYS G 209 -6.96 -10.14 11.04
C LYS G 209 -6.29 -10.31 9.69
N SER G 210 -5.31 -11.21 9.59
CA SER G 210 -4.66 -11.44 8.31
C SER G 210 -5.48 -12.37 7.42
N ILE G 211 -6.15 -13.35 8.02
CA ILE G 211 -6.99 -14.25 7.23
C ILE G 211 -8.14 -13.48 6.59
N VAL G 212 -8.69 -12.50 7.31
CA VAL G 212 -9.89 -11.84 6.80
C VAL G 212 -9.57 -11.02 5.55
N PHE G 213 -8.34 -10.49 5.49
CA PHE G 213 -7.84 -9.70 4.33
C PHE G 213 -7.46 -10.69 3.23
N ALA G 214 -6.81 -11.80 3.63
CA ALA G 214 -6.42 -12.86 2.67
C ALA G 214 -7.66 -13.26 1.87
N PHE G 215 -8.81 -13.34 2.55
CA PHE G 215 -10.05 -13.65 1.87
C PHE G 215 -10.53 -12.46 1.04
N VAL G 216 -10.39 -11.25 1.59
CA VAL G 216 -10.93 -10.06 0.91
C VAL G 216 -9.92 -9.41 -0.03
N VAL G 217 -8.68 -9.87 -0.05
CA VAL G 217 -7.74 -9.34 -1.04
C VAL G 217 -7.68 -10.27 -2.24
N THR G 218 -7.59 -11.58 -1.99
CA THR G 218 -7.56 -12.43 -3.17
C THR G 218 -8.90 -12.61 -3.80
N TRP G 219 -9.96 -12.05 -3.23
CA TRP G 219 -11.27 -12.10 -3.85
C TRP G 219 -11.50 -10.93 -4.78
N ILE G 220 -11.04 -9.74 -4.39
CA ILE G 220 -11.17 -8.58 -5.26
C ILE G 220 -9.95 -8.38 -6.13
N ALA G 221 -8.99 -9.29 -6.08
CA ALA G 221 -7.86 -9.28 -7.00
C ALA G 221 -8.02 -10.29 -8.12
N VAL G 222 -8.88 -11.29 -7.96
CA VAL G 222 -9.15 -12.25 -9.01
C VAL G 222 -10.48 -11.96 -9.69
N TYR G 223 -11.42 -11.35 -8.97
CA TYR G 223 -12.63 -10.89 -9.62
C TYR G 223 -12.34 -9.77 -10.59
N GLN G 224 -11.64 -8.73 -10.12
CA GLN G 224 -11.29 -7.58 -10.94
C GLN G 224 -10.47 -8.00 -12.16
N GLY G 225 -10.02 -9.24 -12.19
CA GLY G 225 -9.32 -9.75 -13.35
C GLY G 225 -10.22 -10.61 -14.20
N TYR G 226 -11.21 -11.25 -13.57
CA TYR G 226 -12.22 -12.00 -14.30
C TYR G 226 -13.30 -11.09 -14.87
N ASP G 227 -13.25 -9.79 -14.56
CA ASP G 227 -14.31 -8.88 -14.94
C ASP G 227 -13.82 -7.73 -15.82
N CYS G 228 -12.52 -7.55 -15.98
CA CYS G 228 -12.01 -6.47 -16.81
C CYS G 228 -12.40 -6.68 -18.26
N GLU G 229 -12.74 -5.57 -18.93
CA GLU G 229 -13.11 -5.66 -20.34
C GLU G 229 -11.91 -6.14 -21.16
N PRO G 230 -12.13 -6.99 -22.16
CA PRO G 230 -11.00 -7.68 -22.79
C PRO G 230 -10.20 -6.81 -23.74
N THR G 231 -9.26 -6.03 -23.20
CA THR G 231 -8.36 -5.27 -24.04
C THR G 231 -7.05 -5.04 -23.28
N SER G 232 -6.12 -4.35 -23.93
CA SER G 232 -4.81 -4.11 -23.33
C SER G 232 -4.85 -2.94 -22.37
N GLU G 233 -5.92 -2.15 -22.42
CA GLU G 233 -6.10 -1.02 -21.51
C GLU G 233 -7.08 -1.33 -20.40
N GLY G 234 -8.13 -2.10 -20.68
CA GLY G 234 -8.99 -2.57 -19.60
C GLY G 234 -8.22 -3.36 -18.57
N ILE G 235 -7.21 -4.10 -19.00
CA ILE G 235 -6.40 -4.87 -18.07
C ILE G 235 -5.48 -3.98 -17.27
N SER G 236 -4.84 -3.00 -17.92
CA SER G 236 -3.99 -2.06 -17.22
C SER G 236 -4.77 -1.13 -16.31
N ARG G 237 -6.08 -1.03 -16.49
CA ARG G 237 -6.95 -0.32 -15.57
C ARG G 237 -7.48 -1.21 -14.47
N ALA G 238 -7.67 -2.50 -14.75
CA ALA G 238 -8.07 -3.42 -13.70
C ALA G 238 -6.93 -3.72 -12.73
N THR G 239 -5.69 -3.81 -13.22
CA THR G 239 -4.58 -4.03 -12.31
C THR G 239 -4.23 -2.79 -11.50
N THR G 240 -5.01 -1.72 -11.63
CA THR G 240 -4.97 -0.57 -10.74
C THR G 240 -6.21 -0.46 -9.89
N ARG G 241 -7.38 -0.75 -10.46
CA ARG G 241 -8.58 -0.87 -9.66
C ARG G 241 -8.40 -1.90 -8.55
N THR G 242 -7.73 -3.00 -8.83
CA THR G 242 -7.55 -4.03 -7.81
C THR G 242 -6.57 -3.60 -6.74
N VAL G 243 -5.49 -2.92 -7.09
CA VAL G 243 -4.57 -2.43 -6.07
C VAL G 243 -5.25 -1.40 -5.19
N VAL G 244 -5.98 -0.46 -5.79
CA VAL G 244 -6.70 0.54 -5.02
C VAL G 244 -7.71 -0.12 -4.09
N TYR G 245 -8.60 -0.93 -4.64
CA TYR G 245 -9.65 -1.54 -3.84
C TYR G 245 -9.09 -2.48 -2.80
N ALA G 246 -7.97 -3.15 -3.08
CA ALA G 246 -7.41 -4.07 -2.11
C ALA G 246 -6.65 -3.38 -1.00
N SER G 247 -5.93 -2.30 -1.30
CA SER G 247 -5.36 -1.50 -0.21
C SER G 247 -6.47 -0.88 0.64
N LEU G 248 -7.51 -0.36 0.00
CA LEU G 248 -8.64 0.19 0.73
C LEU G 248 -9.31 -0.86 1.60
N ALA G 249 -9.45 -2.08 1.07
CA ALA G 249 -10.10 -3.14 1.83
C ALA G 249 -9.22 -3.61 2.98
N VAL G 250 -7.91 -3.75 2.75
CA VAL G 250 -7.00 -4.05 3.85
C VAL G 250 -7.17 -3.04 4.96
N LEU G 251 -7.09 -1.74 4.63
CA LEU G 251 -7.18 -0.71 5.66
C LEU G 251 -8.53 -0.74 6.37
N GLY G 252 -9.62 -0.76 5.60
CA GLY G 252 -10.94 -0.69 6.21
C GLY G 252 -11.26 -1.92 7.05
N LEU G 253 -11.04 -3.10 6.49
CA LEU G 253 -11.32 -4.31 7.25
C LEU G 253 -10.35 -4.49 8.41
N ASP G 254 -9.16 -3.91 8.36
CA ASP G 254 -8.31 -3.94 9.53
C ASP G 254 -8.84 -3.00 10.60
N PHE G 255 -9.37 -1.85 10.20
CA PHE G 255 -10.02 -0.97 11.15
C PHE G 255 -11.18 -1.67 11.85
N ILE G 256 -12.02 -2.33 11.07
CA ILE G 256 -13.12 -3.10 11.65
C ILE G 256 -12.57 -4.18 12.58
N LEU G 257 -11.70 -5.04 12.07
CA LEU G 257 -11.21 -6.18 12.83
C LEU G 257 -10.33 -5.79 14.01
N THR G 258 -9.93 -4.53 14.14
CA THR G 258 -9.29 -4.10 15.38
C THR G 258 -10.25 -3.38 16.31
N ALA G 259 -11.32 -2.78 15.78
CA ALA G 259 -12.38 -2.32 16.65
C ALA G 259 -13.19 -3.47 17.21
N LEU G 260 -13.18 -4.62 16.53
CA LEU G 260 -13.88 -5.79 17.03
C LEU G 260 -13.09 -6.46 18.15
N MET G 261 -11.78 -6.23 18.20
CA MET G 261 -10.95 -6.78 19.26
C MET G 261 -9.76 -5.85 19.44
N PHE G 262 -9.81 -5.00 20.45
CA PHE G 262 -8.79 -3.98 20.67
C PHE G 262 -7.41 -4.59 20.81
N SER H 5 20.03 -27.32 -15.25
CA SER H 5 21.49 -27.26 -15.29
C SER H 5 22.01 -26.18 -14.35
N PRO H 6 22.94 -26.56 -13.46
CA PRO H 6 23.46 -25.61 -12.48
C PRO H 6 24.24 -24.46 -13.12
N LEU H 7 25.16 -24.77 -14.02
CA LEU H 7 26.01 -23.75 -14.61
C LEU H 7 25.21 -22.74 -15.42
N GLU H 8 24.20 -23.19 -16.16
CA GLU H 8 23.35 -22.25 -16.90
C GLU H 8 22.50 -21.41 -15.97
N ARG H 9 22.07 -21.96 -14.84
CA ARG H 9 21.34 -21.16 -13.86
C ARG H 9 22.24 -20.09 -13.25
N ILE H 10 23.50 -20.42 -12.98
CA ILE H 10 24.43 -19.41 -12.48
C ILE H 10 24.72 -18.36 -13.54
N ARG H 11 24.83 -18.77 -14.81
CA ARG H 11 25.00 -17.81 -15.89
C ARG H 11 23.81 -16.85 -15.96
N LEU H 12 22.60 -17.39 -15.87
CA LEU H 12 21.41 -16.55 -15.89
C LEU H 12 21.33 -15.63 -14.68
N PHE H 13 21.75 -16.10 -13.50
CA PHE H 13 21.75 -15.25 -12.33
C PHE H 13 22.76 -14.12 -12.47
N GLY H 14 23.95 -14.41 -13.01
CA GLY H 14 24.90 -13.35 -13.28
C GLY H 14 24.40 -12.37 -14.33
N ARG H 15 23.70 -12.88 -15.34
CA ARG H 15 23.10 -12.00 -16.35
C ARG H 15 22.07 -11.08 -15.72
N ALA H 16 21.22 -11.60 -14.84
CA ALA H 16 20.23 -10.76 -14.17
C ALA H 16 20.90 -9.77 -13.23
N GLY H 17 21.99 -10.17 -12.59
CA GLY H 17 22.71 -9.25 -11.72
C GLY H 17 23.36 -8.12 -12.50
N LEU H 18 23.82 -8.40 -13.72
CA LEU H 18 24.35 -7.33 -14.56
C LEU H 18 23.21 -6.47 -15.11
N ASP H 19 22.06 -7.09 -15.38
CA ASP H 19 20.92 -6.33 -15.89
C ASP H 19 20.42 -5.32 -14.87
N VAL H 20 20.13 -5.77 -13.65
CA VAL H 20 19.57 -4.89 -12.64
C VAL H 20 20.53 -3.75 -12.33
N VAL H 21 21.83 -4.00 -12.35
CA VAL H 21 22.78 -2.91 -12.13
C VAL H 21 22.99 -2.07 -13.38
N ALA H 22 22.58 -2.57 -14.54
CA ALA H 22 22.57 -1.77 -15.76
C ALA H 22 21.24 -1.06 -15.96
N ALA H 23 20.13 -1.66 -15.54
CA ALA H 23 18.83 -1.00 -15.58
C ALA H 23 18.83 0.28 -14.75
N LEU H 24 19.32 0.21 -13.51
CA LEU H 24 19.47 1.41 -12.70
C LEU H 24 20.26 2.48 -13.45
N GLY H 25 21.28 2.06 -14.21
CA GLY H 25 22.01 3.02 -15.01
C GLY H 25 21.17 3.59 -16.14
N ARG H 26 20.48 2.72 -16.87
CA ARG H 26 19.59 3.19 -17.94
C ARG H 26 18.48 4.04 -17.36
N SER H 27 17.94 3.65 -16.21
CA SER H 27 16.89 4.44 -15.58
C SER H 27 17.39 5.81 -15.15
N THR H 28 18.63 5.87 -14.65
CA THR H 28 19.18 7.16 -14.26
C THR H 28 19.43 8.05 -15.47
N LEU H 29 19.95 7.48 -16.56
CA LEU H 29 20.12 8.26 -17.78
C LEU H 29 18.77 8.74 -18.31
N PHE H 30 17.74 7.90 -18.20
CA PHE H 30 16.41 8.29 -18.64
C PHE H 30 15.86 9.42 -17.78
N LEU H 31 16.05 9.34 -16.47
CA LEU H 31 15.63 10.42 -15.59
C LEU H 31 16.37 11.71 -15.93
N GLY H 32 17.68 11.61 -16.21
CA GLY H 32 18.43 12.79 -16.58
C GLY H 32 17.91 13.43 -17.84
N HIS H 33 17.71 12.62 -18.89
CA HIS H 33 17.15 13.14 -20.14
C HIS H 33 15.75 13.68 -19.94
N ALA H 34 15.03 13.19 -18.94
CA ALA H 34 13.64 13.58 -18.75
C ALA H 34 13.53 14.90 -18.00
N LEU H 35 14.42 15.14 -17.03
CA LEU H 35 14.22 16.29 -16.16
C LEU H 35 14.92 17.54 -16.67
N LEU H 36 16.12 17.43 -17.24
CA LEU H 36 16.85 18.63 -17.61
C LEU H 36 17.54 18.50 -18.96
N GLY H 37 16.88 17.88 -19.94
CA GLY H 37 17.48 17.78 -21.26
C GLY H 37 17.51 19.07 -22.04
N ARG H 38 16.34 19.53 -22.47
CA ARG H 38 16.20 20.75 -23.26
C ARG H 38 14.79 21.29 -23.01
N ARG H 39 14.32 22.16 -23.90
CA ARG H 39 12.92 22.59 -23.91
C ARG H 39 12.30 22.09 -25.19
N THR H 40 11.46 21.05 -25.08
CA THR H 40 10.82 20.48 -26.25
C THR H 40 9.77 21.45 -26.80
N PRO H 41 9.51 21.40 -28.11
CA PRO H 41 8.63 22.42 -28.70
C PRO H 41 7.19 22.37 -28.20
N GLY H 42 6.73 21.23 -27.72
CA GLY H 42 5.32 21.11 -27.39
C GLY H 42 4.99 21.15 -25.92
N THR H 43 5.99 21.37 -25.07
CA THR H 43 5.76 21.33 -23.64
C THR H 43 5.04 22.58 -23.14
N GLY H 44 4.92 22.68 -21.83
CA GLY H 44 4.25 23.80 -21.20
C GLY H 44 3.91 23.44 -19.77
N LEU H 45 2.95 24.19 -19.22
CA LEU H 45 2.46 23.88 -17.89
C LEU H 45 1.13 23.13 -17.93
N HIS H 46 0.41 23.23 -19.04
CA HIS H 46 -0.86 22.51 -19.17
C HIS H 46 -0.66 21.00 -19.01
N LEU H 47 0.47 20.49 -19.52
CA LEU H 47 0.77 19.07 -19.32
C LEU H 47 0.97 18.76 -17.85
N LEU H 48 1.72 19.61 -17.14
CA LEU H 48 1.93 19.38 -15.72
C LEU H 48 0.61 19.39 -14.97
N VAL H 49 -0.29 20.29 -15.34
CA VAL H 49 -1.60 20.34 -14.68
C VAL H 49 -2.40 19.08 -14.97
N LYS H 50 -2.42 18.67 -16.24
CA LYS H 50 -3.17 17.47 -16.61
C LYS H 50 -2.66 16.24 -15.86
N GLN H 51 -1.34 16.04 -15.83
CA GLN H 51 -0.82 14.86 -15.17
C GLN H 51 -0.84 14.98 -13.66
N LEU H 52 -0.94 16.21 -13.15
CA LEU H 52 -1.19 16.41 -11.73
C LEU H 52 -2.63 16.06 -11.38
N TYR H 53 -3.54 16.16 -12.33
CA TYR H 53 -4.90 15.71 -12.08
C TYR H 53 -4.97 14.19 -12.11
N SER H 54 -4.17 13.55 -12.95
CA SER H 54 -4.23 12.09 -13.05
C SER H 54 -3.47 11.44 -11.91
N VAL H 55 -2.35 12.02 -11.52
CA VAL H 55 -1.52 11.43 -10.46
C VAL H 55 -2.05 11.78 -9.08
N GLY H 56 -2.25 13.07 -8.79
CA GLY H 56 -2.67 13.47 -7.46
C GLY H 56 -4.16 13.50 -7.21
N VAL H 57 -4.90 14.31 -7.98
CA VAL H 57 -6.30 14.56 -7.65
C VAL H 57 -7.15 13.30 -7.81
N LEU H 58 -6.76 12.37 -8.68
CA LEU H 58 -7.47 11.10 -8.74
C LEU H 58 -7.05 10.17 -7.61
N SER H 59 -5.86 10.38 -7.05
CA SER H 59 -5.39 9.60 -5.90
C SER H 59 -5.70 10.29 -4.57
N LEU H 60 -6.74 11.11 -4.53
CA LEU H 60 -7.19 11.73 -3.30
C LEU H 60 -8.19 10.85 -2.56
N ALA H 61 -9.15 10.28 -3.30
CA ALA H 61 -10.17 9.46 -2.67
C ALA H 61 -9.64 8.17 -2.07
N ILE H 62 -8.39 7.82 -2.35
CA ILE H 62 -7.81 6.60 -1.78
C ILE H 62 -7.03 6.94 -0.52
N ILE H 63 -6.12 7.92 -0.60
CA ILE H 63 -5.27 8.17 0.55
C ILE H 63 -5.98 8.98 1.63
N VAL H 64 -7.04 9.72 1.30
CA VAL H 64 -7.80 10.40 2.35
C VAL H 64 -8.54 9.38 3.21
N VAL H 65 -9.24 8.44 2.58
CA VAL H 65 -9.92 7.41 3.33
C VAL H 65 -8.92 6.52 4.04
N SER H 66 -7.76 6.27 3.41
CA SER H 66 -6.71 5.53 4.08
C SER H 66 -6.21 6.27 5.32
N GLY H 67 -6.08 7.58 5.23
CA GLY H 67 -5.67 8.35 6.39
C GLY H 67 -6.69 8.25 7.51
N LEU H 68 -7.96 8.38 7.17
CA LEU H 68 -9.01 8.24 8.17
C LEU H 68 -8.94 6.87 8.85
N PHE H 69 -8.84 5.80 8.06
CA PHE H 69 -8.88 4.46 8.61
C PHE H 69 -7.64 4.16 9.45
N ILE H 70 -6.46 4.50 8.93
CA ILE H 70 -5.25 4.25 9.71
C ILE H 70 -5.16 5.15 10.93
N GLY H 71 -5.80 6.33 10.89
CA GLY H 71 -5.82 7.16 12.08
C GLY H 71 -6.65 6.54 13.18
N MET H 72 -7.88 6.13 12.86
CA MET H 72 -8.66 5.48 13.90
C MET H 72 -8.06 4.16 14.33
N VAL H 73 -7.34 3.47 13.44
CA VAL H 73 -6.65 2.26 13.85
C VAL H 73 -5.54 2.57 14.84
N LEU H 74 -4.72 3.57 14.50
CA LEU H 74 -3.56 3.95 15.35
C LEU H 74 -4.06 4.37 16.74
N ALA H 75 -5.16 5.12 16.80
CA ALA H 75 -5.69 5.55 18.09
C ALA H 75 -6.30 4.37 18.84
N LEU H 76 -7.26 3.68 18.23
CA LEU H 76 -7.93 2.55 18.86
C LEU H 76 -6.96 1.45 19.28
N GLN H 77 -5.74 1.48 18.74
CA GLN H 77 -4.74 0.45 19.12
C GLN H 77 -3.85 0.98 20.24
N GLY H 78 -3.22 2.14 20.05
CA GLY H 78 -2.33 2.65 21.09
C GLY H 78 -3.03 2.79 22.42
N TYR H 79 -4.25 3.34 22.41
CA TYR H 79 -5.02 3.46 23.64
C TYR H 79 -5.18 2.11 24.32
N ASN H 80 -5.35 1.05 23.54
CA ASN H 80 -5.45 -0.28 24.13
C ASN H 80 -4.14 -0.74 24.73
N ILE H 81 -3.03 -0.42 24.05
CA ILE H 81 -1.68 -0.81 24.56
C ILE H 81 -1.24 0.19 25.65
N LEU H 82 -1.96 1.30 25.79
CA LEU H 82 -1.59 2.31 26.83
C LEU H 82 -2.59 2.23 28.00
N ILE H 83 -3.76 1.61 27.80
CA ILE H 83 -4.69 1.51 28.92
C ILE H 83 -4.02 0.85 30.12
N SER H 84 -3.02 0.00 29.88
CA SER H 84 -2.29 -0.65 30.95
C SER H 84 -1.04 0.10 31.36
N TYR H 85 -0.82 1.29 30.80
CA TYR H 85 0.39 2.05 31.21
C TYR H 85 -0.04 3.24 32.08
N GLY H 86 -1.34 3.58 32.06
CA GLY H 86 -1.82 4.71 32.82
C GLY H 86 -1.80 6.03 32.09
N SER H 87 -1.04 6.11 30.98
CA SER H 87 -0.93 7.38 30.20
C SER H 87 -1.84 7.30 28.98
N GLU H 88 -3.16 7.22 29.19
CA GLU H 88 -4.09 7.16 28.07
C GLU H 88 -4.30 8.54 27.48
N GLN H 89 -3.57 9.53 27.98
CA GLN H 89 -3.60 10.87 27.44
C GLN H 89 -2.55 11.10 26.35
N ALA H 90 -1.52 10.25 26.36
CA ALA H 90 -0.42 10.34 25.36
C ALA H 90 -0.88 9.91 23.98
N VAL H 91 -2.14 9.48 23.84
CA VAL H 91 -2.66 9.07 22.53
C VAL H 91 -2.45 10.18 21.51
N GLY H 92 -2.66 11.42 21.92
CA GLY H 92 -2.37 12.54 21.04
C GLY H 92 -0.93 12.57 20.57
N GLN H 93 -0.01 12.30 21.51
CA GLN H 93 1.45 12.31 21.22
C GLN H 93 1.83 10.98 20.56
N MET H 94 0.85 10.28 20.00
CA MET H 94 1.10 8.98 19.31
C MET H 94 0.57 9.06 17.88
N VAL H 95 -0.75 9.24 17.74
CA VAL H 95 -1.38 9.34 16.43
C VAL H 95 -0.85 10.56 15.69
N ALA H 96 -0.02 11.36 16.35
CA ALA H 96 0.66 12.46 15.69
C ALA H 96 2.16 12.25 15.62
N LEU H 97 2.60 11.05 16.00
CA LEU H 97 4.03 10.66 15.93
C LEU H 97 4.19 9.48 14.97
N THR H 98 3.54 8.34 15.27
CA THR H 98 3.60 7.14 14.40
C THR H 98 3.05 7.47 13.01
N LEU H 99 1.92 8.17 12.98
CA LEU H 99 1.22 8.56 11.73
C LEU H 99 1.91 9.78 11.12
N LEU H 100 2.98 10.26 11.75
CA LEU H 100 3.73 11.42 11.20
C LEU H 100 5.19 11.04 11.01
N ARG H 101 5.82 10.50 12.06
CA ARG H 101 7.26 10.13 12.03
C ARG H 101 7.56 8.98 11.06
N GLU H 102 6.74 7.92 11.03
CA GLU H 102 7.10 6.77 10.15
C GLU H 102 5.93 6.19 9.35
N LEU H 103 4.89 5.69 10.03
CA LEU H 103 3.77 5.01 9.32
C LEU H 103 3.00 5.93 8.37
N GLY H 104 2.69 7.16 8.76
CA GLY H 104 1.90 8.03 7.86
C GLY H 104 2.62 8.35 6.56
N PRO H 105 3.91 8.77 6.59
CA PRO H 105 4.65 9.05 5.36
C PRO H 105 4.88 7.76 4.54
N VAL H 106 5.16 6.65 5.21
CA VAL H 106 5.44 5.34 4.53
C VAL H 106 4.17 4.81 3.85
N VAL H 107 3.07 4.67 4.60
CA VAL H 107 1.86 4.13 4.01
C VAL H 107 1.43 4.96 2.80
N THR H 108 1.70 6.27 2.83
CA THR H 108 1.40 7.07 1.64
C THR H 108 2.27 6.64 0.47
N GLY H 109 3.47 6.12 0.75
CA GLY H 109 4.29 5.56 -0.31
C GLY H 109 3.76 4.22 -0.79
N LEU H 110 3.51 3.31 0.15
CA LEU H 110 2.96 2.01 -0.18
C LEU H 110 1.64 2.10 -0.92
N LEU H 111 0.92 3.22 -0.80
CA LEU H 111 -0.37 3.38 -1.44
C LEU H 111 -0.33 4.24 -2.69
N PHE H 112 0.40 5.35 -2.66
CA PHE H 112 0.58 6.15 -3.87
C PHE H 112 1.27 5.34 -4.95
N ALA H 113 2.20 4.47 -4.56
CA ALA H 113 2.83 3.57 -5.50
C ALA H 113 2.00 2.41 -5.83
N GLY H 114 0.74 2.42 -5.41
CA GLY H 114 -0.20 1.40 -5.80
C GLY H 114 -1.29 1.95 -6.70
N ARG H 115 -1.69 3.20 -6.45
CA ARG H 115 -2.67 3.87 -7.29
C ARG H 115 -2.05 4.67 -8.41
N ALA H 116 -1.02 5.47 -8.12
CA ALA H 116 -0.36 6.27 -9.12
C ALA H 116 1.06 5.82 -9.40
N GLY H 117 1.48 4.68 -8.84
CA GLY H 117 2.72 4.06 -9.21
C GLY H 117 2.45 2.96 -10.20
N SER H 118 1.19 2.50 -10.22
CA SER H 118 0.78 1.50 -11.19
C SER H 118 0.02 2.11 -12.35
N ALA H 119 -0.97 2.97 -12.07
CA ALA H 119 -1.67 3.63 -13.17
C ALA H 119 -0.72 4.45 -14.03
N LEU H 120 0.31 5.03 -13.41
CA LEU H 120 1.27 5.80 -14.18
C LEU H 120 2.03 4.92 -15.16
N THR H 121 2.51 3.77 -14.68
CA THR H 121 3.29 2.90 -15.56
C THR H 121 2.41 2.23 -16.59
N ALA H 122 1.14 2.00 -16.27
CA ALA H 122 0.23 1.45 -17.26
C ALA H 122 -0.07 2.48 -18.33
N GLU H 123 -0.36 3.71 -17.93
CA GLU H 123 -0.69 4.76 -18.88
C GLU H 123 0.51 5.13 -19.74
N ILE H 124 1.72 4.96 -19.20
CA ILE H 124 2.92 5.29 -19.97
C ILE H 124 3.56 4.07 -20.62
N GLY H 125 3.03 2.88 -20.40
CA GLY H 125 3.47 1.70 -21.12
C GLY H 125 2.54 1.36 -22.26
N ASN H 126 1.24 1.39 -21.99
CA ASN H 126 0.27 1.21 -23.07
C ASN H 126 0.46 2.27 -24.15
N MET H 127 0.97 3.44 -23.78
CA MET H 127 1.37 4.43 -24.77
C MET H 127 2.46 3.86 -25.67
N LYS H 128 3.48 3.25 -25.07
CA LYS H 128 4.56 2.67 -25.86
C LYS H 128 4.06 1.50 -26.70
N ALA H 129 3.00 0.82 -26.26
CA ALA H 129 2.53 -0.36 -26.96
C ALA H 129 1.59 0.00 -28.10
N THR H 130 0.75 1.02 -27.90
CA THR H 130 -0.13 1.49 -28.95
C THR H 130 0.58 2.44 -29.91
N GLU H 131 1.90 2.51 -29.84
CA GLU H 131 2.77 3.29 -30.72
C GLU H 131 2.67 4.79 -30.47
N GLN H 132 1.96 5.19 -29.42
CA GLN H 132 1.84 6.61 -29.07
C GLN H 132 3.20 7.28 -29.02
N LEU H 133 4.07 6.80 -28.14
CA LEU H 133 5.38 7.42 -27.94
C LEU H 133 6.20 7.41 -29.20
N SER H 134 6.28 6.27 -29.88
CA SER H 134 7.03 6.21 -31.13
C SER H 134 6.43 7.14 -32.17
N SER H 135 5.13 7.42 -32.08
CA SER H 135 4.53 8.38 -32.99
C SER H 135 4.72 9.81 -32.53
N LEU H 136 5.40 10.03 -31.42
CA LEU H 136 5.67 11.39 -30.96
C LEU H 136 7.02 11.89 -31.46
N GLU H 137 7.96 10.98 -31.67
CA GLU H 137 9.26 11.40 -32.20
C GLU H 137 9.15 11.83 -33.66
N MET H 138 8.19 11.26 -34.40
CA MET H 138 8.01 11.65 -35.79
C MET H 138 7.39 13.04 -35.90
N ILE H 139 6.55 13.43 -34.93
CA ILE H 139 6.07 14.80 -34.90
C ILE H 139 7.18 15.75 -34.48
N GLY H 140 8.28 15.23 -33.95
CA GLY H 140 9.39 16.04 -33.52
C GLY H 140 9.45 16.30 -32.04
N VAL H 141 8.37 16.04 -31.32
CA VAL H 141 8.35 16.30 -29.88
C VAL H 141 9.12 15.19 -29.17
N ASP H 142 10.02 15.58 -28.27
CA ASP H 142 10.75 14.63 -27.45
C ASP H 142 9.76 13.93 -26.53
N PRO H 143 9.59 12.60 -26.64
CA PRO H 143 8.61 11.93 -25.77
C PRO H 143 8.94 12.02 -24.30
N LEU H 144 10.24 11.98 -23.96
CA LEU H 144 10.61 12.05 -22.56
C LEU H 144 10.14 13.34 -21.90
N LYS H 145 10.42 14.48 -22.52
CA LYS H 145 10.09 15.76 -21.91
C LYS H 145 8.67 16.22 -22.18
N TYR H 146 7.88 15.44 -22.92
CA TYR H 146 6.47 15.74 -23.10
C TYR H 146 5.56 14.75 -22.40
N ILE H 147 5.92 13.47 -22.40
CA ILE H 147 5.06 12.43 -21.84
C ILE H 147 5.46 12.06 -20.43
N VAL H 148 6.75 11.93 -20.16
CA VAL H 148 7.23 11.41 -18.89
C VAL H 148 7.69 12.52 -17.95
N ALA H 149 8.22 13.63 -18.48
CA ALA H 149 8.61 14.72 -17.60
C ALA H 149 7.43 15.30 -16.81
N PRO H 150 6.25 15.50 -17.39
CA PRO H 150 5.12 15.92 -16.55
C PRO H 150 4.70 14.87 -15.56
N ARG H 151 4.87 13.58 -15.86
CA ARG H 151 4.60 12.56 -14.84
C ARG H 151 5.56 12.71 -13.68
N LEU H 152 6.86 12.88 -13.97
CA LEU H 152 7.83 13.04 -12.91
C LEU H 152 7.52 14.28 -12.07
N TRP H 153 7.18 15.39 -12.71
CA TRP H 153 6.91 16.60 -11.95
C TRP H 153 5.57 16.54 -11.24
N ALA H 154 4.65 15.70 -11.71
CA ALA H 154 3.38 15.52 -11.01
C ALA H 154 3.48 14.47 -9.93
N GLY H 155 4.57 13.72 -9.89
CA GLY H 155 4.80 12.80 -8.79
C GLY H 155 5.66 13.42 -7.71
N PHE H 156 6.55 14.34 -8.11
CA PHE H 156 7.40 15.00 -7.14
C PHE H 156 6.62 15.95 -6.25
N ILE H 157 5.64 16.66 -6.82
CA ILE H 157 4.94 17.72 -6.11
C ILE H 157 3.53 17.31 -5.72
N SER H 158 3.18 16.04 -5.89
CA SER H 158 1.87 15.56 -5.45
C SER H 158 1.91 14.41 -4.47
N MET H 159 3.05 13.75 -4.29
CA MET H 159 3.14 12.78 -3.21
C MET H 159 3.39 13.46 -1.86
N PRO H 160 4.24 14.48 -1.74
CA PRO H 160 4.34 15.17 -0.45
C PRO H 160 3.03 15.79 0.02
N LEU H 161 2.29 16.43 -0.89
CA LEU H 161 0.97 16.93 -0.52
C LEU H 161 0.03 15.80 -0.13
N LEU H 162 0.15 14.66 -0.80
CA LEU H 162 -0.65 13.50 -0.41
C LEU H 162 -0.30 13.04 1.00
N ALA H 163 0.99 13.04 1.33
CA ALA H 163 1.40 12.61 2.67
C ALA H 163 0.92 13.59 3.72
N ALA H 164 0.99 14.88 3.43
CA ALA H 164 0.51 15.88 4.38
C ALA H 164 -0.99 15.73 4.61
N ILE H 165 -1.76 15.55 3.53
CA ILE H 165 -3.21 15.37 3.69
C ILE H 165 -3.51 14.07 4.42
N PHE H 166 -2.74 13.02 4.14
CA PHE H 166 -2.92 11.74 4.80
C PHE H 166 -2.67 11.88 6.30
N SER H 167 -1.60 12.57 6.67
CA SER H 167 -1.29 12.74 8.08
C SER H 167 -2.33 13.62 8.77
N VAL H 168 -2.82 14.66 8.09
CA VAL H 168 -3.84 15.51 8.71
C VAL H 168 -5.12 14.72 8.95
N VAL H 169 -5.57 13.96 7.95
CA VAL H 169 -6.80 13.21 8.14
C VAL H 169 -6.59 12.10 9.15
N GLY H 170 -5.39 11.52 9.22
CA GLY H 170 -5.14 10.50 10.22
C GLY H 170 -5.14 11.04 11.63
N ILE H 171 -4.53 12.21 11.82
CA ILE H 171 -4.55 12.86 13.13
C ILE H 171 -5.97 13.19 13.53
N TRP H 172 -6.76 13.72 12.59
CA TRP H 172 -8.13 14.08 12.94
C TRP H 172 -8.98 12.84 13.20
N GLY H 173 -8.73 11.74 12.51
CA GLY H 173 -9.45 10.52 12.79
C GLY H 173 -9.10 9.94 14.15
N GLY H 174 -7.79 9.93 14.46
CA GLY H 174 -7.36 9.51 15.78
C GLY H 174 -7.96 10.38 16.87
N ALA H 175 -8.14 11.67 16.59
CA ALA H 175 -8.83 12.53 17.55
C ALA H 175 -10.28 12.12 17.69
N MET H 176 -11.04 12.14 16.59
CA MET H 176 -12.44 11.78 16.60
C MET H 176 -12.72 10.46 17.31
N VAL H 177 -11.86 9.45 17.16
CA VAL H 177 -12.06 8.16 17.81
C VAL H 177 -11.46 8.14 19.21
N ALA H 178 -10.51 9.04 19.49
CA ALA H 178 -9.92 9.08 20.83
C ALA H 178 -10.83 9.81 21.80
N VAL H 179 -11.69 10.69 21.30
CA VAL H 179 -12.52 11.50 22.18
C VAL H 179 -13.95 10.96 22.23
N ASP H 180 -14.48 10.54 21.09
CA ASP H 180 -15.88 10.12 21.07
C ASP H 180 -16.10 8.79 21.78
N TRP H 181 -15.49 7.72 21.28
CA TRP H 181 -15.72 6.39 21.82
C TRP H 181 -14.74 6.00 22.91
N LEU H 182 -13.55 6.60 22.90
CA LEU H 182 -12.57 6.27 23.93
C LEU H 182 -12.68 7.16 25.15
N GLY H 183 -13.39 8.27 25.03
CA GLY H 183 -13.65 9.14 26.16
C GLY H 183 -12.45 9.87 26.72
N VAL H 184 -11.29 9.79 26.06
CA VAL H 184 -10.13 10.52 26.52
C VAL H 184 -10.43 12.01 26.50
N TYR H 185 -9.95 12.73 27.53
CA TYR H 185 -10.17 14.16 27.63
C TYR H 185 -9.58 14.88 26.42
N GLU H 186 -10.45 15.48 25.61
CA GLU H 186 -10.00 16.17 24.40
C GLU H 186 -8.95 17.22 24.72
N GLY H 187 -9.14 17.96 25.82
CA GLY H 187 -8.18 18.98 26.19
C GLY H 187 -6.79 18.43 26.39
N SER H 188 -6.64 17.44 27.28
CA SER H 188 -5.33 16.85 27.52
C SER H 188 -4.79 16.18 26.28
N PHE H 189 -5.67 15.60 25.46
CA PHE H 189 -5.25 14.96 24.21
C PHE H 189 -4.54 15.96 23.31
N TRP H 190 -5.24 17.01 22.88
CA TRP H 190 -4.63 17.99 22.01
C TRP H 190 -3.47 18.70 22.71
N ALA H 191 -3.52 18.80 24.04
CA ALA H 191 -2.44 19.47 24.75
C ALA H 191 -1.14 18.69 24.64
N ASN H 192 -1.15 17.43 25.07
CA ASN H 192 0.05 16.60 24.97
C ASN H 192 0.52 16.49 23.52
N MET H 193 -0.43 16.40 22.58
CA MET H 193 -0.04 16.33 21.17
C MET H 193 0.71 17.58 20.74
N GLN H 194 0.11 18.76 20.93
CA GLN H 194 0.76 19.99 20.53
C GLN H 194 2.08 20.20 21.26
N ASN H 195 2.18 19.72 22.50
CA ASN H 195 3.41 19.93 23.25
C ASN H 195 4.55 19.06 22.73
N SER H 196 4.38 17.75 22.76
CA SER H 196 5.46 16.83 22.44
C SER H 196 5.35 16.37 20.99
N VAL H 197 5.61 17.29 20.06
CA VAL H 197 5.65 16.91 18.65
C VAL H 197 6.93 17.42 17.98
N GLN H 198 7.52 18.48 18.51
CA GLN H 198 8.87 18.93 18.14
C GLN H 198 9.02 19.09 16.62
N PHE H 199 8.36 20.13 16.10
CA PHE H 199 8.22 20.35 14.66
C PHE H 199 9.48 20.01 13.88
N THR H 200 10.60 20.62 14.24
CA THR H 200 11.82 20.54 13.45
C THR H 200 12.39 19.13 13.36
N GLU H 201 11.92 18.20 14.19
CA GLU H 201 12.41 16.84 14.17
C GLU H 201 11.36 15.83 13.78
N ASP H 202 10.10 16.21 13.69
CA ASP H 202 9.04 15.29 13.29
C ASP H 202 8.30 15.72 12.04
N VAL H 203 7.81 16.96 11.99
CA VAL H 203 7.00 17.37 10.84
C VAL H 203 7.88 17.48 9.59
N LEU H 204 8.94 18.29 9.68
CA LEU H 204 9.85 18.41 8.55
C LEU H 204 10.56 17.11 8.26
N ASN H 205 10.79 16.28 9.28
CA ASN H 205 11.40 14.98 9.06
C ASN H 205 10.48 14.09 8.22
N GLY H 206 9.20 14.04 8.58
CA GLY H 206 8.24 13.30 7.78
C GLY H 206 8.12 13.84 6.37
N VAL H 207 8.22 15.17 6.23
CA VAL H 207 8.06 15.77 4.91
C VAL H 207 9.25 15.41 4.02
N ILE H 208 10.47 15.49 4.54
CA ILE H 208 11.61 15.11 3.71
C ILE H 208 11.61 13.61 3.45
N LYS H 209 11.14 12.85 4.45
CA LYS H 209 11.04 11.37 4.33
C LYS H 209 10.05 11.04 3.22
N SER H 210 9.04 11.89 3.02
CA SER H 210 8.05 11.68 1.98
C SER H 210 8.58 12.13 0.63
N ILE H 211 9.34 13.22 0.60
CA ILE H 211 9.90 13.69 -0.66
C ILE H 211 10.87 12.66 -1.22
N VAL H 212 11.61 11.98 -0.35
CA VAL H 212 12.59 10.99 -0.82
C VAL H 212 11.90 9.90 -1.63
N PHE H 213 10.98 9.16 -1.00
CA PHE H 213 10.28 8.12 -1.74
C PHE H 213 9.03 8.64 -2.44
N ALA H 214 8.97 9.95 -2.70
CA ALA H 214 8.22 10.47 -3.84
C ALA H 214 9.10 10.51 -5.08
N PHE H 215 10.26 11.15 -4.95
CA PHE H 215 11.24 11.17 -6.04
C PHE H 215 11.59 9.77 -6.49
N VAL H 216 11.59 8.81 -5.55
CA VAL H 216 12.02 7.47 -5.93
C VAL H 216 10.86 6.58 -6.33
N VAL H 217 9.63 6.92 -5.96
CA VAL H 217 8.48 6.14 -6.42
C VAL H 217 8.02 6.59 -7.80
N THR H 218 7.94 7.90 -8.05
CA THR H 218 7.54 8.35 -9.37
C THR H 218 8.63 8.09 -10.39
N TRP H 219 9.87 7.92 -9.95
CA TRP H 219 10.96 7.65 -10.87
C TRP H 219 10.88 6.24 -11.42
N ILE H 220 10.58 5.26 -10.56
CA ILE H 220 10.57 3.88 -11.02
C ILE H 220 9.17 3.47 -11.45
N ALA H 221 8.18 4.32 -11.21
CA ALA H 221 6.86 4.07 -11.79
C ALA H 221 6.82 4.56 -13.23
N VAL H 222 7.47 5.69 -13.52
CA VAL H 222 7.50 6.20 -14.87
C VAL H 222 8.45 5.39 -15.73
N TYR H 223 9.65 5.11 -15.21
CA TYR H 223 10.62 4.36 -16.00
C TYR H 223 10.13 2.97 -16.36
N GLN H 224 9.60 2.23 -15.39
CA GLN H 224 9.15 0.87 -15.64
C GLN H 224 8.06 0.81 -16.71
N GLY H 225 7.51 1.94 -17.10
CA GLY H 225 6.53 1.97 -18.16
C GLY H 225 7.11 2.51 -19.45
N TYR H 226 8.21 3.26 -19.34
CA TYR H 226 8.94 3.70 -20.52
C TYR H 226 9.88 2.63 -21.03
N ASP H 227 9.98 1.49 -20.35
CA ASP H 227 10.93 0.45 -20.72
C ASP H 227 10.29 -0.94 -20.79
N CYS H 228 8.97 -1.01 -20.91
CA CYS H 228 8.29 -2.29 -21.01
C CYS H 228 8.04 -2.63 -22.48
N GLU H 229 7.84 -3.93 -22.73
CA GLU H 229 7.60 -4.40 -24.09
C GLU H 229 6.21 -3.99 -24.56
N THR H 231 3.52 -4.98 -25.69
CA THR H 231 2.47 -5.99 -25.61
C THR H 231 1.73 -5.89 -24.29
N SER H 232 0.45 -6.33 -24.30
CA SER H 232 -0.36 -6.24 -23.09
C SER H 232 0.23 -7.08 -21.96
N GLU H 233 0.86 -8.19 -22.29
CA GLU H 233 1.49 -9.02 -21.27
C GLU H 233 2.73 -8.32 -20.72
N GLY H 234 3.39 -7.51 -21.53
CA GLY H 234 4.54 -6.77 -21.04
C GLY H 234 4.14 -5.70 -20.03
N ILE H 235 3.09 -4.95 -20.33
CA ILE H 235 2.64 -3.91 -19.41
C ILE H 235 2.00 -4.50 -18.17
N SER H 236 1.23 -5.58 -18.34
CA SER H 236 0.58 -6.22 -17.19
C SER H 236 1.62 -6.78 -16.23
N ARG H 237 2.84 -6.96 -16.70
CA ARG H 237 3.92 -7.40 -15.81
C ARG H 237 4.72 -6.21 -15.31
N ALA H 238 4.87 -5.17 -16.14
CA ALA H 238 5.63 -3.99 -15.71
C ALA H 238 4.91 -3.27 -14.59
N THR H 239 3.57 -3.32 -14.57
CA THR H 239 2.87 -2.66 -13.48
C THR H 239 3.07 -3.41 -12.16
N THR H 240 3.12 -4.74 -12.21
CA THR H 240 3.45 -5.49 -11.01
C THR H 240 4.90 -5.23 -10.60
N ARG H 241 5.80 -5.16 -11.56
CA ARG H 241 7.19 -4.89 -11.25
C ARG H 241 7.35 -3.53 -10.58
N THR H 242 6.62 -2.52 -11.03
CA THR H 242 6.79 -1.20 -10.43
C THR H 242 6.10 -1.12 -9.08
N VAL H 243 4.97 -1.80 -8.90
CA VAL H 243 4.36 -1.84 -7.57
C VAL H 243 5.33 -2.48 -6.57
N VAL H 244 5.95 -3.58 -6.96
CA VAL H 244 6.88 -4.27 -6.06
C VAL H 244 8.11 -3.42 -5.80
N TYR H 245 8.74 -2.92 -6.86
CA TYR H 245 9.95 -2.14 -6.68
C TYR H 245 9.69 -0.87 -5.90
N ALA H 246 8.51 -0.26 -6.06
CA ALA H 246 8.23 0.97 -5.35
C ALA H 246 7.84 0.74 -3.90
N SER H 247 7.14 -0.35 -3.57
CA SER H 247 6.99 -0.68 -2.17
C SER H 247 8.31 -1.00 -1.51
N LEU H 248 9.19 -1.73 -2.23
CA LEU H 248 10.52 -2.01 -1.69
C LEU H 248 11.34 -0.75 -1.50
N ALA H 249 11.29 0.19 -2.43
CA ALA H 249 12.04 1.42 -2.33
C ALA H 249 11.37 2.44 -1.42
N VAL H 250 10.11 2.21 -1.04
CA VAL H 250 9.53 2.98 0.05
C VAL H 250 10.03 2.48 1.38
N LEU H 251 9.99 1.16 1.59
CA LEU H 251 10.38 0.62 2.89
C LEU H 251 11.88 0.75 3.12
N GLY H 252 12.68 0.43 2.10
CA GLY H 252 14.12 0.52 2.23
C GLY H 252 14.58 1.95 2.45
N LEU H 253 14.02 2.88 1.68
CA LEU H 253 14.37 4.28 1.90
C LEU H 253 13.83 4.79 3.23
N ASP H 254 12.76 4.15 3.72
CA ASP H 254 12.22 4.52 5.05
C ASP H 254 13.27 4.14 6.09
N PHE H 255 13.81 2.91 5.99
CA PHE H 255 14.84 2.47 6.93
C PHE H 255 16.07 3.34 6.84
N ILE H 256 16.55 3.60 5.62
CA ILE H 256 17.78 4.34 5.45
C ILE H 256 17.62 5.77 5.96
N LEU H 257 16.45 6.37 5.72
CA LEU H 257 16.23 7.75 6.16
C LEU H 257 16.04 7.86 7.65
N THR H 258 15.21 7.01 8.25
CA THR H 258 15.02 7.05 9.68
C THR H 258 16.27 6.63 10.45
N ALA H 259 17.20 5.92 9.81
CA ALA H 259 18.48 5.66 10.44
C ALA H 259 19.33 6.93 10.50
N LEU H 260 19.19 7.80 9.50
CA LEU H 260 19.93 9.05 9.50
C LEU H 260 19.31 10.10 10.41
N MET H 261 18.05 9.95 10.79
CA MET H 261 17.41 10.89 11.72
C MET H 261 16.32 10.12 12.45
N PHE H 262 16.61 9.72 13.69
CA PHE H 262 15.67 8.95 14.49
C PHE H 262 14.39 9.74 14.73
N ALA I 6 -27.83 -34.53 -42.62
CA ALA I 6 -28.63 -33.32 -42.69
C ALA I 6 -27.75 -32.08 -42.67
N TYR I 7 -27.81 -31.32 -41.58
CA TYR I 7 -27.02 -30.12 -41.39
C TYR I 7 -26.22 -30.24 -40.10
N ALA I 8 -25.13 -29.47 -40.01
CA ALA I 8 -24.31 -29.50 -38.81
C ALA I 8 -24.89 -28.61 -37.71
N VAL I 9 -25.00 -27.32 -37.98
CA VAL I 9 -25.50 -26.34 -37.02
C VAL I 9 -26.72 -25.66 -37.60
N GLU I 10 -27.80 -25.62 -36.82
CA GLU I 10 -29.02 -24.93 -37.23
C GLU I 10 -29.50 -24.05 -36.09
N LEU I 11 -29.77 -22.79 -36.40
CA LEU I 11 -30.24 -21.81 -35.41
C LEU I 11 -31.57 -21.25 -35.91
N LYS I 12 -32.66 -21.94 -35.58
CA LYS I 12 -33.98 -21.54 -36.05
C LYS I 12 -34.57 -20.51 -35.07
N GLY I 13 -34.75 -19.29 -35.55
CA GLY I 13 -35.33 -18.23 -34.75
C GLY I 13 -34.55 -17.95 -33.48
N LEU I 14 -33.31 -17.54 -33.63
CA LEU I 14 -32.43 -17.28 -32.50
C LEU I 14 -32.13 -15.80 -32.40
N THR I 15 -31.93 -15.33 -31.17
CA THR I 15 -31.58 -13.94 -30.91
C THR I 15 -30.85 -13.87 -29.58
N PHE I 16 -30.15 -12.76 -29.37
CA PHE I 16 -29.33 -12.61 -28.18
C PHE I 16 -28.96 -11.15 -28.03
N LYS I 17 -28.93 -10.67 -26.78
CA LYS I 17 -28.61 -9.29 -26.47
C LYS I 17 -27.77 -9.24 -25.21
N ARG I 18 -27.04 -8.13 -25.06
CA ARG I 18 -26.14 -7.91 -23.93
C ARG I 18 -26.55 -6.63 -23.23
N GLY I 19 -27.33 -6.76 -22.16
CA GLY I 19 -27.81 -5.58 -21.46
C GLY I 19 -28.66 -4.68 -22.33
N SER I 20 -29.62 -5.25 -23.06
CA SER I 20 -30.49 -4.52 -23.97
C SER I 20 -29.69 -3.77 -25.03
N ARG I 21 -28.82 -4.51 -25.72
CA ARG I 21 -28.05 -3.97 -26.84
C ARG I 21 -28.42 -4.58 -28.17
N ALA I 22 -29.15 -5.70 -28.17
CA ALA I 22 -29.66 -6.35 -29.39
C ALA I 22 -28.51 -6.68 -30.34
N ILE I 23 -27.63 -7.58 -29.89
CA ILE I 23 -26.54 -8.04 -30.74
C ILE I 23 -27.09 -8.89 -31.88
N PHE I 24 -28.10 -9.70 -31.62
CA PHE I 24 -28.72 -10.52 -32.66
C PHE I 24 -30.22 -10.55 -32.42
N ASP I 25 -30.98 -10.33 -33.49
CA ASP I 25 -32.44 -10.31 -33.44
C ASP I 25 -32.99 -11.29 -34.47
N ASN I 26 -33.71 -12.30 -34.00
CA ASN I 26 -34.34 -13.34 -34.81
C ASN I 26 -33.48 -13.76 -35.99
N ILE I 27 -32.21 -14.03 -35.74
CA ILE I 27 -31.29 -14.45 -36.78
C ILE I 27 -31.47 -15.95 -37.03
N ASP I 28 -30.95 -16.41 -38.16
CA ASP I 28 -31.06 -17.80 -38.55
C ASP I 28 -29.89 -18.16 -39.44
N VAL I 29 -29.23 -19.27 -39.10
CA VAL I 29 -28.12 -19.80 -39.89
C VAL I 29 -28.27 -21.31 -39.99
N ARG I 30 -27.94 -21.85 -41.15
CA ARG I 30 -28.01 -23.28 -41.40
C ARG I 30 -26.71 -23.71 -42.06
N ILE I 31 -25.91 -24.50 -41.33
CA ILE I 31 -24.55 -24.84 -41.75
C ILE I 31 -24.58 -26.22 -42.39
N PRO I 32 -24.01 -26.40 -43.57
CA PRO I 32 -24.00 -27.73 -44.20
C PRO I 32 -22.82 -28.58 -43.75
N ARG I 33 -23.07 -29.80 -43.31
CA ARG I 33 -22.01 -30.69 -42.87
C ARG I 33 -21.08 -31.02 -44.03
N GLY I 34 -19.78 -30.94 -43.78
CA GLY I 34 -18.78 -31.28 -44.75
C GLY I 34 -18.20 -30.11 -45.51
N LYS I 35 -18.88 -28.97 -45.52
CA LYS I 35 -18.48 -27.82 -46.30
C LYS I 35 -17.97 -26.70 -45.39
N VAL I 36 -17.05 -25.90 -45.91
CA VAL I 36 -16.45 -24.83 -45.12
C VAL I 36 -17.29 -23.57 -45.26
N THR I 37 -18.32 -23.45 -44.45
CA THR I 37 -19.11 -22.22 -44.45
C THR I 37 -18.33 -21.10 -43.75
N GLY I 38 -18.64 -19.87 -44.11
CA GLY I 38 -17.97 -18.75 -43.50
C GLY I 38 -18.88 -17.57 -43.25
N ILE I 39 -18.96 -17.11 -42.01
CA ILE I 39 -19.73 -15.92 -41.71
C ILE I 39 -18.76 -14.75 -41.56
N MET I 40 -19.27 -13.55 -41.81
CA MET I 40 -18.45 -12.35 -41.73
C MET I 40 -19.35 -11.13 -41.77
N GLY I 41 -18.77 -9.98 -41.47
CA GLY I 41 -19.51 -8.74 -41.45
C GLY I 41 -18.67 -7.56 -41.02
N PRO I 42 -19.26 -6.37 -41.08
CA PRO I 42 -18.51 -5.15 -40.75
C PRO I 42 -18.01 -5.15 -39.31
N SER I 43 -17.15 -4.18 -39.02
CA SER I 43 -16.53 -4.06 -37.70
C SER I 43 -17.61 -3.76 -36.68
N GLY I 44 -17.86 -4.72 -35.79
CA GLY I 44 -18.79 -4.52 -34.69
C GLY I 44 -20.12 -5.23 -34.82
N CYS I 45 -20.29 -6.14 -35.78
CA CYS I 45 -21.54 -6.89 -35.90
C CYS I 45 -21.56 -8.09 -34.97
N GLY I 46 -20.47 -8.37 -34.27
CA GLY I 46 -20.43 -9.50 -33.35
C GLY I 46 -20.45 -10.86 -34.01
N LYS I 47 -19.68 -11.04 -35.09
CA LYS I 47 -19.51 -12.38 -35.65
C LYS I 47 -19.02 -13.35 -34.61
N THR I 48 -18.01 -12.94 -33.84
CA THR I 48 -17.50 -13.77 -32.76
C THR I 48 -18.62 -14.11 -31.78
N THR I 49 -19.57 -13.20 -31.57
CA THR I 49 -20.70 -13.51 -30.71
C THR I 49 -21.57 -14.62 -31.29
N LEU I 50 -21.75 -14.65 -32.62
CA LEU I 50 -22.44 -15.78 -33.22
C LEU I 50 -21.61 -17.05 -33.12
N LEU I 51 -20.29 -16.90 -33.04
CA LEU I 51 -19.42 -18.06 -32.88
C LEU I 51 -19.70 -18.78 -31.57
N ARG I 52 -19.66 -18.04 -30.46
CA ARG I 52 -19.77 -18.67 -29.15
C ARG I 52 -21.16 -19.21 -28.87
N LEU I 53 -22.18 -18.78 -29.61
CA LEU I 53 -23.52 -19.32 -29.41
C LEU I 53 -23.58 -20.78 -29.82
N ILE I 54 -23.09 -21.10 -31.01
CA ILE I 54 -23.08 -22.49 -31.47
C ILE I 54 -22.09 -23.35 -30.70
N ALA I 55 -21.22 -22.73 -29.90
CA ALA I 55 -20.30 -23.47 -29.05
C ALA I 55 -20.78 -23.56 -27.61
N SER I 56 -21.98 -23.09 -27.31
CA SER I 56 -22.54 -23.11 -25.96
C SER I 56 -21.59 -22.44 -24.96
N GLN I 57 -20.91 -21.40 -25.42
CA GLN I 57 -20.13 -20.57 -24.49
C GLN I 57 -20.97 -19.40 -23.99
N LEU I 58 -21.97 -18.99 -24.76
CA LEU I 58 -22.88 -17.92 -24.39
C LEU I 58 -24.30 -18.43 -24.55
N ARG I 59 -25.15 -18.15 -23.58
CA ARG I 59 -26.51 -18.66 -23.60
C ARG I 59 -27.39 -17.82 -24.50
N PRO I 60 -28.14 -18.42 -25.42
CA PRO I 60 -29.04 -17.62 -26.26
C PRO I 60 -30.24 -17.13 -25.47
N SER I 61 -30.64 -15.89 -25.75
CA SER I 61 -31.80 -15.32 -25.07
C SER I 61 -33.05 -16.14 -25.38
N LYS I 62 -33.27 -16.46 -26.65
CA LYS I 62 -34.35 -17.36 -27.05
C LYS I 62 -34.01 -17.96 -28.40
N GLY I 63 -34.44 -19.20 -28.59
CA GLY I 63 -34.17 -19.96 -29.79
C GLY I 63 -33.64 -21.33 -29.42
N GLU I 64 -33.16 -22.05 -30.44
CA GLU I 64 -32.57 -23.36 -30.22
C GLU I 64 -31.46 -23.57 -31.24
N VAL I 65 -30.44 -24.34 -30.85
CA VAL I 65 -29.23 -24.51 -31.65
C VAL I 65 -29.06 -26.00 -31.90
N TRP I 66 -29.59 -26.50 -33.01
CA TRP I 66 -29.41 -27.91 -33.36
C TRP I 66 -27.98 -28.13 -33.81
N VAL I 67 -27.14 -28.63 -32.90
CA VAL I 67 -25.74 -28.90 -33.20
C VAL I 67 -25.58 -30.40 -33.35
N ASN I 68 -25.26 -30.85 -34.55
CA ASN I 68 -25.07 -32.28 -34.83
C ASN I 68 -26.25 -33.11 -34.34
N GLY I 69 -27.45 -32.56 -34.48
CA GLY I 69 -28.63 -33.22 -33.98
C GLY I 69 -29.36 -32.41 -32.93
N GLN I 70 -29.42 -32.95 -31.72
CA GLN I 70 -30.15 -32.33 -30.61
C GLN I 70 -29.63 -30.92 -30.32
N ASN I 71 -30.48 -30.08 -29.73
CA ASN I 71 -30.11 -28.70 -29.44
C ASN I 71 -29.34 -28.63 -28.13
N LEU I 72 -28.43 -27.67 -28.04
CA LEU I 72 -27.51 -27.55 -26.91
C LEU I 72 -28.14 -26.95 -25.66
N PRO I 73 -28.76 -25.75 -25.73
CA PRO I 73 -29.18 -25.09 -24.49
C PRO I 73 -30.31 -25.80 -23.74
N GLN I 74 -30.76 -26.94 -24.26
CA GLN I 74 -31.79 -27.74 -23.60
C GLN I 74 -31.24 -29.09 -23.15
N LEU I 75 -29.97 -29.13 -22.76
CA LEU I 75 -29.32 -30.34 -22.29
C LEU I 75 -28.79 -30.14 -20.88
N SER I 76 -28.73 -31.23 -20.12
CA SER I 76 -28.06 -31.21 -18.84
C SER I 76 -26.55 -31.12 -19.06
N ARG I 77 -25.85 -30.62 -18.04
CA ARG I 77 -24.39 -30.55 -18.13
C ARG I 77 -23.79 -31.92 -18.37
N GLY I 78 -24.43 -32.98 -17.85
CA GLY I 78 -23.94 -34.33 -18.09
C GLY I 78 -23.99 -34.73 -19.56
N ASP I 79 -24.76 -34.01 -20.37
CA ASP I 79 -24.81 -34.25 -21.80
C ASP I 79 -24.18 -33.12 -22.61
N LEU I 80 -24.28 -31.88 -22.13
CA LEU I 80 -23.61 -30.77 -22.81
C LEU I 80 -22.09 -30.94 -22.77
N PHE I 81 -21.58 -31.39 -21.62
CA PHE I 81 -20.14 -31.63 -21.52
C PHE I 81 -19.70 -32.73 -22.47
N ASP I 82 -20.57 -33.69 -22.76
CA ASP I 82 -20.23 -34.72 -23.73
C ASP I 82 -20.36 -34.21 -25.15
N MET I 83 -21.31 -33.30 -25.39
CA MET I 83 -21.41 -32.68 -26.71
C MET I 83 -20.22 -31.78 -26.99
N ARG I 84 -19.55 -31.29 -25.94
CA ARG I 84 -18.31 -30.54 -26.14
C ARG I 84 -17.28 -31.33 -26.91
N LYS I 85 -17.35 -32.67 -26.87
CA LYS I 85 -16.43 -33.50 -27.63
C LYS I 85 -16.65 -33.38 -29.13
N GLN I 86 -17.82 -32.90 -29.56
CA GLN I 86 -18.13 -32.90 -30.99
C GLN I 86 -17.39 -31.80 -31.73
N PHE I 87 -17.09 -30.69 -31.08
CA PHE I 87 -16.51 -29.55 -31.79
C PHE I 87 -15.37 -28.94 -31.01
N GLY I 88 -14.38 -28.44 -31.74
CA GLY I 88 -13.36 -27.58 -31.19
C GLY I 88 -13.56 -26.14 -31.61
N VAL I 89 -12.53 -25.32 -31.39
CA VAL I 89 -12.53 -23.94 -31.81
C VAL I 89 -11.10 -23.55 -32.18
N LEU I 90 -10.95 -22.34 -32.70
CA LEU I 90 -9.63 -21.77 -32.94
C LEU I 90 -9.76 -20.26 -32.88
N PHE I 91 -9.36 -19.67 -31.76
CA PHE I 91 -9.33 -18.23 -31.62
C PHE I 91 -8.04 -17.67 -32.20
N GLN I 92 -8.13 -16.51 -32.84
CA GLN I 92 -6.91 -15.87 -33.30
C GLN I 92 -6.03 -15.55 -32.10
N SER I 93 -4.73 -15.36 -32.38
CA SER I 93 -3.69 -15.36 -31.37
C SER I 93 -3.64 -16.67 -30.59
N GLY I 94 -4.19 -17.73 -31.17
CA GLY I 94 -4.08 -19.06 -30.62
C GLY I 94 -4.96 -19.34 -29.43
N ALA I 95 -4.94 -18.44 -28.45
CA ALA I 95 -5.54 -18.69 -27.13
C ALA I 95 -4.94 -19.96 -26.52
N LEU I 96 -3.64 -19.88 -26.30
CA LEU I 96 -2.86 -20.96 -25.71
C LEU I 96 -2.79 -20.78 -24.20
N PHE I 97 -2.77 -21.90 -23.48
CA PHE I 97 -2.61 -21.86 -22.03
C PHE I 97 -1.15 -21.54 -21.70
N THR I 98 -0.92 -20.38 -21.08
CA THR I 98 0.44 -20.00 -20.73
C THR I 98 1.01 -20.85 -19.59
N ASP I 99 0.15 -21.50 -18.82
CA ASP I 99 0.63 -22.35 -17.72
C ASP I 99 1.27 -23.64 -18.23
N LEU I 100 0.84 -24.14 -19.39
CA LEU I 100 1.27 -25.43 -19.87
C LEU I 100 2.14 -25.27 -21.11
N ASP I 101 3.17 -26.10 -21.22
CA ASP I 101 3.97 -26.13 -22.43
C ASP I 101 3.17 -26.77 -23.56
N VAL I 102 3.76 -26.74 -24.75
CA VAL I 102 3.01 -27.08 -25.96
C VAL I 102 2.38 -28.46 -25.87
N PHE I 103 3.11 -29.44 -25.36
CA PHE I 103 2.59 -30.80 -25.35
C PHE I 103 1.34 -30.91 -24.49
N GLU I 104 1.40 -30.40 -23.26
CA GLU I 104 0.20 -30.39 -22.44
C GLU I 104 -0.86 -29.46 -23.03
N ASN I 105 -0.42 -28.42 -23.74
CA ASN I 105 -1.37 -27.49 -24.35
C ASN I 105 -2.23 -28.19 -25.39
N VAL I 106 -1.64 -29.12 -26.14
CA VAL I 106 -2.40 -29.87 -27.13
C VAL I 106 -3.03 -31.13 -26.55
N ALA I 107 -2.54 -31.59 -25.39
CA ALA I 107 -3.14 -32.75 -24.77
C ALA I 107 -4.31 -32.39 -23.88
N PHE I 108 -4.48 -31.11 -23.56
CA PHE I 108 -5.50 -30.68 -22.61
C PHE I 108 -6.89 -31.20 -22.96
N PRO I 109 -7.37 -31.04 -24.19
CA PRO I 109 -8.71 -31.59 -24.49
C PRO I 109 -8.78 -33.09 -24.34
N LEU I 110 -7.65 -33.78 -24.38
CA LEU I 110 -7.64 -35.22 -24.15
C LEU I 110 -7.66 -35.53 -22.66
N ARG I 111 -7.01 -34.69 -21.87
CA ARG I 111 -6.96 -34.85 -20.42
C ARG I 111 -8.20 -34.33 -19.72
N VAL I 112 -9.28 -34.09 -20.46
CA VAL I 112 -10.52 -33.61 -19.86
C VAL I 112 -11.66 -34.57 -20.16
N HIS I 113 -11.94 -34.77 -21.45
CA HIS I 113 -13.04 -35.63 -21.84
C HIS I 113 -12.69 -37.12 -21.79
N THR I 114 -11.41 -37.46 -21.85
CA THR I 114 -11.02 -38.85 -22.00
C THR I 114 -10.01 -39.21 -20.93
N GLN I 115 -10.07 -40.47 -20.51
CA GLN I 115 -9.12 -41.04 -19.56
C GLN I 115 -8.34 -42.12 -20.32
N LEU I 116 -7.30 -41.70 -21.03
CA LEU I 116 -6.51 -42.62 -21.81
C LEU I 116 -5.12 -42.77 -21.21
N PRO I 117 -4.47 -43.91 -21.41
CA PRO I 117 -3.12 -44.09 -20.86
C PRO I 117 -2.17 -43.03 -21.37
N GLU I 118 -1.41 -42.45 -20.43
CA GLU I 118 -0.57 -41.28 -20.72
C GLU I 118 0.26 -41.47 -21.99
N GLU I 119 0.66 -42.69 -22.31
CA GLU I 119 1.43 -42.90 -23.53
C GLU I 119 0.56 -42.80 -24.78
N MET I 120 -0.73 -43.11 -24.68
CA MET I 120 -1.61 -42.94 -25.82
C MET I 120 -1.84 -41.46 -26.12
N ILE I 121 -1.95 -40.63 -25.08
CA ILE I 121 -2.03 -39.19 -25.27
C ILE I 121 -0.83 -38.67 -26.03
N ARG I 122 0.37 -39.18 -25.74
CA ARG I 122 1.56 -38.74 -26.47
C ARG I 122 1.47 -39.08 -27.95
N ASP I 123 1.12 -40.32 -28.28
CA ASP I 123 1.00 -40.70 -29.69
C ASP I 123 -0.04 -39.84 -30.39
N ILE I 124 -1.19 -39.62 -29.74
CA ILE I 124 -2.26 -38.86 -30.38
C ILE I 124 -1.83 -37.42 -30.61
N VAL I 125 -1.22 -36.80 -29.61
CA VAL I 125 -0.80 -35.41 -29.74
C VAL I 125 0.26 -35.28 -30.83
N LEU I 126 1.26 -36.16 -30.82
CA LEU I 126 2.30 -36.11 -31.85
C LEU I 126 1.71 -36.28 -33.24
N MET I 127 0.87 -37.29 -33.44
CA MET I 127 0.26 -37.45 -34.75
C MET I 127 -0.66 -36.29 -35.09
N LYS I 128 -1.07 -35.52 -34.08
CA LYS I 128 -1.84 -34.31 -34.35
C LYS I 128 -0.94 -33.12 -34.63
N LEU I 129 0.06 -32.88 -33.77
CA LEU I 129 1.02 -31.82 -34.05
C LEU I 129 1.76 -32.07 -35.35
N GLN I 130 1.80 -33.33 -35.81
CA GLN I 130 2.42 -33.63 -37.09
C GLN I 130 1.60 -33.05 -38.25
N ALA I 131 0.31 -33.40 -38.30
CA ALA I 131 -0.55 -32.92 -39.37
C ALA I 131 -0.53 -31.40 -39.47
N VAL I 132 -0.46 -30.70 -38.34
CA VAL I 132 -0.43 -29.25 -38.34
C VAL I 132 0.99 -28.71 -38.53
N GLY I 133 1.97 -29.57 -38.71
CA GLY I 133 3.34 -29.18 -38.96
C GLY I 133 4.16 -28.84 -37.74
N LEU I 134 3.57 -28.12 -36.80
CA LEU I 134 4.29 -27.72 -35.60
C LEU I 134 4.42 -28.91 -34.67
N ARG I 135 5.28 -29.86 -35.03
CA ARG I 135 5.51 -31.04 -34.20
C ARG I 135 6.80 -30.96 -33.42
N GLY I 136 7.81 -30.28 -33.95
CA GLY I 136 9.10 -30.19 -33.31
C GLY I 136 9.05 -29.58 -31.94
N ALA I 137 8.36 -28.45 -31.81
CA ALA I 137 8.30 -27.74 -30.54
C ALA I 137 7.30 -28.40 -29.60
N VAL I 138 7.48 -29.68 -29.31
CA VAL I 138 6.56 -30.40 -28.45
C VAL I 138 6.95 -30.14 -27.00
N GLU I 139 7.99 -29.33 -26.80
CA GLU I 139 8.43 -28.98 -25.46
C GLU I 139 8.63 -27.48 -25.26
N LEU I 140 8.39 -26.67 -26.29
CA LEU I 140 8.54 -25.23 -26.15
C LEU I 140 7.39 -24.67 -25.30
N MET I 141 7.49 -23.40 -24.98
CA MET I 141 6.46 -22.72 -24.22
C MET I 141 5.74 -21.70 -25.09
N PRO I 142 4.46 -21.44 -24.85
CA PRO I 142 3.70 -20.59 -25.76
C PRO I 142 4.28 -19.21 -25.95
N ASP I 143 5.00 -18.67 -24.96
CA ASP I 143 5.62 -17.36 -25.15
C ASP I 143 6.79 -17.45 -26.12
N GLU I 144 7.41 -18.63 -26.22
CA GLU I 144 8.53 -18.81 -27.14
C GLU I 144 8.09 -18.92 -28.59
N LEU I 145 6.80 -19.11 -28.84
CA LEU I 145 6.29 -19.39 -30.18
C LEU I 145 5.88 -18.09 -30.85
N SER I 146 6.37 -17.87 -32.06
CA SER I 146 5.97 -16.70 -32.84
C SER I 146 4.47 -16.76 -33.12
N GLY I 147 3.85 -15.59 -33.24
CA GLY I 147 2.42 -15.50 -33.46
C GLY I 147 1.90 -16.28 -34.65
N GLY I 148 2.80 -16.69 -35.54
CA GLY I 148 2.39 -17.51 -36.66
C GLY I 148 2.13 -18.95 -36.27
N MET I 149 3.06 -19.54 -35.51
CA MET I 149 2.89 -20.92 -35.08
C MET I 149 2.14 -21.06 -33.78
N LYS I 150 1.83 -19.95 -33.10
CA LYS I 150 1.04 -20.00 -31.87
C LYS I 150 -0.42 -20.28 -32.22
N ARG I 151 -0.74 -20.29 -33.50
CA ARG I 151 -2.07 -20.58 -33.99
C ARG I 151 -2.20 -22.00 -34.51
N ARG I 152 -1.16 -22.52 -35.15
CA ARG I 152 -1.22 -23.90 -35.63
C ARG I 152 -1.25 -24.89 -34.47
N VAL I 153 -0.58 -24.58 -33.37
CA VAL I 153 -0.65 -25.46 -32.21
C VAL I 153 -2.04 -25.42 -31.60
N ALA I 154 -2.69 -24.25 -31.62
CA ALA I 154 -4.07 -24.17 -31.17
C ALA I 154 -4.99 -24.98 -32.09
N LEU I 155 -4.72 -24.94 -33.39
CA LEU I 155 -5.49 -25.76 -34.33
C LEU I 155 -5.30 -27.24 -34.02
N ALA I 156 -4.07 -27.63 -33.67
CA ALA I 156 -3.82 -29.01 -33.28
C ALA I 156 -4.60 -29.38 -32.03
N ARG I 157 -4.65 -28.46 -31.05
CA ARG I 157 -5.47 -28.67 -29.88
C ARG I 157 -6.93 -28.87 -30.27
N ALA I 158 -7.41 -28.08 -31.22
CA ALA I 158 -8.77 -28.20 -31.69
C ALA I 158 -9.04 -29.59 -32.27
N ILE I 159 -8.19 -30.03 -33.20
CA ILE I 159 -8.46 -31.26 -33.93
C ILE I 159 -8.22 -32.51 -33.09
N ALA I 160 -7.78 -32.36 -31.84
CA ALA I 160 -7.74 -33.52 -30.95
C ALA I 160 -9.15 -34.03 -30.72
N LEU I 161 -9.25 -35.30 -30.31
CA LEU I 161 -10.49 -36.05 -30.14
C LEU I 161 -11.23 -36.27 -31.46
N ASP I 162 -10.70 -35.80 -32.58
CA ASP I 162 -11.37 -35.85 -33.87
C ASP I 162 -12.76 -35.24 -33.78
N PRO I 163 -12.87 -33.93 -33.64
CA PRO I 163 -14.19 -33.30 -33.63
C PRO I 163 -14.81 -33.33 -35.01
N GLN I 164 -16.14 -33.49 -35.03
CA GLN I 164 -16.88 -33.54 -36.28
C GLN I 164 -17.04 -32.16 -36.93
N ILE I 165 -17.01 -31.11 -36.13
CA ILE I 165 -17.05 -29.73 -36.63
C ILE I 165 -16.03 -28.94 -35.83
N LEU I 166 -15.49 -27.88 -36.44
CA LEU I 166 -14.60 -27.01 -35.69
C LEU I 166 -14.71 -25.60 -36.23
N LEU I 167 -14.90 -24.65 -35.33
CA LEU I 167 -15.06 -23.25 -35.68
C LEU I 167 -13.70 -22.59 -35.85
N TYR I 168 -13.72 -21.36 -36.35
CA TYR I 168 -12.51 -20.57 -36.52
C TYR I 168 -12.85 -19.12 -36.22
N ASP I 169 -12.13 -18.52 -35.28
CA ASP I 169 -12.37 -17.12 -34.92
C ASP I 169 -11.32 -16.25 -35.58
N GLU I 170 -11.68 -15.67 -36.73
CA GLU I 170 -10.82 -14.78 -37.51
C GLU I 170 -9.41 -15.35 -37.64
N PRO I 171 -9.24 -16.54 -38.22
CA PRO I 171 -7.92 -17.16 -38.24
C PRO I 171 -6.90 -16.37 -39.04
N PHE I 172 -7.20 -16.06 -40.29
CA PHE I 172 -6.25 -15.37 -41.16
C PHE I 172 -6.54 -13.87 -41.14
N VAL I 173 -6.14 -13.24 -40.04
CA VAL I 173 -6.19 -11.79 -39.90
C VAL I 173 -4.96 -11.35 -39.12
N GLY I 174 -4.09 -10.57 -39.76
CA GLY I 174 -2.89 -10.10 -39.09
C GLY I 174 -1.73 -11.07 -39.14
N GLN I 175 -1.31 -11.44 -40.35
CA GLN I 175 -0.17 -12.34 -40.53
C GLN I 175 0.25 -12.29 -42.00
N ASP I 176 1.49 -12.69 -42.25
CA ASP I 176 2.06 -12.62 -43.58
C ASP I 176 1.31 -13.56 -44.54
N PRO I 177 1.49 -13.37 -45.85
CA PRO I 177 0.82 -14.28 -46.79
C PRO I 177 1.34 -15.71 -46.74
N ILE I 178 2.45 -15.96 -46.06
CA ILE I 178 2.93 -17.32 -45.91
C ILE I 178 2.22 -18.01 -44.73
N ALA I 179 2.34 -17.43 -43.54
CA ALA I 179 1.67 -17.99 -42.37
C ALA I 179 0.16 -18.03 -42.52
N MET I 180 -0.40 -17.25 -43.44
CA MET I 180 -1.82 -17.35 -43.74
C MET I 180 -2.09 -18.41 -44.79
N GLY I 181 -1.18 -18.55 -45.77
CA GLY I 181 -1.34 -19.60 -46.75
C GLY I 181 -1.25 -20.99 -46.14
N VAL I 182 -0.32 -21.18 -45.21
CA VAL I 182 -0.21 -22.49 -44.57
C VAL I 182 -1.45 -22.78 -43.74
N LEU I 183 -2.01 -21.76 -43.10
CA LEU I 183 -3.20 -21.98 -42.28
C LEU I 183 -4.41 -22.30 -43.15
N VAL I 184 -4.56 -21.61 -44.28
CA VAL I 184 -5.71 -21.92 -45.14
C VAL I 184 -5.52 -23.30 -45.77
N ARG I 185 -4.28 -23.68 -46.09
CA ARG I 185 -4.04 -25.03 -46.57
C ARG I 185 -4.38 -26.05 -45.50
N LEU I 186 -4.09 -25.74 -44.24
CA LEU I 186 -4.38 -26.67 -43.16
C LEU I 186 -5.88 -26.85 -42.97
N ILE I 187 -6.64 -25.75 -43.00
CA ILE I 187 -8.10 -25.89 -42.85
C ILE I 187 -8.68 -26.60 -44.06
N ARG I 188 -8.11 -26.38 -45.24
CA ARG I 188 -8.58 -27.10 -46.43
C ARG I 188 -8.32 -28.59 -46.31
N LEU I 189 -7.11 -28.97 -45.91
CA LEU I 189 -6.79 -30.38 -45.72
C LEU I 189 -7.67 -31.00 -44.65
N LEU I 190 -7.93 -30.27 -43.57
CA LEU I 190 -8.78 -30.77 -42.50
C LEU I 190 -10.18 -31.06 -43.01
N ASN I 191 -10.85 -30.04 -43.57
CA ASN I 191 -12.22 -30.24 -44.03
C ASN I 191 -12.30 -31.30 -45.13
N ASP I 192 -11.36 -31.29 -46.07
CA ASP I 192 -11.47 -32.18 -47.22
C ASP I 192 -11.19 -33.63 -46.83
N ALA I 193 -10.12 -33.87 -46.07
CA ALA I 193 -9.72 -35.24 -45.76
C ALA I 193 -10.56 -35.84 -44.64
N LEU I 194 -10.54 -35.23 -43.45
CA LEU I 194 -11.32 -35.75 -42.34
C LEU I 194 -12.83 -35.71 -42.60
N GLY I 195 -13.28 -34.91 -43.56
CA GLY I 195 -14.70 -34.73 -43.76
C GLY I 195 -15.37 -34.16 -42.52
N ILE I 196 -14.86 -33.02 -42.06
CA ILE I 196 -15.40 -32.34 -40.87
C ILE I 196 -15.72 -30.91 -41.24
N THR I 197 -16.84 -30.42 -40.71
CA THR I 197 -17.27 -29.05 -41.00
C THR I 197 -16.23 -28.05 -40.51
N SER I 198 -16.25 -26.86 -41.08
CA SER I 198 -15.35 -25.78 -40.67
C SER I 198 -16.08 -24.46 -40.89
N ILE I 199 -16.22 -23.69 -39.81
CA ILE I 199 -16.96 -22.43 -39.90
C ILE I 199 -16.00 -21.27 -39.72
N VAL I 200 -15.47 -20.75 -40.82
CA VAL I 200 -14.48 -19.69 -40.77
C VAL I 200 -15.15 -18.35 -40.50
N VAL I 201 -15.08 -17.88 -39.26
CA VAL I 201 -15.65 -16.59 -38.89
C VAL I 201 -14.59 -15.51 -38.97
N SER I 202 -14.43 -14.91 -40.15
CA SER I 202 -13.39 -13.91 -40.40
C SER I 202 -13.94 -12.85 -41.34
N HIS I 203 -13.80 -11.58 -40.95
CA HIS I 203 -14.42 -10.51 -41.73
C HIS I 203 -13.64 -10.25 -43.02
N ASP I 204 -12.42 -10.78 -43.12
CA ASP I 204 -11.62 -10.59 -44.32
C ASP I 204 -12.20 -11.44 -45.45
N LEU I 205 -12.94 -10.81 -46.35
CA LEU I 205 -13.60 -11.56 -47.41
C LEU I 205 -12.62 -12.00 -48.48
N ALA I 206 -11.63 -11.15 -48.78
CA ALA I 206 -10.72 -11.41 -49.89
C ALA I 206 -10.10 -12.81 -49.80
N GLU I 207 -9.86 -13.28 -48.58
CA GLU I 207 -9.27 -14.61 -48.42
C GLU I 207 -10.33 -15.68 -48.20
N THR I 208 -11.39 -15.36 -47.45
CA THR I 208 -12.40 -16.36 -47.14
C THR I 208 -13.14 -16.81 -48.39
N ALA I 209 -13.33 -15.90 -49.35
CA ALA I 209 -14.09 -16.22 -50.55
C ALA I 209 -13.51 -17.42 -51.28
N SER I 210 -12.21 -17.67 -51.12
CA SER I 210 -11.60 -18.85 -51.70
C SER I 210 -12.02 -20.11 -50.96
N ILE I 211 -11.94 -20.09 -49.63
CA ILE I 211 -12.16 -21.26 -48.80
C ILE I 211 -13.60 -21.36 -48.31
N ALA I 212 -14.51 -20.58 -48.89
CA ALA I 212 -15.90 -20.58 -48.44
C ALA I 212 -16.74 -21.41 -49.41
N ASP I 213 -17.52 -22.34 -48.85
CA ASP I 213 -18.47 -23.08 -49.67
C ASP I 213 -19.84 -22.42 -49.64
N TYR I 214 -20.40 -22.22 -48.46
CA TYR I 214 -21.64 -21.47 -48.30
C TYR I 214 -21.38 -20.34 -47.33
N ILE I 215 -20.89 -19.22 -47.84
CA ILE I 215 -20.48 -18.08 -47.04
C ILE I 215 -21.73 -17.29 -46.65
N TYR I 216 -21.80 -16.91 -45.38
CA TYR I 216 -22.87 -16.05 -44.88
C TYR I 216 -22.34 -14.64 -44.65
N ILE I 217 -23.26 -13.72 -44.37
CA ILE I 217 -22.91 -12.38 -43.95
C ILE I 217 -23.76 -12.05 -42.72
N VAL I 218 -23.17 -11.27 -41.82
CA VAL I 218 -23.85 -10.88 -40.58
C VAL I 218 -23.54 -9.43 -40.30
N GLY I 219 -24.60 -8.63 -40.13
CA GLY I 219 -24.47 -7.22 -39.83
C GLY I 219 -25.73 -6.67 -39.22
N ASP I 220 -25.60 -5.58 -38.46
CA ASP I 220 -26.70 -4.90 -37.77
C ASP I 220 -27.65 -5.90 -37.11
N GLY I 221 -27.08 -6.98 -36.59
CA GLY I 221 -27.85 -7.93 -35.81
C GLY I 221 -28.85 -8.77 -36.56
N ARG I 222 -28.55 -9.15 -37.80
CA ARG I 222 -29.43 -10.06 -38.53
C ARG I 222 -28.66 -10.71 -39.66
N VAL I 223 -29.19 -11.83 -40.15
CA VAL I 223 -28.56 -12.55 -41.25
C VAL I 223 -28.64 -11.72 -42.51
N LEU I 224 -27.49 -11.26 -43.00
CA LEU I 224 -27.44 -10.40 -44.18
C LEU I 224 -27.15 -11.21 -45.44
N GLY I 225 -28.03 -12.17 -45.72
CA GLY I 225 -27.90 -12.98 -46.91
C GLY I 225 -26.89 -14.10 -46.76
N HIS I 226 -26.99 -15.07 -47.66
CA HIS I 226 -26.16 -16.27 -47.59
C HIS I 226 -26.12 -16.93 -48.95
N GLY I 227 -25.01 -17.61 -49.23
CA GLY I 227 -24.88 -18.34 -50.48
C GLY I 227 -23.45 -18.74 -50.73
N THR I 228 -23.16 -19.14 -51.96
CA THR I 228 -21.80 -19.41 -52.36
C THR I 228 -21.09 -18.10 -52.67
N PRO I 229 -19.76 -18.07 -52.63
CA PRO I 229 -19.05 -16.78 -52.83
C PRO I 229 -19.41 -16.08 -54.13
N ASP I 230 -19.57 -16.83 -55.21
CA ASP I 230 -19.89 -16.22 -56.50
C ASP I 230 -21.22 -15.48 -56.45
N VAL I 231 -22.27 -16.13 -55.94
CA VAL I 231 -23.59 -15.53 -55.94
C VAL I 231 -23.68 -14.34 -54.98
N LEU I 232 -22.70 -14.18 -54.10
CA LEU I 232 -22.63 -12.98 -53.26
C LEU I 232 -21.70 -11.93 -53.85
N LYS I 233 -20.89 -12.28 -54.84
CA LYS I 233 -20.16 -11.26 -55.58
C LYS I 233 -21.10 -10.44 -56.45
N GLU I 234 -22.26 -11.01 -56.81
CA GLU I 234 -23.30 -10.36 -57.58
C GLU I 234 -24.64 -10.46 -56.86
N THR I 235 -24.64 -10.07 -55.58
CA THR I 235 -25.83 -10.21 -54.75
C THR I 235 -26.87 -9.14 -55.04
N ASP I 236 -26.45 -7.99 -55.61
CA ASP I 236 -27.34 -6.88 -55.93
C ASP I 236 -27.94 -6.22 -54.69
N ASP I 237 -27.61 -6.73 -53.51
CA ASP I 237 -28.06 -6.10 -52.28
C ASP I 237 -27.17 -4.92 -51.96
N PRO I 238 -27.73 -3.71 -51.76
CA PRO I 238 -26.87 -2.53 -51.56
C PRO I 238 -25.84 -2.67 -50.46
N ARG I 239 -26.27 -3.02 -49.24
CA ARG I 239 -25.31 -3.21 -48.16
C ARG I 239 -24.35 -4.35 -48.46
N ILE I 240 -24.85 -5.44 -49.04
CA ILE I 240 -24.00 -6.60 -49.27
C ILE I 240 -23.07 -6.36 -50.45
N ARG I 241 -23.54 -5.68 -51.50
CA ARG I 241 -22.63 -5.34 -52.59
C ARG I 241 -21.63 -4.28 -52.15
N GLN I 242 -21.97 -3.47 -51.15
CA GLN I 242 -21.00 -2.54 -50.59
C GLN I 242 -19.95 -3.29 -49.80
N PHE I 243 -20.35 -4.34 -49.09
CA PHE I 243 -19.40 -5.14 -48.33
C PHE I 243 -18.47 -5.91 -49.26
N VAL I 244 -19.03 -6.74 -50.13
CA VAL I 244 -18.25 -7.71 -50.91
C VAL I 244 -17.26 -7.05 -51.85
N LYS I 245 -17.33 -5.74 -52.04
CA LYS I 245 -16.36 -4.99 -52.83
C LYS I 245 -15.92 -3.77 -52.01
N GLY I 246 -15.04 -2.97 -52.60
CA GLY I 246 -14.50 -1.86 -51.83
C GLY I 246 -15.54 -0.78 -51.55
N ILE I 247 -15.89 -0.01 -52.58
CA ILE I 247 -17.03 0.93 -52.60
C ILE I 247 -17.25 1.53 -51.22
N PRO I 248 -16.37 2.42 -50.77
CA PRO I 248 -16.44 2.88 -49.37
C PRO I 248 -17.81 3.35 -48.91
N ASP I 249 -18.41 4.32 -49.60
CA ASP I 249 -19.65 4.92 -49.15
C ASP I 249 -20.85 4.15 -49.71
N GLY I 250 -21.85 3.94 -48.87
CA GLY I 250 -23.06 3.25 -49.25
C GLY I 250 -24.06 3.24 -48.11
N PRO I 251 -24.73 2.10 -47.90
CA PRO I 251 -25.58 1.99 -46.71
C PRO I 251 -24.81 2.23 -45.42
N VAL I 252 -23.60 1.70 -45.32
CA VAL I 252 -22.68 2.08 -44.24
C VAL I 252 -22.00 3.37 -44.66
N PRO I 253 -22.12 4.45 -43.88
CA PRO I 253 -21.63 5.74 -44.35
C PRO I 253 -20.11 5.79 -44.37
N PHE I 254 -19.59 6.82 -45.04
CA PHE I 254 -18.16 7.11 -45.05
C PHE I 254 -17.83 8.30 -44.18
N HIS I 255 -18.72 9.29 -44.12
CA HIS I 255 -18.53 10.45 -43.27
C HIS I 255 -19.15 10.23 -41.91
N TYR I 256 -18.82 11.10 -40.97
CA TYR I 256 -19.53 11.15 -39.70
C TYR I 256 -20.65 12.18 -39.78
N PRO I 257 -21.69 12.02 -38.97
CA PRO I 257 -22.79 12.98 -39.01
C PRO I 257 -22.36 14.35 -38.49
N ALA I 258 -21.60 15.07 -39.30
CA ALA I 258 -21.20 16.43 -38.98
C ALA I 258 -22.40 17.36 -39.10
N ARG I 259 -22.33 18.50 -38.41
CA ARG I 259 -23.42 19.46 -38.49
C ARG I 259 -23.47 20.10 -39.88
N ASP I 260 -22.39 20.76 -40.28
CA ASP I 260 -22.26 21.28 -41.64
C ASP I 260 -20.83 21.77 -41.80
N TYR I 261 -20.25 21.53 -42.99
CA TYR I 261 -18.89 21.99 -43.23
C TYR I 261 -18.82 23.51 -43.26
N ARG I 262 -19.73 24.14 -44.00
CA ARG I 262 -19.78 25.61 -44.03
C ARG I 262 -20.07 26.17 -42.64
N ALA I 263 -20.75 25.39 -41.80
CA ALA I 263 -21.04 25.87 -40.45
C ALA I 263 -19.80 25.85 -39.58
N ASP I 264 -19.13 24.69 -39.49
CA ASP I 264 -17.96 24.58 -38.63
C ASP I 264 -16.79 25.41 -39.13
N LEU I 265 -16.65 25.58 -40.44
CA LEU I 265 -15.50 26.27 -40.99
C LEU I 265 -15.56 27.78 -40.83
N LEU I 266 -16.75 28.37 -40.83
CA LEU I 266 -16.90 29.81 -40.69
C LEU I 266 -17.42 30.18 -39.30
N GLY I 267 -18.54 29.59 -38.88
CA GLY I 267 -19.12 29.90 -37.59
C GLY I 267 -18.67 28.97 -36.48
N ALA J 6 16.44 12.33 -57.85
CA ALA J 6 15.16 12.29 -58.56
C ALA J 6 14.14 11.51 -57.77
N TYR J 7 14.61 10.66 -56.86
CA TYR J 7 13.76 9.87 -55.99
C TYR J 7 13.63 10.57 -54.65
N ALA J 8 12.49 10.33 -53.98
CA ALA J 8 12.22 11.01 -52.72
C ALA J 8 13.17 10.55 -51.62
N VAL J 9 13.13 9.26 -51.28
CA VAL J 9 13.92 8.71 -50.19
C VAL J 9 14.96 7.78 -50.77
N GLU J 10 16.23 8.08 -50.53
CA GLU J 10 17.33 7.23 -50.96
C GLU J 10 18.13 6.77 -49.75
N LEU J 11 18.32 5.46 -49.65
CA LEU J 11 19.01 4.83 -48.54
C LEU J 11 20.37 4.33 -49.04
N LYS J 12 21.43 5.05 -48.71
CA LYS J 12 22.77 4.68 -49.13
C LYS J 12 23.36 3.70 -48.13
N GLY J 13 23.35 2.42 -48.48
CA GLY J 13 24.03 1.40 -47.69
C GLY J 13 23.69 1.37 -46.23
N LEU J 14 22.41 1.46 -45.89
CA LEU J 14 22.00 1.45 -44.49
C LEU J 14 22.25 0.08 -43.87
N THR J 15 22.61 0.08 -42.59
CA THR J 15 22.76 -1.13 -41.82
C THR J 15 22.30 -0.86 -40.39
N PHE J 16 21.60 -1.83 -39.81
CA PHE J 16 21.02 -1.64 -38.49
C PHE J 16 21.05 -2.96 -37.73
N LYS J 17 21.50 -2.88 -36.48
CA LYS J 17 21.50 -4.03 -35.58
C LYS J 17 21.06 -3.56 -34.21
N ARG J 18 20.33 -4.43 -33.51
CA ARG J 18 19.78 -4.12 -32.18
C ARG J 18 20.34 -5.13 -31.21
N GLY J 19 21.41 -4.77 -30.50
CA GLY J 19 22.09 -5.71 -29.64
C GLY J 19 22.77 -6.82 -30.42
N SER J 20 23.48 -6.47 -31.49
CA SER J 20 24.13 -7.42 -32.39
C SER J 20 23.12 -8.44 -32.92
N ARG J 21 22.06 -7.92 -33.54
CA ARG J 21 21.04 -8.74 -34.16
C ARG J 21 21.08 -8.70 -35.68
N ALA J 22 21.69 -7.67 -36.28
CA ALA J 22 21.75 -7.51 -37.72
C ALA J 22 20.34 -7.50 -38.32
N ILE J 23 19.50 -6.60 -37.80
CA ILE J 23 18.11 -6.54 -38.25
C ILE J 23 18.03 -6.08 -39.70
N PHE J 24 19.08 -5.41 -40.19
CA PHE J 24 19.12 -4.94 -41.58
C PHE J 24 20.58 -4.77 -41.96
N ASP J 25 21.01 -5.44 -43.02
CA ASP J 25 22.41 -5.47 -43.42
C ASP J 25 22.57 -4.90 -44.82
N ASN J 26 23.20 -3.73 -44.90
CA ASN J 26 23.65 -3.15 -46.17
C ASN J 26 22.50 -3.00 -47.15
N ILE J 27 21.36 -2.51 -46.65
CA ILE J 27 20.16 -2.34 -47.47
C ILE J 27 20.29 -1.03 -48.23
N ASP J 28 19.78 -1.02 -49.47
CA ASP J 28 19.81 0.15 -50.33
C ASP J 28 18.50 0.16 -51.12
N VAL J 29 17.59 1.05 -50.74
CA VAL J 29 16.29 1.15 -51.39
C VAL J 29 16.07 2.60 -51.82
N ARG J 30 15.45 2.77 -52.97
CA ARG J 30 15.10 4.08 -53.49
C ARG J 30 13.58 4.15 -53.62
N ILE J 31 12.99 5.19 -53.06
CA ILE J 31 11.54 5.41 -53.09
C ILE J 31 11.26 6.46 -54.16
N PRO J 32 10.37 6.18 -55.12
CA PRO J 32 10.11 7.15 -56.19
C PRO J 32 9.12 8.21 -55.75
N ARG J 33 9.46 9.46 -56.01
CA ARG J 33 8.59 10.57 -55.66
C ARG J 33 7.26 10.46 -56.39
N GLY J 34 6.18 10.79 -55.67
CA GLY J 34 4.86 10.76 -56.26
C GLY J 34 4.22 9.39 -56.37
N LYS J 35 5.00 8.33 -56.33
CA LYS J 35 4.49 6.98 -56.47
C LYS J 35 4.25 6.39 -55.09
N VAL J 36 3.10 5.74 -54.93
CA VAL J 36 2.73 5.12 -53.65
C VAL J 36 3.42 3.77 -53.65
N THR J 37 4.65 3.74 -53.14
CA THR J 37 5.39 2.49 -53.06
C THR J 37 4.96 1.69 -51.85
N GLY J 38 5.39 0.44 -51.82
CA GLY J 38 5.14 -0.42 -50.68
C GLY J 38 6.37 -1.22 -50.33
N ILE J 39 6.47 -1.62 -49.07
CA ILE J 39 7.48 -2.56 -48.61
C ILE J 39 6.77 -3.58 -47.73
N MET J 40 7.26 -4.81 -47.73
CA MET J 40 6.61 -5.87 -46.98
C MET J 40 7.60 -7.02 -46.80
N GLY J 41 7.12 -8.08 -46.15
CA GLY J 41 7.91 -9.25 -45.90
C GLY J 41 7.27 -10.16 -44.87
N PRO J 42 7.92 -11.28 -44.57
CA PRO J 42 7.35 -12.24 -43.61
C PRO J 42 7.31 -11.67 -42.21
N SER J 43 6.70 -12.44 -41.32
CA SER J 43 6.50 -12.01 -39.93
C SER J 43 7.82 -11.73 -39.24
N GLY J 44 8.07 -10.46 -38.91
CA GLY J 44 9.23 -10.10 -38.13
C GLY J 44 10.47 -9.75 -38.93
N CYS J 45 10.33 -9.39 -40.21
CA CYS J 45 11.52 -9.01 -40.96
C CYS J 45 11.94 -7.57 -40.71
N GLY J 46 11.32 -6.88 -39.76
CA GLY J 46 11.75 -5.56 -39.37
C GLY J 46 11.19 -4.42 -40.18
N LYS J 47 10.14 -4.65 -40.98
CA LYS J 47 9.51 -3.58 -41.73
C LYS J 47 9.19 -2.38 -40.84
N THR J 48 8.67 -2.65 -39.64
CA THR J 48 8.40 -1.58 -38.68
C THR J 48 9.64 -0.78 -38.36
N THR J 49 10.78 -1.46 -38.26
CA THR J 49 12.03 -0.76 -37.98
C THR J 49 12.49 0.03 -39.19
N LEU J 50 12.45 -0.57 -40.38
CA LEU J 50 12.78 0.17 -41.60
C LEU J 50 11.88 1.37 -41.78
N LEU J 51 10.69 1.38 -41.17
CA LEU J 51 9.85 2.56 -41.19
C LEU J 51 10.42 3.65 -40.30
N ARG J 52 10.57 3.35 -39.00
CA ARG J 52 11.09 4.31 -38.04
C ARG J 52 12.49 4.74 -38.42
N LEU J 53 13.15 3.98 -39.29
CA LEU J 53 14.51 4.29 -39.70
C LEU J 53 14.54 5.44 -40.69
N ILE J 54 13.70 5.39 -41.73
CA ILE J 54 13.62 6.48 -42.67
C ILE J 54 12.87 7.67 -42.10
N ALA J 55 12.28 7.51 -40.93
CA ALA J 55 11.60 8.62 -40.26
C ALA J 55 12.42 9.20 -39.12
N SER J 56 13.66 8.75 -38.95
CA SER J 56 14.58 9.23 -37.91
C SER J 56 13.99 9.10 -36.51
N GLN J 57 13.14 8.10 -36.29
CA GLN J 57 12.80 7.73 -34.92
C GLN J 57 13.86 6.82 -34.32
N LEU J 58 14.63 6.15 -35.18
CA LEU J 58 15.70 5.27 -34.75
C LEU J 58 16.99 5.68 -35.45
N ARG J 59 18.10 5.49 -34.78
CA ARG J 59 19.37 5.96 -35.35
C ARG J 59 20.02 4.84 -36.14
N PRO J 60 20.37 5.07 -37.41
CA PRO J 60 21.07 4.04 -38.18
C PRO J 60 22.46 3.81 -37.63
N SER J 61 22.80 2.54 -37.41
CA SER J 61 24.13 2.20 -36.92
C SER J 61 25.20 2.65 -37.90
N LYS J 62 24.99 2.42 -39.18
CA LYS J 62 25.87 2.95 -40.21
C LYS J 62 25.08 3.05 -41.50
N GLY J 63 25.36 4.09 -42.28
CA GLY J 63 24.58 4.43 -43.45
C GLY J 63 23.90 5.76 -43.28
N GLU J 64 23.10 6.13 -44.27
CA GLU J 64 22.47 7.44 -44.30
C GLU J 64 21.15 7.37 -45.06
N VAL J 65 20.11 7.97 -44.48
CA VAL J 65 18.82 8.12 -45.15
C VAL J 65 18.78 9.50 -45.79
N TRP J 66 18.71 9.53 -47.12
CA TRP J 66 18.61 10.78 -47.86
C TRP J 66 17.14 11.07 -48.12
N VAL J 67 16.65 12.21 -47.62
CA VAL J 67 15.24 12.56 -47.73
C VAL J 67 15.15 13.99 -48.28
N ASN J 68 14.53 14.13 -49.45
CA ASN J 68 14.20 15.43 -50.02
C ASN J 68 15.41 16.36 -50.06
N GLY J 69 16.58 15.79 -50.36
CA GLY J 69 17.79 16.58 -50.37
C GLY J 69 18.75 16.18 -49.26
N GLN J 70 18.89 17.03 -48.26
CA GLN J 70 19.81 16.76 -47.17
C GLN J 70 19.42 15.46 -46.44
N ASN J 71 20.43 14.70 -46.05
CA ASN J 71 20.18 13.46 -45.35
C ASN J 71 19.87 13.73 -43.88
N LEU J 72 19.05 12.85 -43.29
CA LEU J 72 18.52 13.13 -41.95
C LEU J 72 19.56 12.98 -40.85
N PRO J 73 20.20 11.80 -40.65
CA PRO J 73 20.91 11.57 -39.40
C PRO J 73 22.25 12.29 -39.29
N GLN J 74 22.50 13.25 -40.19
CA GLN J 74 23.69 14.06 -40.14
C GLN J 74 23.37 15.54 -39.98
N LEU J 75 22.36 15.87 -39.17
CA LEU J 75 21.91 17.23 -38.99
C LEU J 75 21.74 17.54 -37.50
N SER J 76 21.68 18.84 -37.21
CA SER J 76 21.42 19.30 -35.85
C SER J 76 19.97 19.02 -35.46
N ARG J 77 19.74 18.91 -34.15
CA ARG J 77 18.38 18.69 -33.65
C ARG J 77 17.44 19.79 -34.13
N GLY J 78 17.91 21.05 -34.10
CA GLY J 78 17.09 22.15 -34.58
C GLY J 78 16.81 22.10 -36.07
N ASP J 79 17.56 21.29 -36.81
CA ASP J 79 17.33 21.15 -38.24
C ASP J 79 16.52 19.91 -38.58
N LEU J 80 16.81 18.78 -37.93
CA LEU J 80 15.98 17.60 -38.09
C LEU J 80 14.56 17.88 -37.63
N PHE J 81 14.40 18.67 -36.57
CA PHE J 81 13.07 19.02 -36.11
C PHE J 81 12.31 19.79 -37.20
N ASP J 82 13.01 20.64 -37.94
CA ASP J 82 12.37 21.33 -39.06
C ASP J 82 12.08 20.36 -40.20
N MET J 83 12.97 19.39 -40.41
CA MET J 83 12.72 18.38 -41.44
C MET J 83 11.51 17.53 -41.11
N ARG J 84 11.16 17.40 -39.83
CA ARG J 84 9.97 16.65 -39.45
C ARG J 84 8.71 17.18 -40.11
N LYS J 85 8.73 18.42 -40.60
CA LYS J 85 7.59 18.96 -41.33
C LYS J 85 7.34 18.25 -42.65
N GLN J 86 8.27 17.41 -43.10
CA GLN J 86 8.18 16.82 -44.43
C GLN J 86 7.36 15.54 -44.47
N PHE J 87 7.25 14.80 -43.37
CA PHE J 87 6.57 13.52 -43.42
C PHE J 87 5.82 13.24 -42.14
N GLY J 88 4.62 12.67 -42.28
CA GLY J 88 3.88 12.12 -41.19
C GLY J 88 3.84 10.60 -41.27
N VAL J 89 3.28 10.00 -40.23
CA VAL J 89 3.23 8.54 -40.11
C VAL J 89 1.86 8.12 -39.60
N LEU J 90 1.28 7.13 -40.26
CA LEU J 90 0.00 6.55 -39.84
C LEU J 90 0.29 5.15 -39.32
N PHE J 91 0.30 5.00 -37.99
CA PHE J 91 0.49 3.69 -37.39
C PHE J 91 -0.84 2.94 -37.31
N GLN J 92 -0.79 1.64 -37.57
CA GLN J 92 -1.95 0.81 -37.32
C GLN J 92 -2.30 0.88 -35.84
N SER J 93 -3.54 0.51 -35.53
CA SER J 93 -4.15 0.75 -34.22
C SER J 93 -4.19 2.23 -33.89
N GLY J 94 -4.07 3.08 -34.91
CA GLY J 94 -4.21 4.52 -34.74
C GLY J 94 -3.02 5.30 -34.27
N ALA J 95 -2.47 4.95 -33.11
CA ALA J 95 -1.47 5.76 -32.43
C ALA J 95 -2.04 7.15 -32.13
N LEU J 96 -3.23 7.14 -31.55
CA LEU J 96 -3.92 8.35 -31.15
C LEU J 96 -3.59 8.68 -29.70
N PHE J 97 -3.55 9.97 -29.39
CA PHE J 97 -3.24 10.40 -28.03
C PHE J 97 -4.48 10.29 -27.17
N THR J 98 -4.50 9.29 -26.29
CA THR J 98 -5.67 9.01 -25.48
C THR J 98 -6.05 10.16 -24.55
N ASP J 99 -5.15 11.12 -24.32
CA ASP J 99 -5.45 12.22 -23.43
C ASP J 99 -6.23 13.33 -24.13
N LEU J 100 -5.80 13.73 -25.31
CA LEU J 100 -6.39 14.86 -26.01
C LEU J 100 -7.56 14.39 -26.88
N ASP J 101 -8.60 15.22 -26.92
CA ASP J 101 -9.72 14.95 -27.80
C ASP J 101 -9.29 14.96 -29.26
N VAL J 102 -10.19 14.54 -30.14
CA VAL J 102 -9.86 14.37 -31.54
C VAL J 102 -9.38 15.68 -32.16
N PHE J 103 -10.00 16.80 -31.77
CA PHE J 103 -9.60 18.08 -32.35
C PHE J 103 -8.16 18.40 -31.99
N GLU J 104 -7.86 18.49 -30.70
CA GLU J 104 -6.48 18.75 -30.28
C GLU J 104 -5.55 17.67 -30.78
N ASN J 105 -6.06 16.45 -30.97
CA ASN J 105 -5.24 15.38 -31.50
C ASN J 105 -4.77 15.69 -32.91
N VAL J 106 -5.70 16.04 -33.81
CA VAL J 106 -5.30 16.36 -35.17
C VAL J 106 -4.57 17.69 -35.24
N ALA J 107 -4.82 18.59 -34.29
CA ALA J 107 -4.10 19.86 -34.30
C ALA J 107 -2.72 19.75 -33.69
N PHE J 108 -2.43 18.64 -33.03
CA PHE J 108 -1.16 18.49 -32.31
C PHE J 108 0.06 18.75 -33.19
N PRO J 109 0.21 18.16 -34.37
CA PRO J 109 1.40 18.49 -35.18
C PRO J 109 1.43 19.94 -35.63
N LEU J 110 0.32 20.66 -35.53
CA LEU J 110 0.33 22.07 -35.90
C LEU J 110 0.71 22.94 -34.72
N ARG J 111 0.26 22.59 -33.53
CA ARG J 111 0.63 23.31 -32.32
C ARG J 111 2.05 23.09 -31.94
N VAL J 112 2.83 22.34 -32.72
CA VAL J 112 4.22 22.06 -32.42
C VAL J 112 5.16 22.84 -33.34
N HIS J 113 5.05 22.62 -34.65
CA HIS J 113 5.95 23.30 -35.59
C HIS J 113 5.54 24.73 -35.86
N THR J 114 4.29 25.09 -35.63
CA THR J 114 3.79 26.38 -36.07
C THR J 114 3.09 27.09 -34.91
N GLN J 115 3.28 28.40 -34.87
CA GLN J 115 2.58 29.28 -33.93
C GLN J 115 1.50 30.01 -34.73
N LEU J 116 0.35 29.37 -34.87
CA LEU J 116 -0.72 29.93 -35.68
C LEU J 116 -1.92 30.26 -34.82
N PRO J 117 -2.75 31.22 -35.24
CA PRO J 117 -3.92 31.59 -34.45
C PRO J 117 -4.84 30.40 -34.23
N GLU J 118 -5.30 30.25 -32.98
CA GLU J 118 -6.15 29.11 -32.63
C GLU J 118 -7.45 29.11 -33.41
N GLU J 119 -7.77 30.21 -34.08
CA GLU J 119 -8.92 30.23 -34.97
C GLU J 119 -8.55 29.79 -36.38
N MET J 120 -7.27 29.93 -36.76
CA MET J 120 -6.82 29.45 -38.05
C MET J 120 -6.55 27.95 -38.02
N ILE J 121 -6.10 27.43 -36.88
CA ILE J 121 -5.86 26.00 -36.74
C ILE J 121 -7.14 25.20 -36.88
N ARG J 122 -8.28 25.77 -36.47
CA ARG J 122 -9.55 25.06 -36.64
C ARG J 122 -9.86 24.81 -38.12
N ASP J 123 -9.54 25.77 -38.99
CA ASP J 123 -9.78 25.57 -40.41
C ASP J 123 -8.93 24.44 -40.96
N ILE J 124 -7.65 24.41 -40.59
CA ILE J 124 -6.77 23.37 -41.10
C ILE J 124 -7.21 22.00 -40.57
N VAL J 125 -7.57 21.93 -39.29
CA VAL J 125 -8.02 20.66 -38.73
C VAL J 125 -9.28 20.18 -39.44
N LEU J 126 -10.25 21.08 -39.62
CA LEU J 126 -11.50 20.69 -40.27
C LEU J 126 -11.28 20.26 -41.71
N MET J 127 -10.62 21.11 -42.50
CA MET J 127 -10.39 20.77 -43.89
C MET J 127 -9.55 19.50 -44.03
N LYS J 128 -8.73 19.20 -43.04
CA LYS J 128 -8.00 17.94 -43.01
C LYS J 128 -8.76 16.84 -42.30
N LEU J 129 -9.98 17.10 -41.84
CA LEU J 129 -10.85 16.07 -41.28
C LEU J 129 -12.08 15.85 -42.13
N GLN J 130 -12.57 16.88 -42.82
CA GLN J 130 -13.63 16.69 -43.79
C GLN J 130 -13.13 15.86 -44.97
N ALA J 131 -11.82 15.91 -45.22
CA ALA J 131 -11.24 15.09 -46.28
C ALA J 131 -11.26 13.62 -45.89
N VAL J 132 -10.70 13.29 -44.72
CA VAL J 132 -10.69 11.91 -44.26
C VAL J 132 -12.04 11.46 -43.75
N GLY J 133 -13.04 12.33 -43.73
CA GLY J 133 -14.39 11.98 -43.37
C GLY J 133 -14.75 12.23 -41.93
N LEU J 134 -13.78 12.16 -41.01
CA LEU J 134 -14.09 12.29 -39.59
C LEU J 134 -14.16 13.74 -39.14
N ARG J 135 -14.90 14.57 -39.86
CA ARG J 135 -15.12 15.93 -39.42
C ARG J 135 -16.22 16.05 -38.38
N GLY J 136 -16.97 14.96 -38.14
CA GLY J 136 -18.05 14.99 -37.18
C GLY J 136 -17.58 14.90 -35.74
N ALA J 137 -16.91 13.80 -35.40
CA ALA J 137 -16.43 13.60 -34.04
C ALA J 137 -15.17 14.43 -33.82
N VAL J 138 -15.27 15.74 -33.97
CA VAL J 138 -14.15 16.63 -33.77
C VAL J 138 -13.99 16.92 -32.29
N GLU J 139 -14.89 16.37 -31.48
CA GLU J 139 -14.86 16.59 -30.04
C GLU J 139 -14.85 15.29 -29.24
N LEU J 140 -15.04 14.15 -29.89
CA LEU J 140 -14.99 12.87 -29.19
C LEU J 140 -13.57 12.61 -28.68
N MET J 141 -13.46 11.63 -27.80
CA MET J 141 -12.16 11.20 -27.34
C MET J 141 -11.76 9.92 -28.06
N PRO J 142 -10.46 9.71 -28.30
CA PRO J 142 -10.02 8.47 -28.97
C PRO J 142 -10.42 7.21 -28.22
N ASP J 143 -10.71 7.30 -26.93
CA ASP J 143 -11.23 6.15 -26.22
C ASP J 143 -12.58 5.72 -26.78
N GLU J 144 -13.39 6.70 -27.22
CA GLU J 144 -14.74 6.41 -27.68
C GLU J 144 -14.83 6.14 -29.17
N LEU J 145 -13.85 6.59 -29.96
CA LEU J 145 -13.87 6.34 -31.39
C LEU J 145 -13.81 4.85 -31.67
N SER J 146 -14.59 4.39 -32.64
CA SER J 146 -14.60 2.98 -32.98
C SER J 146 -13.24 2.54 -33.49
N GLY J 147 -12.97 1.23 -33.39
CA GLY J 147 -11.69 0.71 -33.82
C GLY J 147 -11.38 0.98 -35.28
N GLY J 148 -12.40 1.26 -36.08
CA GLY J 148 -12.19 1.58 -37.48
C GLY J 148 -11.78 3.02 -37.70
N MET J 149 -12.62 3.96 -37.27
CA MET J 149 -12.33 5.37 -37.48
C MET J 149 -11.19 5.87 -36.60
N LYS J 150 -10.71 5.05 -35.67
CA LYS J 150 -9.57 5.44 -34.86
C LYS J 150 -8.30 5.60 -35.70
N ARG J 151 -8.33 5.14 -36.94
CA ARG J 151 -7.17 5.21 -37.83
C ARG J 151 -7.29 6.35 -38.83
N ARG J 152 -8.52 6.66 -39.26
CA ARG J 152 -8.69 7.75 -40.21
C ARG J 152 -8.36 9.09 -39.59
N VAL J 153 -8.66 9.27 -38.31
CA VAL J 153 -8.27 10.50 -37.63
C VAL J 153 -6.75 10.59 -37.51
N ALA J 154 -6.09 9.45 -37.30
CA ALA J 154 -4.63 9.46 -37.30
C ALA J 154 -4.08 9.83 -38.67
N LEU J 155 -4.72 9.33 -39.73
CA LEU J 155 -4.32 9.74 -41.07
C LEU J 155 -4.51 11.23 -41.27
N ALA J 156 -5.61 11.78 -40.75
CA ALA J 156 -5.83 13.21 -40.80
C ALA J 156 -4.72 13.97 -40.08
N ARG J 157 -4.33 13.49 -38.91
CA ARG J 157 -3.21 14.09 -38.20
C ARG J 157 -1.93 14.03 -39.03
N ALA J 158 -1.71 12.91 -39.70
CA ALA J 158 -0.52 12.75 -40.52
C ALA J 158 -0.50 13.77 -41.65
N ILE J 159 -1.61 13.89 -42.39
CA ILE J 159 -1.63 14.80 -43.53
C ILE J 159 -1.70 16.26 -43.11
N ALA J 160 -1.73 16.55 -41.82
CA ALA J 160 -1.58 17.93 -41.37
C ALA J 160 -0.16 18.41 -41.67
N LEU J 161 0.00 19.73 -41.66
CA LEU J 161 1.23 20.42 -42.04
C LEU J 161 1.51 20.28 -43.52
N ASP J 162 0.68 19.52 -44.24
CA ASP J 162 0.84 19.26 -45.65
C ASP J 162 2.21 18.66 -45.93
N PRO J 163 2.46 17.43 -45.51
CA PRO J 163 3.76 16.81 -45.74
C PRO J 163 3.97 16.50 -47.22
N GLN J 164 5.20 16.13 -47.54
CA GLN J 164 5.55 15.75 -48.90
C GLN J 164 5.63 14.24 -49.09
N ILE J 165 5.96 13.51 -48.03
CA ILE J 165 5.89 12.05 -48.01
C ILE J 165 5.15 11.66 -46.74
N LEU J 166 4.59 10.46 -46.74
CA LEU J 166 3.99 9.97 -45.50
C LEU J 166 4.01 8.45 -45.51
N LEU J 167 4.21 7.88 -44.33
CA LEU J 167 4.48 6.47 -44.14
C LEU J 167 3.29 5.78 -43.48
N TYR J 168 3.03 4.54 -43.87
CA TYR J 168 1.87 3.81 -43.39
C TYR J 168 2.32 2.50 -42.77
N ASP J 169 2.18 2.38 -41.46
CA ASP J 169 2.56 1.16 -40.74
C ASP J 169 1.35 0.25 -40.63
N GLU J 170 1.32 -0.79 -41.44
CA GLU J 170 0.29 -1.83 -41.38
C GLU J 170 -1.12 -1.27 -41.52
N PRO J 171 -1.37 -0.43 -42.53
CA PRO J 171 -2.66 0.27 -42.60
C PRO J 171 -3.85 -0.66 -42.79
N PHE J 172 -3.83 -1.48 -43.84
CA PHE J 172 -4.95 -2.37 -44.14
C PHE J 172 -4.63 -3.80 -43.72
N VAL J 173 -4.59 -3.98 -42.40
CA VAL J 173 -4.44 -5.31 -41.81
C VAL J 173 -5.34 -5.38 -40.59
N GLY J 174 -6.29 -6.32 -40.62
CA GLY J 174 -7.21 -6.47 -39.51
C GLY J 174 -8.32 -5.45 -39.50
N GLN J 175 -9.15 -5.42 -40.55
CA GLN J 175 -10.32 -4.57 -40.57
C GLN J 175 -11.26 -5.05 -41.68
N ASP J 176 -12.54 -4.80 -41.48
CA ASP J 176 -13.55 -5.19 -42.47
C ASP J 176 -13.27 -4.49 -43.80
N PRO J 177 -13.63 -5.11 -44.92
CA PRO J 177 -13.32 -4.49 -46.22
C PRO J 177 -14.00 -3.15 -46.43
N ILE J 178 -15.16 -2.91 -45.80
CA ILE J 178 -15.83 -1.63 -45.96
C ILE J 178 -15.07 -0.51 -45.29
N ALA J 179 -14.13 -0.83 -44.40
CA ALA J 179 -13.22 0.16 -43.84
C ALA J 179 -11.86 0.15 -44.49
N MET J 180 -11.32 -1.04 -44.77
CA MET J 180 -10.14 -1.12 -45.61
C MET J 180 -10.40 -0.49 -46.97
N GLY J 181 -11.65 -0.53 -47.45
CA GLY J 181 -11.98 0.13 -48.69
C GLY J 181 -11.75 1.63 -48.63
N VAL J 182 -12.34 2.30 -47.64
CA VAL J 182 -12.15 3.74 -47.52
C VAL J 182 -10.70 4.06 -47.25
N LEU J 183 -10.01 3.21 -46.48
CA LEU J 183 -8.62 3.51 -46.17
C LEU J 183 -7.74 3.42 -47.40
N VAL J 184 -7.90 2.39 -48.23
CA VAL J 184 -7.09 2.28 -49.43
C VAL J 184 -7.48 3.36 -50.44
N ARG J 185 -8.77 3.71 -50.49
CA ARG J 185 -9.18 4.82 -51.33
C ARG J 185 -8.52 6.12 -50.90
N LEU J 186 -8.37 6.32 -49.59
CA LEU J 186 -7.72 7.53 -49.10
C LEU J 186 -6.23 7.50 -49.38
N ILE J 187 -5.60 6.34 -49.22
CA ILE J 187 -4.17 6.24 -49.53
C ILE J 187 -3.91 6.49 -51.00
N ARG J 188 -4.83 6.09 -51.88
CA ARG J 188 -4.62 6.35 -53.30
C ARG J 188 -5.00 7.78 -53.67
N LEU J 189 -5.99 8.35 -52.97
CA LEU J 189 -6.40 9.72 -53.25
C LEU J 189 -5.33 10.71 -52.82
N LEU J 190 -4.79 10.55 -51.61
CA LEU J 190 -3.75 11.45 -51.14
C LEU J 190 -2.56 11.47 -52.09
N ASN J 191 -2.18 10.30 -52.62
CA ASN J 191 -1.10 10.28 -53.59
C ASN J 191 -1.52 10.93 -54.90
N ASP J 192 -2.70 10.58 -55.41
CA ASP J 192 -3.12 11.09 -56.71
C ASP J 192 -3.48 12.58 -56.62
N ALA J 193 -4.42 12.92 -55.74
CA ALA J 193 -4.86 14.31 -55.63
C ALA J 193 -3.71 15.23 -55.22
N LEU J 194 -3.17 15.03 -54.02
CA LEU J 194 -2.16 15.94 -53.50
C LEU J 194 -0.82 15.80 -54.19
N GLY J 195 -0.49 14.63 -54.73
CA GLY J 195 0.82 14.42 -55.30
C GLY J 195 1.91 14.31 -54.26
N ILE J 196 1.70 13.48 -53.24
CA ILE J 196 2.66 13.28 -52.16
C ILE J 196 3.01 11.81 -52.10
N THR J 197 4.29 11.52 -51.92
CA THR J 197 4.75 10.14 -51.85
C THR J 197 4.05 9.41 -50.71
N SER J 198 3.93 8.09 -50.85
CA SER J 198 3.41 7.25 -49.80
C SER J 198 4.25 5.99 -49.73
N ILE J 199 4.48 5.50 -48.51
CA ILE J 199 5.26 4.29 -48.31
C ILE J 199 4.44 3.33 -47.47
N VAL J 200 3.68 2.47 -48.13
CA VAL J 200 2.84 1.53 -47.40
C VAL J 200 3.71 0.40 -46.89
N VAL J 201 3.54 0.06 -45.62
CA VAL J 201 4.36 -0.95 -44.95
C VAL J 201 3.40 -1.96 -44.34
N SER J 202 3.09 -3.02 -45.08
CA SER J 202 2.16 -4.03 -44.61
C SER J 202 2.32 -5.28 -45.45
N HIS J 203 2.04 -6.42 -44.83
CA HIS J 203 2.13 -7.70 -45.52
C HIS J 203 0.77 -8.21 -45.99
N ASP J 204 -0.13 -7.32 -46.36
CA ASP J 204 -1.38 -7.70 -47.02
C ASP J 204 -1.06 -7.71 -48.51
N LEU J 205 -0.70 -8.88 -49.00
CA LEU J 205 -0.08 -8.99 -50.32
C LEU J 205 -0.98 -8.50 -51.44
N ALA J 206 -2.22 -9.00 -51.49
CA ALA J 206 -3.14 -8.65 -52.55
C ALA J 206 -3.40 -7.15 -52.58
N GLU J 207 -3.77 -6.59 -51.43
CA GLU J 207 -4.13 -5.17 -51.40
C GLU J 207 -2.92 -4.28 -51.70
N THR J 208 -1.78 -4.55 -51.05
CA THR J 208 -0.60 -3.74 -51.31
C THR J 208 -0.20 -3.82 -52.78
N ALA J 209 -0.25 -5.02 -53.37
CA ALA J 209 0.07 -5.17 -54.78
C ALA J 209 -0.95 -4.44 -55.65
N SER J 210 -2.17 -4.27 -55.13
CA SER J 210 -3.17 -3.52 -55.88
C SER J 210 -2.93 -2.02 -55.80
N ILE J 211 -2.35 -1.53 -54.70
CA ILE J 211 -2.17 -0.10 -54.53
C ILE J 211 -0.76 0.34 -54.92
N ALA J 212 0.24 -0.46 -54.53
CA ALA J 212 1.63 -0.02 -54.64
C ALA J 212 2.04 0.17 -56.09
N ASP J 213 3.02 1.06 -56.31
CA ASP J 213 3.61 1.28 -57.63
C ASP J 213 4.96 0.58 -57.77
N TYR J 214 5.90 0.87 -56.86
CA TYR J 214 7.20 0.23 -56.85
C TYR J 214 7.36 -0.50 -55.52
N ILE J 215 6.87 -1.73 -55.46
CA ILE J 215 6.86 -2.52 -54.23
C ILE J 215 8.22 -3.15 -54.03
N TYR J 216 8.77 -2.99 -52.82
CA TYR J 216 9.96 -3.70 -52.39
C TYR J 216 9.55 -4.78 -51.39
N ILE J 217 10.40 -5.79 -51.24
CA ILE J 217 10.15 -6.86 -50.28
C ILE J 217 11.38 -7.00 -49.39
N VAL J 218 11.14 -7.18 -48.09
CA VAL J 218 12.20 -7.29 -47.11
C VAL J 218 12.11 -8.67 -46.46
N GLY J 219 13.25 -9.35 -46.32
CA GLY J 219 13.27 -10.65 -45.71
C GLY J 219 14.55 -10.95 -44.95
N ASP J 220 14.39 -11.38 -43.70
CA ASP J 220 15.45 -11.79 -42.79
C ASP J 220 16.74 -11.00 -42.94
N GLY J 221 16.63 -9.67 -43.01
CA GLY J 221 17.78 -8.80 -42.88
C GLY J 221 18.32 -8.21 -44.17
N ARG J 222 17.75 -8.54 -45.33
CA ARG J 222 18.26 -8.01 -46.58
C ARG J 222 17.12 -7.73 -47.55
N VAL J 223 17.40 -6.87 -48.52
CA VAL J 223 16.42 -6.50 -49.53
C VAL J 223 16.21 -7.68 -50.48
N LEU J 224 14.98 -8.17 -50.53
CA LEU J 224 14.64 -9.32 -51.36
C LEU J 224 14.10 -8.86 -52.72
N GLY J 225 14.89 -8.03 -53.39
CA GLY J 225 14.50 -7.52 -54.69
C GLY J 225 13.40 -6.47 -54.60
N HIS J 226 13.14 -5.83 -55.74
CA HIS J 226 12.22 -4.72 -55.78
C HIS J 226 11.79 -4.47 -57.23
N GLY J 227 10.57 -3.98 -57.41
CA GLY J 227 10.08 -3.64 -58.72
C GLY J 227 8.60 -3.32 -58.68
N THR J 228 8.01 -3.27 -59.87
CA THR J 228 6.58 -3.09 -59.99
C THR J 228 5.88 -4.37 -59.52
N PRO J 229 4.61 -4.28 -59.10
CA PRO J 229 3.93 -5.46 -58.55
C PRO J 229 3.90 -6.66 -59.49
N ASP J 230 3.45 -6.47 -60.72
CA ASP J 230 3.27 -7.59 -61.64
C ASP J 230 4.59 -8.29 -61.93
N VAL J 231 5.70 -7.55 -61.92
CA VAL J 231 7.01 -8.15 -62.14
C VAL J 231 7.32 -9.16 -61.03
N LEU J 232 7.08 -8.79 -59.79
CA LEU J 232 7.38 -9.68 -58.66
C LEU J 232 6.42 -10.86 -58.56
N LYS J 233 5.40 -10.92 -59.41
CA LYS J 233 4.48 -12.06 -59.41
C LYS J 233 5.03 -13.27 -60.14
N GLU J 234 6.00 -13.08 -61.05
CA GLU J 234 6.61 -14.19 -61.75
C GLU J 234 8.14 -14.06 -61.77
N THR J 235 8.72 -13.51 -60.70
CA THR J 235 10.17 -13.37 -60.64
C THR J 235 10.85 -14.72 -60.54
N ASP J 236 10.13 -15.73 -60.07
CA ASP J 236 10.63 -17.10 -59.86
C ASP J 236 11.74 -17.18 -58.83
N ASP J 237 12.03 -16.08 -58.13
CA ASP J 237 12.89 -16.13 -56.96
C ASP J 237 12.24 -17.07 -55.96
N PRO J 238 12.91 -18.15 -55.55
CA PRO J 238 12.24 -19.16 -54.71
C PRO J 238 11.54 -18.59 -53.48
N ARG J 239 12.25 -17.82 -52.65
CA ARG J 239 11.62 -17.24 -51.48
C ARG J 239 10.56 -16.23 -51.87
N ILE J 240 10.82 -15.42 -52.90
CA ILE J 240 9.86 -14.39 -53.30
C ILE J 240 8.64 -15.02 -53.94
N ARG J 241 8.83 -16.04 -54.77
CA ARG J 241 7.68 -16.69 -55.36
C ARG J 241 6.90 -17.48 -54.32
N GLN J 242 7.57 -17.94 -53.25
CA GLN J 242 6.85 -18.52 -52.13
C GLN J 242 6.04 -17.48 -51.38
N PHE J 243 6.58 -16.27 -51.26
CA PHE J 243 5.89 -15.19 -50.56
C PHE J 243 4.68 -14.70 -51.33
N VAL J 244 4.88 -14.28 -52.58
CA VAL J 244 3.84 -13.60 -53.36
C VAL J 244 2.74 -14.57 -53.76
N LYS J 245 2.87 -15.84 -53.39
CA LYS J 245 1.80 -16.82 -53.58
C LYS J 245 1.52 -17.48 -52.24
N GLY J 246 0.49 -18.32 -52.22
CA GLY J 246 0.18 -19.04 -51.00
C GLY J 246 1.26 -20.06 -50.69
N ILE J 247 1.30 -21.14 -51.48
CA ILE J 247 2.38 -22.12 -51.55
C ILE J 247 3.05 -22.29 -50.18
N PRO J 248 2.35 -22.92 -49.22
CA PRO J 248 2.85 -22.94 -47.83
C PRO J 248 4.31 -23.36 -47.67
N ASP J 249 4.79 -24.30 -48.48
CA ASP J 249 6.14 -24.82 -48.33
C ASP J 249 7.04 -24.31 -49.46
N GLY J 250 8.33 -24.25 -49.16
CA GLY J 250 9.32 -23.79 -50.10
C GLY J 250 10.66 -23.56 -49.41
N PRO J 251 11.27 -22.41 -49.67
CA PRO J 251 12.49 -22.05 -48.92
C PRO J 251 12.25 -21.93 -47.43
N VAL J 252 11.24 -21.16 -47.02
CA VAL J 252 10.84 -21.14 -45.61
C VAL J 252 10.22 -22.48 -45.29
N PRO J 253 10.75 -23.21 -44.32
CA PRO J 253 10.25 -24.57 -44.05
C PRO J 253 8.86 -24.52 -43.43
N PHE J 254 7.98 -25.41 -43.91
CA PHE J 254 6.66 -25.55 -43.31
C PHE J 254 6.75 -26.29 -41.99
N HIS J 255 7.61 -27.32 -41.93
CA HIS J 255 7.76 -28.11 -40.73
C HIS J 255 8.74 -27.46 -39.76
N TYR J 256 8.56 -27.76 -38.48
CA TYR J 256 9.53 -27.36 -37.47
C TYR J 256 10.62 -28.42 -37.38
N PRO J 257 11.83 -28.03 -36.97
CA PRO J 257 12.92 -29.00 -36.92
C PRO J 257 12.73 -30.06 -35.85
N ALA J 258 11.84 -31.02 -36.12
CA ALA J 258 11.62 -32.15 -35.22
C ALA J 258 12.81 -33.10 -35.31
N ARG J 259 12.76 -34.18 -34.54
CA ARG J 259 13.86 -35.14 -34.51
C ARG J 259 13.69 -36.21 -35.58
N ASP J 260 12.61 -36.99 -35.49
CA ASP J 260 12.30 -38.00 -36.50
C ASP J 260 10.89 -38.51 -36.29
N TYR J 261 10.07 -38.51 -37.34
CA TYR J 261 8.68 -38.94 -37.21
C TYR J 261 8.57 -40.39 -36.74
N ARG J 262 9.56 -41.22 -37.04
CA ARG J 262 9.57 -42.57 -36.49
C ARG J 262 10.06 -42.58 -35.05
N ALA J 263 11.06 -41.75 -34.74
CA ALA J 263 11.68 -41.81 -33.42
C ALA J 263 10.79 -41.20 -32.35
N ASP J 264 10.36 -39.95 -32.54
CA ASP J 264 9.55 -39.28 -31.53
C ASP J 264 8.24 -40.01 -31.28
N LEU J 265 7.82 -40.85 -32.21
CA LEU J 265 6.60 -41.61 -32.04
C LEU J 265 6.84 -43.00 -31.45
N LEU J 266 7.88 -43.70 -31.92
CA LEU J 266 8.15 -45.06 -31.46
C LEU J 266 9.10 -45.11 -30.27
N GLY J 267 9.76 -44.00 -29.95
CA GLY J 267 10.66 -43.96 -28.82
C GLY J 267 10.49 -42.72 -27.96
N GLN K 3 -17.92 -51.68 -26.66
CA GLN K 3 -18.39 -51.61 -28.04
C GLN K 3 -17.64 -52.55 -28.96
N ALA K 4 -16.32 -52.52 -28.88
CA ALA K 4 -15.46 -53.36 -29.70
C ALA K 4 -14.72 -54.37 -28.84
N SER K 5 -14.16 -55.39 -29.48
CA SER K 5 -13.53 -56.50 -28.78
C SER K 5 -12.29 -56.94 -29.55
N LEU K 6 -11.50 -57.80 -28.92
CA LEU K 6 -10.26 -58.32 -29.49
C LEU K 6 -10.19 -59.81 -29.21
N ARG K 7 -10.30 -60.63 -30.26
CA ARG K 7 -10.36 -62.07 -30.11
C ARG K 7 -9.42 -62.72 -31.12
N GLU K 8 -9.45 -64.06 -31.15
CA GLU K 8 -8.73 -64.91 -32.09
C GLU K 8 -7.22 -64.73 -32.02
N GLY K 9 -6.69 -64.14 -30.97
CA GLY K 9 -5.27 -63.89 -30.90
C GLY K 9 -4.49 -65.02 -30.25
N ALA K 10 -3.22 -64.71 -29.95
CA ALA K 10 -2.25 -65.56 -29.25
C ALA K 10 -1.77 -66.74 -30.08
N ALA K 11 -2.34 -66.98 -31.26
CA ALA K 11 -1.89 -68.06 -32.12
C ALA K 11 -1.83 -67.69 -33.59
N GLY K 12 -1.97 -66.42 -33.94
CA GLY K 12 -1.94 -66.02 -35.34
C GLY K 12 -2.66 -64.71 -35.60
N GLU K 13 -3.57 -64.74 -36.56
CA GLU K 13 -4.30 -63.54 -36.97
C GLU K 13 -5.15 -63.01 -35.82
N LEU K 14 -4.89 -61.77 -35.43
CA LEU K 14 -5.65 -61.09 -34.39
C LEU K 14 -6.61 -60.10 -35.03
N GLN K 15 -7.90 -60.24 -34.72
CA GLN K 15 -8.95 -59.52 -35.42
C GLN K 15 -9.47 -58.35 -34.59
N LEU K 16 -10.11 -57.40 -35.27
CA LEU K 16 -10.66 -56.21 -34.64
C LEU K 16 -12.18 -56.22 -34.76
N ALA K 17 -12.81 -55.39 -33.94
CA ALA K 17 -14.26 -55.21 -33.98
C ALA K 17 -14.58 -53.83 -34.54
N GLY K 18 -15.86 -53.46 -34.50
CA GLY K 18 -16.37 -52.32 -35.24
C GLY K 18 -15.92 -50.94 -34.79
N VAL K 19 -16.36 -50.51 -33.61
CA VAL K 19 -16.26 -49.11 -33.21
C VAL K 19 -15.06 -48.96 -32.27
N LEU K 20 -14.01 -48.31 -32.77
CA LEU K 20 -12.85 -47.96 -31.95
C LEU K 20 -12.93 -46.49 -31.59
N ASP K 21 -13.82 -46.19 -30.64
CA ASP K 21 -13.99 -44.82 -30.17
C ASP K 21 -13.02 -44.54 -29.01
N TYR K 22 -13.20 -43.40 -28.36
CA TYR K 22 -12.31 -43.04 -27.25
C TYR K 22 -12.59 -43.88 -26.01
N SER K 23 -13.86 -44.28 -25.83
CA SER K 23 -14.20 -45.11 -24.67
C SER K 23 -13.57 -46.48 -24.77
N SER K 24 -13.80 -47.18 -25.89
CA SER K 24 -13.25 -48.50 -26.11
C SER K 24 -11.75 -48.48 -26.37
N GLY K 25 -11.10 -47.32 -26.25
CA GLY K 25 -9.68 -47.21 -26.50
C GLY K 25 -8.81 -47.92 -25.49
N PRO K 26 -8.81 -47.44 -24.24
CA PRO K 26 -7.91 -48.04 -23.24
C PRO K 26 -8.21 -49.50 -22.95
N ALA K 27 -9.49 -49.88 -22.90
CA ALA K 27 -9.85 -51.26 -22.60
C ALA K 27 -9.33 -52.19 -23.69
N LEU K 28 -9.57 -51.85 -24.96
CA LEU K 28 -9.05 -52.66 -26.06
C LEU K 28 -7.53 -52.69 -26.02
N ARG K 29 -6.90 -51.55 -25.77
CA ARG K 29 -5.45 -51.52 -25.71
C ARG K 29 -4.93 -52.51 -24.67
N GLU K 30 -5.46 -52.43 -23.44
CA GLU K 30 -4.98 -53.30 -22.37
C GLU K 30 -5.23 -54.76 -22.71
N GLN K 31 -6.48 -55.10 -23.07
CA GLN K 31 -6.78 -56.50 -23.36
C GLN K 31 -6.09 -57.00 -24.62
N GLY K 32 -5.47 -56.12 -25.40
CA GLY K 32 -4.73 -56.55 -26.57
C GLY K 32 -3.24 -56.32 -26.46
N GLY K 33 -2.85 -55.27 -25.74
CA GLY K 33 -1.45 -54.88 -25.60
C GLY K 33 -0.51 -56.00 -25.20
N ARG K 34 -0.84 -56.69 -24.11
CA ARG K 34 -0.04 -57.80 -23.63
C ARG K 34 -0.76 -59.13 -23.68
N LEU K 35 -2.02 -59.16 -23.26
CA LEU K 35 -2.76 -60.41 -23.13
C LEU K 35 -2.85 -61.17 -24.44
N ILE K 36 -2.62 -60.48 -25.56
CA ILE K 36 -2.59 -61.11 -26.88
C ILE K 36 -1.17 -61.15 -27.43
N ARG K 37 -0.45 -60.03 -27.34
CA ARG K 37 0.86 -59.94 -27.95
C ARG K 37 1.88 -60.86 -27.28
N ALA K 38 1.83 -60.97 -25.96
CA ALA K 38 2.85 -61.68 -25.20
C ALA K 38 2.94 -63.17 -25.52
N SER K 39 2.10 -63.68 -26.42
CA SER K 39 2.12 -65.10 -26.72
C SER K 39 3.40 -65.51 -27.45
N GLN K 40 3.92 -64.65 -28.32
CA GLN K 40 5.05 -64.97 -29.19
C GLN K 40 4.77 -66.25 -29.98
N ALA K 41 3.76 -66.16 -30.84
CA ALA K 41 3.30 -67.33 -31.60
C ALA K 41 3.85 -67.33 -33.02
N ALA K 42 3.62 -66.25 -33.77
CA ALA K 42 4.05 -66.19 -35.17
C ALA K 42 4.11 -64.72 -35.58
N GLU K 43 4.22 -64.48 -36.88
CA GLU K 43 4.20 -63.12 -37.41
C GLU K 43 2.77 -62.59 -37.39
N LEU K 44 2.43 -61.83 -36.35
CA LEU K 44 1.05 -61.45 -36.09
C LEU K 44 0.49 -60.60 -37.22
N VAL K 45 -0.70 -60.96 -37.68
CA VAL K 45 -1.44 -60.13 -38.64
C VAL K 45 -2.69 -59.60 -37.95
N VAL K 46 -2.89 -58.29 -38.03
CA VAL K 46 -4.04 -57.64 -37.42
C VAL K 46 -4.96 -57.21 -38.56
N ASP K 47 -6.02 -57.98 -38.77
CA ASP K 47 -6.96 -57.74 -39.86
C ASP K 47 -8.14 -56.93 -39.33
N CYS K 48 -8.20 -55.65 -39.73
CA CYS K 48 -9.28 -54.77 -39.31
C CYS K 48 -10.43 -54.82 -40.32
N SER K 49 -10.98 -56.02 -40.47
CA SER K 49 -12.01 -56.25 -41.48
C SER K 49 -13.34 -55.65 -41.05
N ALA K 50 -13.89 -56.10 -39.93
CA ALA K 50 -15.20 -55.66 -39.46
C ALA K 50 -15.09 -54.44 -38.57
N VAL K 51 -14.43 -53.39 -39.06
CA VAL K 51 -14.28 -52.13 -38.33
C VAL K 51 -15.20 -51.12 -39.00
N GLU K 52 -16.38 -50.91 -38.43
CA GLU K 52 -17.36 -50.03 -39.06
C GLU K 52 -16.94 -48.57 -38.96
N ARG K 53 -16.58 -48.12 -37.76
CA ARG K 53 -16.26 -46.72 -37.52
C ARG K 53 -15.10 -46.62 -36.56
N SER K 54 -14.20 -45.66 -36.80
CA SER K 54 -13.05 -45.44 -35.95
C SER K 54 -12.56 -44.01 -36.10
N SER K 55 -11.59 -43.65 -35.27
CA SER K 55 -10.97 -42.33 -35.28
C SER K 55 -9.53 -42.44 -34.78
N SER K 56 -8.91 -41.28 -34.52
CA SER K 56 -7.49 -41.25 -34.20
C SER K 56 -7.14 -42.09 -32.98
N VAL K 57 -8.07 -42.27 -32.05
CA VAL K 57 -7.84 -43.20 -30.95
C VAL K 57 -7.57 -44.60 -31.50
N GLY K 58 -8.32 -44.98 -32.55
CA GLY K 58 -8.06 -46.25 -33.21
C GLY K 58 -6.69 -46.29 -33.86
N ILE K 59 -6.24 -45.17 -34.42
CA ILE K 59 -4.90 -45.13 -35.00
C ILE K 59 -3.85 -45.36 -33.94
N SER K 60 -3.96 -44.66 -32.80
CA SER K 60 -2.99 -44.86 -31.73
C SER K 60 -3.07 -46.27 -31.17
N LEU K 61 -4.27 -46.87 -31.17
CA LEU K 61 -4.42 -48.26 -30.77
C LEU K 61 -3.62 -49.17 -31.69
N LEU K 62 -3.82 -49.03 -33.01
CA LEU K 62 -2.98 -49.73 -33.97
C LEU K 62 -1.53 -49.31 -33.84
N LEU K 63 -1.30 -48.10 -33.34
CA LEU K 63 0.07 -47.59 -33.24
C LEU K 63 0.74 -48.11 -31.97
N ALA K 64 -0.01 -48.18 -30.87
CA ALA K 64 0.52 -48.83 -29.68
C ALA K 64 0.68 -50.33 -29.90
N PHE K 65 -0.09 -50.90 -30.82
CA PHE K 65 0.02 -52.33 -31.11
C PHE K 65 1.40 -52.72 -31.58
N ILE K 66 2.12 -51.81 -32.23
CA ILE K 66 3.42 -52.15 -32.81
C ILE K 66 4.56 -51.76 -31.89
N ARG K 67 4.37 -50.74 -31.05
CA ARG K 67 5.46 -50.25 -30.22
C ARG K 67 5.90 -51.26 -29.17
N ASP K 68 5.11 -52.29 -28.91
CA ASP K 68 5.50 -53.39 -28.03
C ASP K 68 6.01 -54.60 -28.80
N ALA K 69 5.50 -54.84 -30.01
CA ALA K 69 6.11 -55.85 -30.87
C ALA K 69 7.56 -55.49 -31.15
N ARG K 70 7.83 -54.21 -31.42
CA ARG K 70 9.21 -53.75 -31.52
C ARG K 70 9.95 -54.01 -30.22
N LYS K 71 9.25 -53.96 -29.09
CA LYS K 71 9.86 -54.31 -27.81
C LYS K 71 9.98 -55.82 -27.66
N ALA K 72 8.92 -56.55 -27.99
CA ALA K 72 8.92 -58.00 -27.81
C ALA K 72 9.70 -58.74 -28.88
N GLY K 73 10.31 -58.03 -29.83
CA GLY K 73 11.12 -58.65 -30.87
C GLY K 73 10.37 -59.10 -32.11
N LYS K 74 9.15 -59.59 -31.94
CA LYS K 74 8.37 -60.06 -33.08
C LYS K 74 7.86 -58.89 -33.91
N VAL K 75 7.38 -59.21 -35.11
CA VAL K 75 6.91 -58.22 -36.07
C VAL K 75 5.43 -58.46 -36.33
N LEU K 76 4.69 -57.38 -36.52
CA LEU K 76 3.28 -57.44 -36.89
C LEU K 76 2.98 -56.31 -37.87
N SER K 77 1.97 -56.53 -38.72
CA SER K 77 1.58 -55.56 -39.74
C SER K 77 0.07 -55.62 -39.94
N VAL K 78 -0.52 -54.48 -40.28
CA VAL K 78 -1.97 -54.42 -40.43
C VAL K 78 -2.37 -54.77 -41.86
N ARG K 79 -3.47 -55.51 -41.99
CA ARG K 79 -4.05 -55.81 -43.28
C ARG K 79 -5.51 -55.40 -43.27
N ALA K 80 -6.02 -55.03 -44.45
CA ALA K 80 -7.41 -54.60 -44.62
C ALA K 80 -7.71 -53.38 -43.75
N LEU K 81 -6.85 -52.37 -43.84
CA LEU K 81 -7.04 -51.16 -43.07
C LEU K 81 -8.23 -50.38 -43.63
N PRO K 82 -9.26 -50.12 -42.82
CA PRO K 82 -10.45 -49.44 -43.33
C PRO K 82 -10.15 -48.04 -43.83
N ASP K 83 -10.95 -47.60 -44.80
CA ASP K 83 -10.64 -46.38 -45.54
C ASP K 83 -10.77 -45.14 -44.66
N ASP K 84 -11.61 -45.20 -43.63
CA ASP K 84 -11.72 -44.05 -42.73
C ASP K 84 -10.44 -43.84 -41.94
N MET K 85 -9.93 -44.90 -41.31
CA MET K 85 -8.64 -44.81 -40.65
C MET K 85 -7.54 -44.52 -41.65
N ARG K 86 -7.69 -45.02 -42.88
CA ARG K 86 -6.77 -44.64 -43.96
C ARG K 86 -6.71 -43.14 -44.12
N GLU K 87 -7.88 -42.47 -44.11
CA GLU K 87 -7.89 -41.01 -44.19
C GLU K 87 -7.26 -40.38 -42.96
N ILE K 88 -7.66 -40.85 -41.78
CA ILE K 88 -7.13 -40.27 -40.54
C ILE K 88 -5.62 -40.34 -40.51
N ALA K 89 -5.05 -41.39 -41.11
CA ALA K 89 -3.59 -41.50 -41.15
C ALA K 89 -3.01 -40.65 -42.26
N LYS K 90 -3.64 -40.62 -43.42
CA LYS K 90 -3.13 -39.86 -44.55
C LYS K 90 -3.12 -38.37 -44.24
N VAL K 91 -3.97 -37.93 -43.31
CA VAL K 91 -3.98 -36.53 -42.91
C VAL K 91 -2.63 -36.13 -42.35
N SER K 92 -2.21 -36.76 -41.26
CA SER K 92 -0.86 -36.62 -40.77
C SER K 92 0.11 -37.22 -41.77
N SER K 93 1.40 -36.91 -41.60
CA SER K 93 2.41 -37.41 -42.52
C SER K 93 2.57 -38.93 -42.40
N LEU K 94 1.85 -39.55 -41.46
CA LEU K 94 1.95 -40.99 -41.28
C LEU K 94 1.37 -41.70 -42.50
N LEU K 95 2.26 -42.23 -43.35
CA LEU K 95 1.86 -43.03 -44.49
C LEU K 95 2.49 -44.42 -44.48
N GLU K 96 3.79 -44.50 -44.23
CA GLU K 96 4.49 -45.77 -44.15
C GLU K 96 5.06 -46.06 -42.78
N ILE K 97 4.91 -45.15 -41.81
CA ILE K 97 5.33 -45.44 -40.45
C ILE K 97 4.54 -46.62 -39.89
N LEU K 98 3.25 -46.68 -40.23
CA LEU K 98 2.45 -47.86 -39.97
C LEU K 98 2.53 -48.79 -41.17
N PRO K 99 3.25 -49.90 -41.07
CA PRO K 99 3.40 -50.80 -42.22
C PRO K 99 2.17 -51.66 -42.43
N LEU K 100 1.97 -52.05 -43.68
CA LEU K 100 0.84 -52.89 -44.05
C LEU K 100 1.19 -53.80 -45.21
N GLN L 3 9.14 36.44 -49.15
CA GLN L 3 8.25 35.30 -48.96
C GLN L 3 6.86 35.57 -49.53
N ALA L 4 6.09 36.39 -48.82
CA ALA L 4 4.71 36.66 -49.19
C ALA L 4 4.43 38.17 -49.14
N SER L 5 3.18 38.53 -49.43
CA SER L 5 2.73 39.91 -49.49
C SER L 5 1.22 39.93 -49.69
N LEU L 6 0.65 41.12 -49.57
CA LEU L 6 -0.79 41.33 -49.71
C LEU L 6 -1.04 42.82 -49.85
N ARG L 7 -1.80 43.21 -50.87
CA ARG L 7 -1.94 44.62 -51.21
C ARG L 7 -3.20 44.78 -52.08
N GLU L 8 -3.35 45.96 -52.68
CA GLU L 8 -4.49 46.30 -53.54
C GLU L 8 -5.82 46.19 -52.78
N GLY L 9 -5.96 47.06 -51.78
CA GLY L 9 -7.20 47.16 -51.03
C GLY L 9 -8.05 48.35 -51.43
N ALA L 10 -9.26 48.41 -50.88
CA ALA L 10 -10.21 49.50 -51.09
C ALA L 10 -10.74 49.57 -52.52
N ALA L 11 -10.21 48.71 -53.40
CA ALA L 11 -10.70 48.66 -54.78
C ALA L 11 -10.79 47.24 -55.30
N GLY L 12 -10.93 46.25 -54.41
CA GLY L 12 -10.94 44.87 -54.84
C GLY L 12 -9.59 44.46 -55.37
N GLU L 13 -9.57 43.37 -56.14
CA GLU L 13 -8.36 42.86 -56.78
C GLU L 13 -7.30 42.54 -55.75
N LEU L 14 -7.70 41.94 -54.64
CA LEU L 14 -6.79 41.70 -53.52
C LEU L 14 -5.71 40.71 -53.94
N GLN L 15 -4.51 41.24 -54.19
CA GLN L 15 -3.40 40.45 -54.67
C GLN L 15 -2.88 39.51 -53.58
N LEU L 16 -2.01 38.58 -53.99
CA LEU L 16 -1.31 37.70 -53.07
C LEU L 16 0.00 37.29 -53.70
N ALA L 17 1.04 37.22 -52.88
CA ALA L 17 2.38 36.91 -53.35
C ALA L 17 2.57 35.39 -53.41
N GLY L 18 3.83 34.96 -53.48
CA GLY L 18 4.15 33.57 -53.74
C GLY L 18 3.96 32.66 -52.56
N VAL L 19 4.97 31.82 -52.29
CA VAL L 19 4.87 30.67 -51.40
C VAL L 19 4.14 30.99 -50.10
N LEU L 20 3.09 30.23 -49.81
CA LEU L 20 2.32 30.39 -48.59
C LEU L 20 2.48 29.12 -47.75
N ASP L 21 3.38 29.16 -46.79
CA ASP L 21 3.63 28.04 -45.90
C ASP L 21 3.33 28.46 -44.46
N TYR L 22 3.71 27.57 -43.54
CA TYR L 22 3.62 27.87 -42.11
C TYR L 22 4.36 29.15 -41.75
N SER L 23 5.38 29.50 -42.53
CA SER L 23 6.12 30.74 -42.27
C SER L 23 5.26 31.96 -42.54
N SER L 24 4.77 32.10 -43.76
CA SER L 24 4.00 33.26 -44.16
C SER L 24 2.54 33.20 -43.76
N GLY L 25 2.14 32.28 -42.88
CA GLY L 25 0.76 32.12 -42.53
C GLY L 25 0.20 33.26 -41.69
N PRO L 26 0.66 33.37 -40.45
CA PRO L 26 0.08 34.39 -39.55
C PRO L 26 0.40 35.80 -39.98
N ALA L 27 1.54 36.03 -40.63
CA ALA L 27 1.88 37.36 -41.10
C ALA L 27 0.80 37.89 -42.04
N LEU L 28 0.55 37.17 -43.14
CA LEU L 28 -0.50 37.58 -44.07
C LEU L 28 -1.87 37.53 -43.41
N ARG L 29 -2.09 36.56 -42.52
CA ARG L 29 -3.36 36.45 -41.84
C ARG L 29 -3.72 37.73 -41.10
N GLU L 30 -2.75 38.27 -40.36
CA GLU L 30 -3.00 39.52 -39.64
C GLU L 30 -3.02 40.71 -40.59
N GLN L 31 -2.04 40.79 -41.49
CA GLN L 31 -1.93 41.96 -42.35
C GLN L 31 -3.07 42.06 -43.34
N GLY L 32 -3.90 41.03 -43.47
CA GLY L 32 -5.10 41.13 -44.26
C GLY L 32 -6.35 41.04 -43.41
N GLY L 33 -6.23 40.41 -42.25
CA GLY L 33 -7.35 40.22 -41.34
C GLY L 33 -8.07 41.49 -40.95
N ARG L 34 -7.33 42.47 -40.45
CA ARG L 34 -7.92 43.72 -40.01
C ARG L 34 -7.42 44.95 -40.76
N LEU L 35 -6.12 45.02 -41.06
CA LEU L 35 -5.57 46.17 -41.77
C LEU L 35 -6.23 46.35 -43.13
N ILE L 36 -6.10 45.35 -44.01
CA ILE L 36 -6.70 45.44 -45.33
C ILE L 36 -8.22 45.47 -45.23
N ARG L 37 -8.80 44.54 -44.47
CA ARG L 37 -10.25 44.37 -44.43
C ARG L 37 -10.98 45.67 -44.09
N ALA L 38 -10.47 46.42 -43.12
CA ALA L 38 -11.14 47.67 -42.72
C ALA L 38 -11.25 48.64 -43.91
N SER L 39 -10.14 48.84 -44.61
CA SER L 39 -10.10 49.81 -45.70
C SER L 39 -10.92 49.40 -46.92
N GLN L 40 -11.62 48.27 -46.86
CA GLN L 40 -12.24 47.74 -48.06
C GLN L 40 -13.65 48.31 -48.26
N ALA L 41 -14.13 48.14 -49.49
CA ALA L 41 -15.49 48.42 -49.91
C ALA L 41 -16.12 47.11 -50.37
N ALA L 42 -17.30 47.20 -50.96
CA ALA L 42 -18.02 45.99 -51.37
C ALA L 42 -17.23 45.22 -52.43
N GLU L 43 -17.68 43.98 -52.66
CA GLU L 43 -17.35 43.03 -53.73
C GLU L 43 -15.94 42.45 -53.65
N LEU L 44 -15.06 43.03 -52.82
CA LEU L 44 -13.89 42.38 -52.24
C LEU L 44 -13.27 41.27 -53.09
N VAL L 45 -12.86 41.57 -54.32
CA VAL L 45 -12.26 40.55 -55.16
C VAL L 45 -10.86 40.25 -54.67
N VAL L 46 -10.62 39.00 -54.28
CA VAL L 46 -9.29 38.53 -53.90
C VAL L 46 -8.72 37.70 -55.05
N ASP L 47 -7.49 38.04 -55.44
CA ASP L 47 -6.86 37.47 -56.62
C ASP L 47 -5.49 36.93 -56.23
N CYS L 48 -5.39 35.62 -56.08
CA CYS L 48 -4.12 34.96 -55.76
C CYS L 48 -3.36 34.56 -57.02
N SER L 49 -3.06 35.56 -57.86
CA SER L 49 -2.44 35.28 -59.15
C SER L 49 -1.00 34.80 -58.99
N ALA L 50 -0.16 35.62 -58.38
CA ALA L 50 1.27 35.33 -58.31
C ALA L 50 1.62 34.47 -57.10
N VAL L 51 0.93 33.33 -56.96
CA VAL L 51 1.19 32.37 -55.89
C VAL L 51 2.11 31.30 -56.47
N GLU L 52 3.38 31.33 -56.08
CA GLU L 52 4.33 30.34 -56.57
C GLU L 52 3.95 28.94 -56.11
N ARG L 53 3.61 28.80 -54.83
CA ARG L 53 3.22 27.51 -54.27
C ARG L 53 2.45 27.77 -52.98
N SER L 54 1.67 26.79 -52.55
CA SER L 54 0.89 26.99 -51.34
C SER L 54 0.47 25.65 -50.77
N SER L 55 0.37 25.60 -49.44
CA SER L 55 -0.12 24.45 -48.72
C SER L 55 -1.49 24.78 -48.13
N SER L 56 -2.03 23.86 -47.32
CA SER L 56 -3.37 24.06 -46.76
C SER L 56 -3.45 25.29 -45.89
N VAL L 57 -2.33 25.76 -45.34
CA VAL L 57 -2.35 27.04 -44.64
C VAL L 57 -2.80 28.15 -45.58
N GLY L 58 -2.48 28.02 -46.87
CA GLY L 58 -2.97 28.99 -47.83
C GLY L 58 -4.48 28.99 -47.95
N ILE L 59 -5.09 27.79 -47.95
CA ILE L 59 -6.54 27.71 -47.99
C ILE L 59 -7.15 28.27 -46.72
N SER L 60 -6.59 27.90 -45.57
CA SER L 60 -7.07 28.45 -44.30
C SER L 60 -7.00 29.97 -44.30
N LEU L 61 -5.94 30.54 -44.86
CA LEU L 61 -5.85 31.99 -45.01
C LEU L 61 -6.98 32.49 -45.91
N LEU L 62 -7.14 31.88 -47.08
CA LEU L 62 -8.29 32.20 -47.93
C LEU L 62 -9.60 31.90 -47.25
N LEU L 63 -9.61 30.98 -46.28
CA LEU L 63 -10.78 30.76 -45.46
C LEU L 63 -10.80 31.66 -44.23
N ALA L 64 -9.70 32.36 -43.96
CA ALA L 64 -9.71 33.42 -42.97
C ALA L 64 -10.23 34.74 -43.54
N PHE L 65 -10.19 34.91 -44.86
CA PHE L 65 -10.76 36.08 -45.50
C PHE L 65 -12.28 36.03 -45.59
N ILE L 66 -12.86 34.84 -45.46
CA ILE L 66 -14.32 34.72 -45.53
C ILE L 66 -14.95 34.95 -44.16
N ARG L 67 -14.34 34.40 -43.11
CA ARG L 67 -14.93 34.51 -41.77
C ARG L 67 -15.00 35.97 -41.32
N ASP L 68 -14.07 36.80 -41.77
CA ASP L 68 -14.10 38.22 -41.40
C ASP L 68 -14.86 39.07 -42.41
N ALA L 69 -14.89 38.65 -43.68
CA ALA L 69 -15.76 39.32 -44.64
C ALA L 69 -17.22 39.22 -44.20
N ARG L 70 -17.60 38.10 -43.60
CA ARG L 70 -18.92 38.00 -42.99
C ARG L 70 -19.04 38.93 -41.80
N LYS L 71 -17.93 39.12 -41.06
CA LYS L 71 -17.92 40.13 -40.02
C LYS L 71 -17.88 41.54 -40.61
N ALA L 72 -17.15 41.69 -41.72
CA ALA L 72 -17.05 42.98 -42.39
C ALA L 72 -18.21 43.27 -43.32
N GLY L 73 -19.04 42.27 -43.63
CA GLY L 73 -20.22 42.49 -44.43
C GLY L 73 -19.97 42.47 -45.93
N LYS L 74 -18.79 42.91 -46.35
CA LYS L 74 -18.48 42.97 -47.77
C LYS L 74 -18.48 41.58 -48.38
N VAL L 75 -19.13 41.45 -49.53
CA VAL L 75 -19.17 40.20 -50.27
C VAL L 75 -17.84 40.02 -50.98
N LEU L 76 -17.46 38.76 -51.23
CA LEU L 76 -16.13 38.49 -51.76
C LEU L 76 -16.17 37.22 -52.59
N SER L 77 -15.17 37.08 -53.45
CA SER L 77 -15.01 35.92 -54.31
C SER L 77 -13.54 35.81 -54.70
N VAL L 78 -13.12 34.60 -55.08
CA VAL L 78 -11.72 34.31 -55.36
C VAL L 78 -11.55 34.08 -56.86
N ARG L 79 -10.55 34.74 -57.43
CA ARG L 79 -10.22 34.60 -58.84
C ARG L 79 -8.75 34.20 -58.98
N ALA L 80 -8.44 33.55 -60.11
CA ALA L 80 -7.09 33.08 -60.42
C ALA L 80 -6.56 32.14 -59.33
N LEU L 81 -7.37 31.17 -58.97
CA LEU L 81 -6.99 30.16 -58.00
C LEU L 81 -6.00 29.19 -58.63
N PRO L 82 -4.86 28.91 -58.01
CA PRO L 82 -3.84 28.07 -58.64
C PRO L 82 -4.21 26.60 -58.59
N ASP L 83 -3.29 25.78 -59.11
CA ASP L 83 -3.55 24.35 -59.22
C ASP L 83 -3.31 23.61 -57.92
N ASP L 84 -2.24 23.97 -57.20
CA ASP L 84 -1.95 23.32 -55.93
C ASP L 84 -3.07 23.59 -54.91
N MET L 85 -3.46 24.85 -54.77
CA MET L 85 -4.61 25.17 -53.93
C MET L 85 -5.86 24.46 -54.43
N ARG L 86 -6.01 24.35 -55.76
CA ARG L 86 -7.13 23.61 -56.33
C ARG L 86 -7.18 22.19 -55.80
N GLU L 87 -6.03 21.52 -55.74
CA GLU L 87 -6.01 20.14 -55.28
C GLU L 87 -6.23 20.05 -53.78
N ILE L 88 -5.57 20.93 -53.01
CA ILE L 88 -5.78 20.96 -51.57
C ILE L 88 -7.23 21.24 -51.23
N ALA L 89 -7.96 21.89 -52.14
CA ALA L 89 -9.38 22.10 -51.93
C ALA L 89 -10.19 20.87 -52.33
N LYS L 90 -9.86 20.30 -53.50
CA LYS L 90 -10.60 19.15 -54.01
C LYS L 90 -10.53 17.97 -53.05
N VAL L 91 -9.41 17.78 -52.36
CA VAL L 91 -9.32 16.68 -51.41
C VAL L 91 -10.30 16.91 -50.26
N SER L 92 -10.35 18.13 -49.73
CA SER L 92 -11.30 18.43 -48.66
C SER L 92 -12.69 18.70 -49.20
N SER L 93 -12.87 18.65 -50.52
CA SER L 93 -14.14 18.84 -51.21
C SER L 93 -14.80 20.18 -50.90
N LEU L 94 -14.07 21.17 -50.40
CA LEU L 94 -14.64 22.49 -50.13
C LEU L 94 -14.44 23.39 -51.34
N LEU L 95 -14.85 22.87 -52.50
CA LEU L 95 -14.81 23.68 -53.72
C LEU L 95 -15.87 24.76 -53.69
N GLU L 96 -17.08 24.41 -53.25
CA GLU L 96 -18.17 25.39 -53.22
C GLU L 96 -17.95 26.41 -52.11
N ILE L 97 -17.26 26.00 -51.04
CA ILE L 97 -17.02 26.86 -49.88
C ILE L 97 -16.28 28.12 -50.32
N LEU L 98 -15.35 27.98 -51.26
CA LEU L 98 -14.57 29.11 -51.76
C LEU L 98 -15.31 29.73 -52.93
N PRO L 99 -15.80 30.97 -52.80
CA PRO L 99 -16.50 31.61 -53.92
C PRO L 99 -15.55 31.86 -55.08
N LEU L 100 -16.01 31.53 -56.28
CA LEU L 100 -15.20 31.71 -57.49
C LEU L 100 -15.96 32.53 -58.53
#